data_5DFX
# 
_entry.id   5DFX 
# 
_audit_conform.dict_name       mmcif_pdbx.dic 
_audit_conform.dict_version    5.399 
_audit_conform.dict_location   http://mmcif.pdb.org/dictionaries/ascii/mmcif_pdbx.dic 
# 
loop_
_database_2.database_id 
_database_2.database_code 
_database_2.pdbx_database_accession 
_database_2.pdbx_DOI 
PDB   5DFX         pdb_00005dfx 10.2210/pdb5dfx/pdb 
WWPDB D_1000209636 ?            ?                   
# 
loop_
_pdbx_audit_revision_history.ordinal 
_pdbx_audit_revision_history.data_content_type 
_pdbx_audit_revision_history.major_revision 
_pdbx_audit_revision_history.minor_revision 
_pdbx_audit_revision_history.revision_date 
1 'Structure model' 1 0 2016-09-14 
2 'Structure model' 1 1 2020-01-29 
3 'Structure model' 1 2 2024-11-20 
# 
_pdbx_audit_revision_details.ordinal             1 
_pdbx_audit_revision_details.revision_ordinal    1 
_pdbx_audit_revision_details.data_content_type   'Structure model' 
_pdbx_audit_revision_details.provider            repository 
_pdbx_audit_revision_details.type                'Initial release' 
_pdbx_audit_revision_details.description         ? 
_pdbx_audit_revision_details.details             ? 
# 
loop_
_pdbx_audit_revision_group.ordinal 
_pdbx_audit_revision_group.revision_ordinal 
_pdbx_audit_revision_group.data_content_type 
_pdbx_audit_revision_group.group 
1 2 'Structure model' 'Database references' 
2 3 'Structure model' 'Data collection'     
3 3 'Structure model' 'Database references' 
4 3 'Structure model' 'Structure summary'   
# 
loop_
_pdbx_audit_revision_category.ordinal 
_pdbx_audit_revision_category.revision_ordinal 
_pdbx_audit_revision_category.data_content_type 
_pdbx_audit_revision_category.category 
1 2 'Structure model' citation                  
2 2 'Structure model' citation_author           
3 3 'Structure model' chem_comp_atom            
4 3 'Structure model' chem_comp_bond            
5 3 'Structure model' database_2                
6 3 'Structure model' pdbx_entry_details        
7 3 'Structure model' pdbx_modification_feature 
# 
loop_
_pdbx_audit_revision_item.ordinal 
_pdbx_audit_revision_item.revision_ordinal 
_pdbx_audit_revision_item.data_content_type 
_pdbx_audit_revision_item.item 
1  2 'Structure model' '_citation.country'                   
2  2 'Structure model' '_citation.journal_abbrev'            
3  2 'Structure model' '_citation.journal_id_ASTM'           
4  2 'Structure model' '_citation.journal_id_CSD'            
5  2 'Structure model' '_citation.journal_id_ISSN'           
6  2 'Structure model' '_citation.pdbx_database_id_DOI'      
7  2 'Structure model' '_citation.title'                     
8  2 'Structure model' '_citation.year'                      
9  3 'Structure model' '_database_2.pdbx_DOI'                
10 3 'Structure model' '_database_2.pdbx_database_accession' 
# 
_pdbx_database_status.status_code                     REL 
_pdbx_database_status.status_code_sf                  REL 
_pdbx_database_status.status_code_mr                  ? 
_pdbx_database_status.entry_id                        5DFX 
_pdbx_database_status.recvd_initial_deposition_date   2015-08-27 
_pdbx_database_status.SG_entry                        N 
_pdbx_database_status.deposit_site                    RCSB 
_pdbx_database_status.process_site                    PDBE 
_pdbx_database_status.status_code_cs                  ? 
_pdbx_database_status.methods_development_category    ? 
_pdbx_database_status.pdb_format_compatible           Y 
_pdbx_database_status.status_code_nmr_data            ? 
# 
loop_
_audit_author.name 
_audit_author.pdbx_ordinal 
'Xu, X.-L.'    1 
'Zhao, K.-H.'  2 
'Gaertner, W.' 3 
'Hoeppner, A.' 4 
# 
_citation.abstract                  ? 
_citation.abstract_id_CAS           ? 
_citation.book_id_ISBN              ? 
_citation.book_publisher            ? 
_citation.book_publisher_city       ? 
_citation.book_title                ? 
_citation.coordinate_linkage        ? 
_citation.country                   US 
_citation.database_id_Medline       ? 
_citation.details                   ? 
_citation.id                        primary 
_citation.journal_abbrev            Proc.Natl.Acad.Sci.USA 
_citation.journal_id_ASTM           PNASA6 
_citation.journal_id_CSD            0040 
_citation.journal_id_ISSN           1091-6490 
_citation.journal_full              ? 
_citation.journal_issue             ? 
_citation.journal_volume            ? 
_citation.language                  ? 
_citation.page_first                ? 
_citation.page_last                 ? 
_citation.title                     'Structural elements regulating the photochromicity in a cyanobacteriochrome' 
_citation.year                      2020 
_citation.database_id_CSD           ? 
_citation.pdbx_database_id_DOI      10.1073/pnas.1910208117 
_citation.pdbx_database_id_PubMed   ? 
_citation.unpublished_flag          ? 
# 
loop_
_citation_author.citation_id 
_citation_author.name 
_citation_author.ordinal 
_citation_author.identifier_ORCID 
primary 'Xu, X.-L.'    1 ? 
primary 'Hoeppner, A.' 2 ? 
primary 'Wiebeler, C.' 3 ? 
primary 'Zhao, K.-H.'  4 ? 
primary 'Schapiro, I.' 5 ? 
primary 'Gaertner, W.' 6 ? 
# 
loop_
_entity.id 
_entity.type 
_entity.src_method 
_entity.pdbx_description 
_entity.formula_weight 
_entity.pdbx_number_of_molecules 
_entity.pdbx_ec 
_entity.pdbx_mutation 
_entity.pdbx_fragment 
_entity.details 
1 polymer     man 'Histidine kinase' 24856.637 1   2.7.13.3 ? 'residues 441-597' ? 
2 non-polymer syn PHYCOCYANOBILIN    588.694   1   ?        ? ?                  ? 
3 water       nat water              18.015    168 ?        ? ?                  ? 
# 
_entity_poly.entity_id                      1 
_entity_poly.type                           'polypeptide(L)' 
_entity_poly.nstd_linkage                   no 
_entity_poly.nstd_monomer                   no 
_entity_poly.pdbx_seq_one_letter_code       
;MHHHHHHSSGLVPRGSGMKETAAAKFERQHMDSPDLGTDDDDKAMADIGSLQNIFRATSDEVRHLLSCDRVLVYRFNPDW
SGEFIHESVAQMWEPLKDLQNNFPLWQDTYLQENEGGRYRNHESLAVGDVETAGFTDCHLDNLRRFEIRAFLTVPVFVGE
QLWGLLGAYQNGAPRHWQAREIHLLHQIANQLGVAVYQAQLLARFQELEHHHHHH
;
_entity_poly.pdbx_seq_one_letter_code_can   
;MHHHHHHSSGLVPRGSGMKETAAAKFERQHMDSPDLGTDDDDKAMADIGSLQNIFRATSDEVRHLLSCDRVLVYRFNPDW
SGEFIHESVAQMWEPLKDLQNNFPLWQDTYLQENEGGRYRNHESLAVGDVETAGFTDCHLDNLRRFEIRAFLTVPVFVGE
QLWGLLGAYQNGAPRHWQAREIHLLHQIANQLGVAVYQAQLLARFQELEHHHHHH
;
_entity_poly.pdbx_strand_id                 A 
_entity_poly.pdbx_target_identifier         ? 
# 
loop_
_pdbx_entity_nonpoly.entity_id 
_pdbx_entity_nonpoly.name 
_pdbx_entity_nonpoly.comp_id 
2 PHYCOCYANOBILIN CYC 
3 water           HOH 
# 
loop_
_entity_poly_seq.entity_id 
_entity_poly_seq.num 
_entity_poly_seq.mon_id 
_entity_poly_seq.hetero 
1 1   MET n 
1 2   HIS n 
1 3   HIS n 
1 4   HIS n 
1 5   HIS n 
1 6   HIS n 
1 7   HIS n 
1 8   SER n 
1 9   SER n 
1 10  GLY n 
1 11  LEU n 
1 12  VAL n 
1 13  PRO n 
1 14  ARG n 
1 15  GLY n 
1 16  SER n 
1 17  GLY n 
1 18  MET n 
1 19  LYS n 
1 20  GLU n 
1 21  THR n 
1 22  ALA n 
1 23  ALA n 
1 24  ALA n 
1 25  LYS n 
1 26  PHE n 
1 27  GLU n 
1 28  ARG n 
1 29  GLN n 
1 30  HIS n 
1 31  MET n 
1 32  ASP n 
1 33  SER n 
1 34  PRO n 
1 35  ASP n 
1 36  LEU n 
1 37  GLY n 
1 38  THR n 
1 39  ASP n 
1 40  ASP n 
1 41  ASP n 
1 42  ASP n 
1 43  LYS n 
1 44  ALA n 
1 45  MET n 
1 46  ALA n 
1 47  ASP n 
1 48  ILE n 
1 49  GLY n 
1 50  SER n 
1 51  LEU n 
1 52  GLN n 
1 53  ASN n 
1 54  ILE n 
1 55  PHE n 
1 56  ARG n 
1 57  ALA n 
1 58  THR n 
1 59  SER n 
1 60  ASP n 
1 61  GLU n 
1 62  VAL n 
1 63  ARG n 
1 64  HIS n 
1 65  LEU n 
1 66  LEU n 
1 67  SER n 
1 68  CYS n 
1 69  ASP n 
1 70  ARG n 
1 71  VAL n 
1 72  LEU n 
1 73  VAL n 
1 74  TYR n 
1 75  ARG n 
1 76  PHE n 
1 77  ASN n 
1 78  PRO n 
1 79  ASP n 
1 80  TRP n 
1 81  SER n 
1 82  GLY n 
1 83  GLU n 
1 84  PHE n 
1 85  ILE n 
1 86  HIS n 
1 87  GLU n 
1 88  SER n 
1 89  VAL n 
1 90  ALA n 
1 91  GLN n 
1 92  MET n 
1 93  TRP n 
1 94  GLU n 
1 95  PRO n 
1 96  LEU n 
1 97  LYS n 
1 98  ASP n 
1 99  LEU n 
1 100 GLN n 
1 101 ASN n 
1 102 ASN n 
1 103 PHE n 
1 104 PRO n 
1 105 LEU n 
1 106 TRP n 
1 107 GLN n 
1 108 ASP n 
1 109 THR n 
1 110 TYR n 
1 111 LEU n 
1 112 GLN n 
1 113 GLU n 
1 114 ASN n 
1 115 GLU n 
1 116 GLY n 
1 117 GLY n 
1 118 ARG n 
1 119 TYR n 
1 120 ARG n 
1 121 ASN n 
1 122 HIS n 
1 123 GLU n 
1 124 SER n 
1 125 LEU n 
1 126 ALA n 
1 127 VAL n 
1 128 GLY n 
1 129 ASP n 
1 130 VAL n 
1 131 GLU n 
1 132 THR n 
1 133 ALA n 
1 134 GLY n 
1 135 PHE n 
1 136 THR n 
1 137 ASP n 
1 138 CYS n 
1 139 HIS n 
1 140 LEU n 
1 141 ASP n 
1 142 ASN n 
1 143 LEU n 
1 144 ARG n 
1 145 ARG n 
1 146 PHE n 
1 147 GLU n 
1 148 ILE n 
1 149 ARG n 
1 150 ALA n 
1 151 PHE n 
1 152 LEU n 
1 153 THR n 
1 154 VAL n 
1 155 PRO n 
1 156 VAL n 
1 157 PHE n 
1 158 VAL n 
1 159 GLY n 
1 160 GLU n 
1 161 GLN n 
1 162 LEU n 
1 163 TRP n 
1 164 GLY n 
1 165 LEU n 
1 166 LEU n 
1 167 GLY n 
1 168 ALA n 
1 169 TYR n 
1 170 GLN n 
1 171 ASN n 
1 172 GLY n 
1 173 ALA n 
1 174 PRO n 
1 175 ARG n 
1 176 HIS n 
1 177 TRP n 
1 178 GLN n 
1 179 ALA n 
1 180 ARG n 
1 181 GLU n 
1 182 ILE n 
1 183 HIS n 
1 184 LEU n 
1 185 LEU n 
1 186 HIS n 
1 187 GLN n 
1 188 ILE n 
1 189 ALA n 
1 190 ASN n 
1 191 GLN n 
1 192 LEU n 
1 193 GLY n 
1 194 VAL n 
1 195 ALA n 
1 196 VAL n 
1 197 TYR n 
1 198 GLN n 
1 199 ALA n 
1 200 GLN n 
1 201 LEU n 
1 202 LEU n 
1 203 ALA n 
1 204 ARG n 
1 205 PHE n 
1 206 GLN n 
1 207 GLU n 
1 208 LEU n 
1 209 GLU n 
1 210 HIS n 
1 211 HIS n 
1 212 HIS n 
1 213 HIS n 
1 214 HIS n 
1 215 HIS n 
# 
_entity_src_gen.entity_id                          1 
_entity_src_gen.pdbx_src_id                        1 
_entity_src_gen.pdbx_alt_source_flag               sample 
_entity_src_gen.pdbx_seq_type                      'Biological sequence' 
_entity_src_gen.pdbx_beg_seq_num                   1 
_entity_src_gen.pdbx_end_seq_num                   215 
_entity_src_gen.gene_src_common_name               ? 
_entity_src_gen.gene_src_genus                     ? 
_entity_src_gen.pdbx_gene_src_gene                 slr1393 
_entity_src_gen.gene_src_species                   ? 
_entity_src_gen.gene_src_strain                    ? 
_entity_src_gen.gene_src_tissue                    ? 
_entity_src_gen.gene_src_tissue_fraction           ? 
_entity_src_gen.gene_src_details                   ? 
_entity_src_gen.pdbx_gene_src_fragment             ? 
_entity_src_gen.pdbx_gene_src_scientific_name      'Synechocystis sp. (strain PCC 6803 / Kazusa)' 
_entity_src_gen.pdbx_gene_src_ncbi_taxonomy_id     1111708 
_entity_src_gen.pdbx_gene_src_variant              ? 
_entity_src_gen.pdbx_gene_src_cell_line            ? 
_entity_src_gen.pdbx_gene_src_atcc                 ? 
_entity_src_gen.pdbx_gene_src_organ                ? 
_entity_src_gen.pdbx_gene_src_organelle            ? 
_entity_src_gen.pdbx_gene_src_cell                 ? 
_entity_src_gen.pdbx_gene_src_cellular_location    ? 
_entity_src_gen.host_org_common_name               ? 
_entity_src_gen.pdbx_host_org_scientific_name      'Escherichia coli BL21(DE3)' 
_entity_src_gen.pdbx_host_org_ncbi_taxonomy_id     469008 
_entity_src_gen.host_org_genus                     ? 
_entity_src_gen.pdbx_host_org_gene                 ? 
_entity_src_gen.pdbx_host_org_organ                ? 
_entity_src_gen.host_org_species                   ? 
_entity_src_gen.pdbx_host_org_tissue               ? 
_entity_src_gen.pdbx_host_org_tissue_fraction      ? 
_entity_src_gen.pdbx_host_org_strain               ? 
_entity_src_gen.pdbx_host_org_variant              ? 
_entity_src_gen.pdbx_host_org_cell_line            ? 
_entity_src_gen.pdbx_host_org_atcc                 ? 
_entity_src_gen.pdbx_host_org_culture_collection   ? 
_entity_src_gen.pdbx_host_org_cell                 ? 
_entity_src_gen.pdbx_host_org_organelle            ? 
_entity_src_gen.pdbx_host_org_cellular_location    ? 
_entity_src_gen.pdbx_host_org_vector_type          ? 
_entity_src_gen.pdbx_host_org_vector               ? 
_entity_src_gen.host_org_details                   ? 
_entity_src_gen.expression_system_id               ? 
_entity_src_gen.plasmid_name                       ? 
_entity_src_gen.plasmid_details                    ? 
_entity_src_gen.pdbx_description                   ? 
# 
loop_
_chem_comp.id 
_chem_comp.type 
_chem_comp.mon_nstd_flag 
_chem_comp.name 
_chem_comp.pdbx_synonyms 
_chem_comp.formula 
_chem_comp.formula_weight 
ALA 'L-peptide linking' y ALANINE         ? 'C3 H7 N O2'     89.093  
ARG 'L-peptide linking' y ARGININE        ? 'C6 H15 N4 O2 1' 175.209 
ASN 'L-peptide linking' y ASPARAGINE      ? 'C4 H8 N2 O3'    132.118 
ASP 'L-peptide linking' y 'ASPARTIC ACID' ? 'C4 H7 N O4'     133.103 
CYC non-polymer         . PHYCOCYANOBILIN ? 'C33 H40 N4 O6'  588.694 
CYS 'L-peptide linking' y CYSTEINE        ? 'C3 H7 N O2 S'   121.158 
GLN 'L-peptide linking' y GLUTAMINE       ? 'C5 H10 N2 O3'   146.144 
GLU 'L-peptide linking' y 'GLUTAMIC ACID' ? 'C5 H9 N O4'     147.129 
GLY 'peptide linking'   y GLYCINE         ? 'C2 H5 N O2'     75.067  
HIS 'L-peptide linking' y HISTIDINE       ? 'C6 H10 N3 O2 1' 156.162 
HOH non-polymer         . WATER           ? 'H2 O'           18.015  
ILE 'L-peptide linking' y ISOLEUCINE      ? 'C6 H13 N O2'    131.173 
LEU 'L-peptide linking' y LEUCINE         ? 'C6 H13 N O2'    131.173 
LYS 'L-peptide linking' y LYSINE          ? 'C6 H15 N2 O2 1' 147.195 
MET 'L-peptide linking' y METHIONINE      ? 'C5 H11 N O2 S'  149.211 
PHE 'L-peptide linking' y PHENYLALANINE   ? 'C9 H11 N O2'    165.189 
PRO 'L-peptide linking' y PROLINE         ? 'C5 H9 N O2'     115.130 
SER 'L-peptide linking' y SERINE          ? 'C3 H7 N O3'     105.093 
THR 'L-peptide linking' y THREONINE       ? 'C4 H9 N O3'     119.119 
TRP 'L-peptide linking' y TRYPTOPHAN      ? 'C11 H12 N2 O2'  204.225 
TYR 'L-peptide linking' y TYROSINE        ? 'C9 H11 N O3'    181.189 
VAL 'L-peptide linking' y VALINE          ? 'C5 H11 N O2'    117.146 
# 
loop_
_pdbx_poly_seq_scheme.asym_id 
_pdbx_poly_seq_scheme.entity_id 
_pdbx_poly_seq_scheme.seq_id 
_pdbx_poly_seq_scheme.mon_id 
_pdbx_poly_seq_scheme.ndb_seq_num 
_pdbx_poly_seq_scheme.pdb_seq_num 
_pdbx_poly_seq_scheme.auth_seq_num 
_pdbx_poly_seq_scheme.pdb_mon_id 
_pdbx_poly_seq_scheme.auth_mon_id 
_pdbx_poly_seq_scheme.pdb_strand_id 
_pdbx_poly_seq_scheme.pdb_ins_code 
_pdbx_poly_seq_scheme.hetero 
A 1 1   MET 1   391 ?   ?   ?   A . n 
A 1 2   HIS 2   392 ?   ?   ?   A . n 
A 1 3   HIS 3   393 ?   ?   ?   A . n 
A 1 4   HIS 4   394 ?   ?   ?   A . n 
A 1 5   HIS 5   395 ?   ?   ?   A . n 
A 1 6   HIS 6   396 ?   ?   ?   A . n 
A 1 7   HIS 7   397 ?   ?   ?   A . n 
A 1 8   SER 8   398 ?   ?   ?   A . n 
A 1 9   SER 9   399 ?   ?   ?   A . n 
A 1 10  GLY 10  400 ?   ?   ?   A . n 
A 1 11  LEU 11  401 ?   ?   ?   A . n 
A 1 12  VAL 12  402 ?   ?   ?   A . n 
A 1 13  PRO 13  403 ?   ?   ?   A . n 
A 1 14  ARG 14  404 ?   ?   ?   A . n 
A 1 15  GLY 15  405 ?   ?   ?   A . n 
A 1 16  SER 16  406 ?   ?   ?   A . n 
A 1 17  GLY 17  407 ?   ?   ?   A . n 
A 1 18  MET 18  408 ?   ?   ?   A . n 
A 1 19  LYS 19  409 ?   ?   ?   A . n 
A 1 20  GLU 20  410 ?   ?   ?   A . n 
A 1 21  THR 21  411 ?   ?   ?   A . n 
A 1 22  ALA 22  412 ?   ?   ?   A . n 
A 1 23  ALA 23  413 ?   ?   ?   A . n 
A 1 24  ALA 24  414 ?   ?   ?   A . n 
A 1 25  LYS 25  415 ?   ?   ?   A . n 
A 1 26  PHE 26  416 ?   ?   ?   A . n 
A 1 27  GLU 27  417 ?   ?   ?   A . n 
A 1 28  ARG 28  418 ?   ?   ?   A . n 
A 1 29  GLN 29  419 ?   ?   ?   A . n 
A 1 30  HIS 30  420 ?   ?   ?   A . n 
A 1 31  MET 31  421 ?   ?   ?   A . n 
A 1 32  ASP 32  422 ?   ?   ?   A . n 
A 1 33  SER 33  423 ?   ?   ?   A . n 
A 1 34  PRO 34  424 ?   ?   ?   A . n 
A 1 35  ASP 35  425 ?   ?   ?   A . n 
A 1 36  LEU 36  426 ?   ?   ?   A . n 
A 1 37  GLY 37  427 ?   ?   ?   A . n 
A 1 38  THR 38  428 ?   ?   ?   A . n 
A 1 39  ASP 39  429 ?   ?   ?   A . n 
A 1 40  ASP 40  430 ?   ?   ?   A . n 
A 1 41  ASP 41  431 ?   ?   ?   A . n 
A 1 42  ASP 42  432 ?   ?   ?   A . n 
A 1 43  LYS 43  433 ?   ?   ?   A . n 
A 1 44  ALA 44  434 ?   ?   ?   A . n 
A 1 45  MET 45  435 ?   ?   ?   A . n 
A 1 46  ALA 46  436 ?   ?   ?   A . n 
A 1 47  ASP 47  437 ?   ?   ?   A . n 
A 1 48  ILE 48  438 ?   ?   ?   A . n 
A 1 49  GLY 49  439 439 GLY GLY A . n 
A 1 50  SER 50  440 440 SER SER A . n 
A 1 51  LEU 51  441 441 LEU LEU A . n 
A 1 52  GLN 52  442 442 GLN GLN A . n 
A 1 53  ASN 53  443 443 ASN ASN A . n 
A 1 54  ILE 54  444 444 ILE ILE A . n 
A 1 55  PHE 55  445 445 PHE PHE A . n 
A 1 56  ARG 56  446 446 ARG ARG A . n 
A 1 57  ALA 57  447 447 ALA ALA A . n 
A 1 58  THR 58  448 448 THR THR A . n 
A 1 59  SER 59  449 449 SER SER A . n 
A 1 60  ASP 60  450 450 ASP ASP A . n 
A 1 61  GLU 61  451 451 GLU GLU A . n 
A 1 62  VAL 62  452 452 VAL VAL A . n 
A 1 63  ARG 63  453 453 ARG ARG A . n 
A 1 64  HIS 64  454 454 HIS HIS A . n 
A 1 65  LEU 65  455 455 LEU LEU A . n 
A 1 66  LEU 66  456 456 LEU LEU A . n 
A 1 67  SER 67  457 457 SER SER A . n 
A 1 68  CYS 68  458 458 CYS CYS A . n 
A 1 69  ASP 69  459 459 ASP ASP A . n 
A 1 70  ARG 70  460 460 ARG ARG A . n 
A 1 71  VAL 71  461 461 VAL VAL A . n 
A 1 72  LEU 72  462 462 LEU LEU A . n 
A 1 73  VAL 73  463 463 VAL VAL A . n 
A 1 74  TYR 74  464 464 TYR TYR A . n 
A 1 75  ARG 75  465 465 ARG ARG A . n 
A 1 76  PHE 76  466 466 PHE PHE A . n 
A 1 77  ASN 77  467 467 ASN ASN A . n 
A 1 78  PRO 78  468 468 PRO PRO A . n 
A 1 79  ASP 79  469 469 ASP ASP A . n 
A 1 80  TRP 80  470 470 TRP TRP A . n 
A 1 81  SER 81  471 471 SER SER A . n 
A 1 82  GLY 82  472 472 GLY GLY A . n 
A 1 83  GLU 83  473 473 GLU GLU A . n 
A 1 84  PHE 84  474 474 PHE PHE A . n 
A 1 85  ILE 85  475 475 ILE ILE A . n 
A 1 86  HIS 86  476 476 HIS HIS A . n 
A 1 87  GLU 87  477 477 GLU GLU A . n 
A 1 88  SER 88  478 478 SER SER A . n 
A 1 89  VAL 89  479 479 VAL VAL A . n 
A 1 90  ALA 90  480 480 ALA ALA A . n 
A 1 91  GLN 91  481 481 GLN GLN A . n 
A 1 92  MET 92  482 482 MET MET A . n 
A 1 93  TRP 93  483 483 TRP TRP A . n 
A 1 94  GLU 94  484 484 GLU GLU A . n 
A 1 95  PRO 95  485 485 PRO PRO A . n 
A 1 96  LEU 96  486 486 LEU LEU A . n 
A 1 97  LYS 97  487 487 LYS LYS A . n 
A 1 98  ASP 98  488 488 ASP ASP A . n 
A 1 99  LEU 99  489 489 LEU LEU A . n 
A 1 100 GLN 100 490 490 GLN GLN A . n 
A 1 101 ASN 101 491 491 ASN ASN A . n 
A 1 102 ASN 102 492 492 ASN ASN A . n 
A 1 103 PHE 103 493 493 PHE PHE A . n 
A 1 104 PRO 104 494 494 PRO PRO A . n 
A 1 105 LEU 105 495 495 LEU LEU A . n 
A 1 106 TRP 106 496 496 TRP TRP A . n 
A 1 107 GLN 107 497 497 GLN GLN A . n 
A 1 108 ASP 108 498 498 ASP ASP A . n 
A 1 109 THR 109 499 499 THR THR A . n 
A 1 110 TYR 110 500 500 TYR TYR A . n 
A 1 111 LEU 111 501 501 LEU LEU A . n 
A 1 112 GLN 112 502 502 GLN GLN A . n 
A 1 113 GLU 113 503 503 GLU GLU A . n 
A 1 114 ASN 114 504 504 ASN ASN A . n 
A 1 115 GLU 115 505 505 GLU GLU A . n 
A 1 116 GLY 116 506 506 GLY GLY A . n 
A 1 117 GLY 117 507 507 GLY GLY A . n 
A 1 118 ARG 118 508 508 ARG ARG A . n 
A 1 119 TYR 119 509 509 TYR TYR A . n 
A 1 120 ARG 120 510 510 ARG ARG A . n 
A 1 121 ASN 121 511 511 ASN ASN A . n 
A 1 122 HIS 122 512 512 HIS HIS A . n 
A 1 123 GLU 123 513 513 GLU GLU A . n 
A 1 124 SER 124 514 514 SER SER A . n 
A 1 125 LEU 125 515 515 LEU LEU A . n 
A 1 126 ALA 126 516 516 ALA ALA A . n 
A 1 127 VAL 127 517 517 VAL VAL A . n 
A 1 128 GLY 128 518 518 GLY GLY A . n 
A 1 129 ASP 129 519 519 ASP ASP A . n 
A 1 130 VAL 130 520 520 VAL VAL A . n 
A 1 131 GLU 131 521 521 GLU GLU A . n 
A 1 132 THR 132 522 522 THR THR A . n 
A 1 133 ALA 133 523 523 ALA ALA A . n 
A 1 134 GLY 134 524 524 GLY GLY A . n 
A 1 135 PHE 135 525 525 PHE PHE A . n 
A 1 136 THR 136 526 526 THR THR A . n 
A 1 137 ASP 137 527 527 ASP ASP A . n 
A 1 138 CYS 138 528 528 CYS CYS A . n 
A 1 139 HIS 139 529 529 HIS HIS A . n 
A 1 140 LEU 140 530 530 LEU LEU A . n 
A 1 141 ASP 141 531 531 ASP ASP A . n 
A 1 142 ASN 142 532 532 ASN ASN A . n 
A 1 143 LEU 143 533 533 LEU LEU A . n 
A 1 144 ARG 144 534 534 ARG ARG A . n 
A 1 145 ARG 145 535 535 ARG ARG A . n 
A 1 146 PHE 146 536 536 PHE PHE A . n 
A 1 147 GLU 147 537 537 GLU GLU A . n 
A 1 148 ILE 148 538 538 ILE ILE A . n 
A 1 149 ARG 149 539 539 ARG ARG A . n 
A 1 150 ALA 150 540 540 ALA ALA A . n 
A 1 151 PHE 151 541 541 PHE PHE A . n 
A 1 152 LEU 152 542 542 LEU LEU A . n 
A 1 153 THR 153 543 543 THR THR A . n 
A 1 154 VAL 154 544 544 VAL VAL A . n 
A 1 155 PRO 155 545 545 PRO PRO A . n 
A 1 156 VAL 156 546 546 VAL VAL A . n 
A 1 157 PHE 157 547 547 PHE PHE A . n 
A 1 158 VAL 158 548 548 VAL VAL A . n 
A 1 159 GLY 159 549 549 GLY GLY A . n 
A 1 160 GLU 160 550 550 GLU GLU A . n 
A 1 161 GLN 161 551 551 GLN GLN A . n 
A 1 162 LEU 162 552 552 LEU LEU A . n 
A 1 163 TRP 163 553 553 TRP TRP A . n 
A 1 164 GLY 164 554 554 GLY GLY A . n 
A 1 165 LEU 165 555 555 LEU LEU A . n 
A 1 166 LEU 166 556 556 LEU LEU A . n 
A 1 167 GLY 167 557 557 GLY GLY A . n 
A 1 168 ALA 168 558 558 ALA ALA A . n 
A 1 169 TYR 169 559 559 TYR TYR A . n 
A 1 170 GLN 170 560 560 GLN GLN A . n 
A 1 171 ASN 171 561 561 ASN ASN A . n 
A 1 172 GLY 172 562 562 GLY GLY A . n 
A 1 173 ALA 173 563 563 ALA ALA A . n 
A 1 174 PRO 174 564 564 PRO PRO A . n 
A 1 175 ARG 175 565 565 ARG ARG A . n 
A 1 176 HIS 176 566 566 HIS HIS A . n 
A 1 177 TRP 177 567 567 TRP TRP A . n 
A 1 178 GLN 178 568 568 GLN GLN A . n 
A 1 179 ALA 179 569 569 ALA ALA A . n 
A 1 180 ARG 180 570 570 ARG ARG A . n 
A 1 181 GLU 181 571 571 GLU GLU A . n 
A 1 182 ILE 182 572 572 ILE ILE A . n 
A 1 183 HIS 183 573 573 HIS HIS A . n 
A 1 184 LEU 184 574 574 LEU LEU A . n 
A 1 185 LEU 185 575 575 LEU LEU A . n 
A 1 186 HIS 186 576 576 HIS HIS A . n 
A 1 187 GLN 187 577 577 GLN GLN A . n 
A 1 188 ILE 188 578 578 ILE ILE A . n 
A 1 189 ALA 189 579 579 ALA ALA A . n 
A 1 190 ASN 190 580 580 ASN ASN A . n 
A 1 191 GLN 191 581 581 GLN GLN A . n 
A 1 192 LEU 192 582 582 LEU LEU A . n 
A 1 193 GLY 193 583 583 GLY GLY A . n 
A 1 194 VAL 194 584 584 VAL VAL A . n 
A 1 195 ALA 195 585 585 ALA ALA A . n 
A 1 196 VAL 196 586 586 VAL VAL A . n 
A 1 197 TYR 197 587 587 TYR TYR A . n 
A 1 198 GLN 198 588 588 GLN GLN A . n 
A 1 199 ALA 199 589 589 ALA ALA A . n 
A 1 200 GLN 200 590 590 GLN GLN A . n 
A 1 201 LEU 201 591 591 LEU LEU A . n 
A 1 202 LEU 202 592 592 LEU LEU A . n 
A 1 203 ALA 203 593 593 ALA ALA A . n 
A 1 204 ARG 204 594 594 ARG ARG A . n 
A 1 205 PHE 205 595 595 PHE PHE A . n 
A 1 206 GLN 206 596 596 GLN GLN A . n 
A 1 207 GLU 207 597 ?   ?   ?   A . n 
A 1 208 LEU 208 598 ?   ?   ?   A . n 
A 1 209 GLU 209 599 ?   ?   ?   A . n 
A 1 210 HIS 210 600 ?   ?   ?   A . n 
A 1 211 HIS 211 601 ?   ?   ?   A . n 
A 1 212 HIS 212 602 ?   ?   ?   A . n 
A 1 213 HIS 213 603 ?   ?   ?   A . n 
A 1 214 HIS 214 604 ?   ?   ?   A . n 
A 1 215 HIS 215 605 ?   ?   ?   A . n 
# 
loop_
_pdbx_nonpoly_scheme.asym_id 
_pdbx_nonpoly_scheme.entity_id 
_pdbx_nonpoly_scheme.mon_id 
_pdbx_nonpoly_scheme.ndb_seq_num 
_pdbx_nonpoly_scheme.pdb_seq_num 
_pdbx_nonpoly_scheme.auth_seq_num 
_pdbx_nonpoly_scheme.pdb_mon_id 
_pdbx_nonpoly_scheme.auth_mon_id 
_pdbx_nonpoly_scheme.pdb_strand_id 
_pdbx_nonpoly_scheme.pdb_ins_code 
B 2 CYC 1   701 1   CYC CYC A . 
C 3 HOH 1   801 57  HOH HOH A . 
C 3 HOH 2   802 34  HOH HOH A . 
C 3 HOH 3   803 170 HOH HOH A . 
C 3 HOH 4   804 234 HOH HOH A . 
C 3 HOH 5   805 131 HOH HOH A . 
C 3 HOH 6   806 85  HOH HOH A . 
C 3 HOH 7   807 133 HOH HOH A . 
C 3 HOH 8   808 61  HOH HOH A . 
C 3 HOH 9   809 153 HOH HOH A . 
C 3 HOH 10  810 177 HOH HOH A . 
C 3 HOH 11  811 262 HOH HOH A . 
C 3 HOH 12  812 53  HOH HOH A . 
C 3 HOH 13  813 164 HOH HOH A . 
C 3 HOH 14  814 33  HOH HOH A . 
C 3 HOH 15  815 152 HOH HOH A . 
C 3 HOH 16  816 59  HOH HOH A . 
C 3 HOH 17  817 2   HOH HOH A . 
C 3 HOH 18  818 204 HOH HOH A . 
C 3 HOH 19  819 45  HOH HOH A . 
C 3 HOH 20  820 120 HOH HOH A . 
C 3 HOH 21  821 109 HOH HOH A . 
C 3 HOH 22  822 224 HOH HOH A . 
C 3 HOH 23  823 16  HOH HOH A . 
C 3 HOH 24  824 78  HOH HOH A . 
C 3 HOH 25  825 96  HOH HOH A . 
C 3 HOH 26  826 121 HOH HOH A . 
C 3 HOH 27  827 19  HOH HOH A . 
C 3 HOH 28  828 4   HOH HOH A . 
C 3 HOH 29  829 37  HOH HOH A . 
C 3 HOH 30  830 137 HOH HOH A . 
C 3 HOH 31  831 76  HOH HOH A . 
C 3 HOH 32  832 64  HOH HOH A . 
C 3 HOH 33  833 124 HOH HOH A . 
C 3 HOH 34  834 54  HOH HOH A . 
C 3 HOH 35  835 25  HOH HOH A . 
C 3 HOH 36  836 5   HOH HOH A . 
C 3 HOH 37  837 112 HOH HOH A . 
C 3 HOH 38  838 24  HOH HOH A . 
C 3 HOH 39  839 181 HOH HOH A . 
C 3 HOH 40  840 191 HOH HOH A . 
C 3 HOH 41  841 196 HOH HOH A . 
C 3 HOH 42  842 187 HOH HOH A . 
C 3 HOH 43  843 231 HOH HOH A . 
C 3 HOH 44  844 42  HOH HOH A . 
C 3 HOH 45  845 100 HOH HOH A . 
C 3 HOH 46  846 11  HOH HOH A . 
C 3 HOH 47  847 6   HOH HOH A . 
C 3 HOH 48  848 108 HOH HOH A . 
C 3 HOH 49  849 86  HOH HOH A . 
C 3 HOH 50  850 206 HOH HOH A . 
C 3 HOH 51  851 154 HOH HOH A . 
C 3 HOH 52  852 119 HOH HOH A . 
C 3 HOH 53  853 3   HOH HOH A . 
C 3 HOH 54  854 128 HOH HOH A . 
C 3 HOH 55  855 43  HOH HOH A . 
C 3 HOH 56  856 46  HOH HOH A . 
C 3 HOH 57  857 66  HOH HOH A . 
C 3 HOH 58  858 186 HOH HOH A . 
C 3 HOH 59  859 252 HOH HOH A . 
C 3 HOH 60  860 56  HOH HOH A . 
C 3 HOH 61  861 51  HOH HOH A . 
C 3 HOH 62  862 117 HOH HOH A . 
C 3 HOH 63  863 159 HOH HOH A . 
C 3 HOH 64  864 1   HOH HOH A . 
C 3 HOH 65  865 36  HOH HOH A . 
C 3 HOH 66  866 79  HOH HOH A . 
C 3 HOH 67  867 118 HOH HOH A . 
C 3 HOH 68  868 69  HOH HOH A . 
C 3 HOH 69  869 28  HOH HOH A . 
C 3 HOH 70  870 67  HOH HOH A . 
C 3 HOH 71  871 22  HOH HOH A . 
C 3 HOH 72  872 74  HOH HOH A . 
C 3 HOH 73  873 98  HOH HOH A . 
C 3 HOH 74  874 23  HOH HOH A . 
C 3 HOH 75  875 90  HOH HOH A . 
C 3 HOH 76  876 143 HOH HOH A . 
C 3 HOH 77  877 144 HOH HOH A . 
C 3 HOH 78  878 70  HOH HOH A . 
C 3 HOH 79  879 227 HOH HOH A . 
C 3 HOH 80  880 87  HOH HOH A . 
C 3 HOH 81  881 27  HOH HOH A . 
C 3 HOH 82  882 83  HOH HOH A . 
C 3 HOH 83  883 94  HOH HOH A . 
C 3 HOH 84  884 49  HOH HOH A . 
C 3 HOH 85  885 32  HOH HOH A . 
C 3 HOH 86  886 44  HOH HOH A . 
C 3 HOH 87  887 102 HOH HOH A . 
C 3 HOH 88  888 75  HOH HOH A . 
C 3 HOH 89  889 188 HOH HOH A . 
C 3 HOH 90  890 251 HOH HOH A . 
C 3 HOH 91  891 47  HOH HOH A . 
C 3 HOH 92  892 136 HOH HOH A . 
C 3 HOH 93  893 63  HOH HOH A . 
C 3 HOH 94  894 214 HOH HOH A . 
C 3 HOH 95  895 35  HOH HOH A . 
C 3 HOH 96  896 31  HOH HOH A . 
C 3 HOH 97  897 237 HOH HOH A . 
C 3 HOH 98  898 55  HOH HOH A . 
C 3 HOH 99  899 26  HOH HOH A . 
C 3 HOH 100 900 97  HOH HOH A . 
C 3 HOH 101 901 68  HOH HOH A . 
C 3 HOH 102 902 15  HOH HOH A . 
C 3 HOH 103 903 17  HOH HOH A . 
C 3 HOH 104 904 73  HOH HOH A . 
C 3 HOH 105 905 208 HOH HOH A . 
C 3 HOH 106 906 241 HOH HOH A . 
C 3 HOH 107 907 110 HOH HOH A . 
C 3 HOH 108 908 249 HOH HOH A . 
C 3 HOH 109 909 40  HOH HOH A . 
C 3 HOH 110 910 71  HOH HOH A . 
C 3 HOH 111 911 161 HOH HOH A . 
C 3 HOH 112 912 107 HOH HOH A . 
C 3 HOH 113 913 60  HOH HOH A . 
C 3 HOH 114 914 180 HOH HOH A . 
C 3 HOH 115 915 123 HOH HOH A . 
C 3 HOH 116 916 21  HOH HOH A . 
C 3 HOH 117 917 261 HOH HOH A . 
C 3 HOH 118 918 215 HOH HOH A . 
C 3 HOH 119 919 230 HOH HOH A . 
C 3 HOH 120 920 198 HOH HOH A . 
C 3 HOH 121 921 183 HOH HOH A . 
C 3 HOH 122 922 41  HOH HOH A . 
C 3 HOH 123 923 58  HOH HOH A . 
C 3 HOH 124 924 13  HOH HOH A . 
C 3 HOH 125 925 130 HOH HOH A . 
C 3 HOH 126 926 103 HOH HOH A . 
C 3 HOH 127 927 138 HOH HOH A . 
C 3 HOH 128 928 207 HOH HOH A . 
C 3 HOH 129 929 104 HOH HOH A . 
C 3 HOH 130 930 89  HOH HOH A . 
C 3 HOH 131 931 114 HOH HOH A . 
C 3 HOH 132 932 184 HOH HOH A . 
C 3 HOH 133 933 205 HOH HOH A . 
C 3 HOH 134 934 140 HOH HOH A . 
C 3 HOH 135 935 163 HOH HOH A . 
C 3 HOH 136 936 141 HOH HOH A . 
C 3 HOH 137 937 115 HOH HOH A . 
C 3 HOH 138 938 151 HOH HOH A . 
C 3 HOH 139 939 240 HOH HOH A . 
C 3 HOH 140 940 135 HOH HOH A . 
C 3 HOH 141 941 132 HOH HOH A . 
C 3 HOH 142 942 84  HOH HOH A . 
C 3 HOH 143 943 20  HOH HOH A . 
C 3 HOH 144 944 30  HOH HOH A . 
C 3 HOH 145 945 216 HOH HOH A . 
C 3 HOH 146 946 189 HOH HOH A . 
C 3 HOH 147 947 95  HOH HOH A . 
C 3 HOH 148 948 91  HOH HOH A . 
C 3 HOH 149 949 246 HOH HOH A . 
C 3 HOH 150 950 80  HOH HOH A . 
C 3 HOH 151 951 190 HOH HOH A . 
C 3 HOH 152 952 222 HOH HOH A . 
C 3 HOH 153 953 160 HOH HOH A . 
C 3 HOH 154 954 148 HOH HOH A . 
C 3 HOH 155 955 126 HOH HOH A . 
C 3 HOH 156 956 93  HOH HOH A . 
C 3 HOH 157 957 218 HOH HOH A . 
C 3 HOH 158 958 248 HOH HOH A . 
C 3 HOH 159 959 158 HOH HOH A . 
C 3 HOH 160 960 165 HOH HOH A . 
C 3 HOH 161 961 199 HOH HOH A . 
C 3 HOH 162 962 134 HOH HOH A . 
C 3 HOH 163 963 236 HOH HOH A . 
C 3 HOH 164 964 145 HOH HOH A . 
C 3 HOH 165 965 171 HOH HOH A . 
C 3 HOH 166 966 197 HOH HOH A . 
C 3 HOH 167 967 185 HOH HOH A . 
C 3 HOH 168 968 201 HOH HOH A . 
# 
loop_
_software.citation_id 
_software.classification 
_software.compiler_name 
_software.compiler_version 
_software.contact_author 
_software.contact_author_email 
_software.date 
_software.description 
_software.dependencies 
_software.hardware 
_software.language 
_software.location 
_software.mods 
_software.name 
_software.os 
_software.os_version 
_software.type 
_software.version 
_software.pdbx_ordinal 
? refinement       ? ? ? ? ? ? ? ? ? ? ? REFMAC ? ? ? 5.8.0071 1 
? 'data reduction' ? ? ? ? ? ? ? ? ? ? ? XDS    ? ? ? .        2 
? 'data scaling'   ? ? ? ? ? ? ? ? ? ? ? XSCALE ? ? ? .        3 
# 
_cell.angle_alpha                  90.00 
_cell.angle_alpha_esd              ? 
_cell.angle_beta                   90.00 
_cell.angle_beta_esd               ? 
_cell.angle_gamma                  90.00 
_cell.angle_gamma_esd              ? 
_cell.entry_id                     5DFX 
_cell.details                      ? 
_cell.formula_units_Z              ? 
_cell.length_a                     63.120 
_cell.length_a_esd                 ? 
_cell.length_b                     63.120 
_cell.length_b_esd                 ? 
_cell.length_c                     118.830 
_cell.length_c_esd                 ? 
_cell.volume                       ? 
_cell.volume_esd                   ? 
_cell.Z_PDB                        8 
_cell.reciprocal_angle_alpha       ? 
_cell.reciprocal_angle_beta        ? 
_cell.reciprocal_angle_gamma       ? 
_cell.reciprocal_angle_alpha_esd   ? 
_cell.reciprocal_angle_beta_esd    ? 
_cell.reciprocal_angle_gamma_esd   ? 
_cell.reciprocal_length_a          ? 
_cell.reciprocal_length_b          ? 
_cell.reciprocal_length_c          ? 
_cell.reciprocal_length_a_esd      ? 
_cell.reciprocal_length_b_esd      ? 
_cell.reciprocal_length_c_esd      ? 
_cell.pdbx_unique_axis             ? 
# 
_symmetry.entry_id                         5DFX 
_symmetry.cell_setting                     ? 
_symmetry.Int_Tables_number                92 
_symmetry.space_group_name_Hall            ? 
_symmetry.space_group_name_H-M             'P 41 21 2' 
_symmetry.pdbx_full_space_group_name_H-M   ? 
# 
_exptl.absorpt_coefficient_mu     ? 
_exptl.absorpt_correction_T_max   ? 
_exptl.absorpt_correction_T_min   ? 
_exptl.absorpt_correction_type    ? 
_exptl.absorpt_process_details    ? 
_exptl.entry_id                   5DFX 
_exptl.crystals_number            ? 
_exptl.details                    ? 
_exptl.method                     'X-RAY DIFFRACTION' 
_exptl.method_details             ? 
# 
_exptl_crystal.colour                      ? 
_exptl_crystal.density_diffrn              ? 
_exptl_crystal.density_Matthews            2.38 
_exptl_crystal.density_method              ? 
_exptl_crystal.density_percent_sol         48.34 
_exptl_crystal.description                 ? 
_exptl_crystal.F_000                       ? 
_exptl_crystal.id                          1 
_exptl_crystal.preparation                 ? 
_exptl_crystal.size_max                    ? 
_exptl_crystal.size_mid                    ? 
_exptl_crystal.size_min                    ? 
_exptl_crystal.size_rad                    ? 
_exptl_crystal.colour_lustre               ? 
_exptl_crystal.colour_modifier             ? 
_exptl_crystal.colour_primary              ? 
_exptl_crystal.density_meas                ? 
_exptl_crystal.density_meas_esd            ? 
_exptl_crystal.density_meas_gt             ? 
_exptl_crystal.density_meas_lt             ? 
_exptl_crystal.density_meas_temp           ? 
_exptl_crystal.density_meas_temp_esd       ? 
_exptl_crystal.density_meas_temp_gt        ? 
_exptl_crystal.density_meas_temp_lt        ? 
_exptl_crystal.pdbx_crystal_image_url      ? 
_exptl_crystal.pdbx_crystal_image_format   ? 
_exptl_crystal.pdbx_mosaicity              ? 
_exptl_crystal.pdbx_mosaicity_esd          ? 
# 
_exptl_crystal_grow.apparatus       ? 
_exptl_crystal_grow.atmosphere      ? 
_exptl_crystal_grow.crystal_id      1 
_exptl_crystal_grow.details         ? 
_exptl_crystal_grow.method          'VAPOR DIFFUSION, SITTING DROP' 
_exptl_crystal_grow.method_ref      ? 
_exptl_crystal_grow.pH              7.0 
_exptl_crystal_grow.pressure        ? 
_exptl_crystal_grow.pressure_esd    ? 
_exptl_crystal_grow.seeding         ? 
_exptl_crystal_grow.seeding_ref     ? 
_exptl_crystal_grow.temp            285 
_exptl_crystal_grow.temp_details    ? 
_exptl_crystal_grow.temp_esd        ? 
_exptl_crystal_grow.time            ? 
_exptl_crystal_grow.pdbx_details    '0.02 M Tris pH 7.0, 0.1 M sodium chloride, 7.7 % (w/v) PEG 4000' 
_exptl_crystal_grow.pdbx_pH_range   ? 
# 
_diffrn.ambient_environment    ? 
_diffrn.ambient_temp           100 
_diffrn.ambient_temp_details   ? 
_diffrn.ambient_temp_esd       ? 
_diffrn.crystal_id             1 
_diffrn.crystal_support        ? 
_diffrn.crystal_treatment      ? 
_diffrn.details                ? 
_diffrn.id                     1 
_diffrn.ambient_pressure       ? 
_diffrn.ambient_pressure_esd   ? 
_diffrn.ambient_pressure_gt    ? 
_diffrn.ambient_pressure_lt    ? 
_diffrn.ambient_temp_gt        ? 
_diffrn.ambient_temp_lt        ? 
# 
_diffrn_detector.details                      ? 
_diffrn_detector.detector                     PIXEL 
_diffrn_detector.diffrn_id                    1 
_diffrn_detector.type                         'DECTRIS PILATUS 6M' 
_diffrn_detector.area_resol_mean              ? 
_diffrn_detector.dtime                        ? 
_diffrn_detector.pdbx_frames_total            ? 
_diffrn_detector.pdbx_collection_time_total   ? 
_diffrn_detector.pdbx_collection_date         2014-05-10 
# 
_diffrn_radiation.collimation                      ? 
_diffrn_radiation.diffrn_id                        1 
_diffrn_radiation.filter_edge                      ? 
_diffrn_radiation.inhomogeneity                    ? 
_diffrn_radiation.monochromator                    ? 
_diffrn_radiation.polarisn_norm                    ? 
_diffrn_radiation.polarisn_ratio                   ? 
_diffrn_radiation.probe                            ? 
_diffrn_radiation.type                             ? 
_diffrn_radiation.xray_symbol                      ? 
_diffrn_radiation.wavelength_id                    1 
_diffrn_radiation.pdbx_monochromatic_or_laue_m_l   M 
_diffrn_radiation.pdbx_wavelength_list             ? 
_diffrn_radiation.pdbx_wavelength                  ? 
_diffrn_radiation.pdbx_diffrn_protocol             'SINGLE WAVELENGTH' 
_diffrn_radiation.pdbx_analyzer                    ? 
_diffrn_radiation.pdbx_scattering_type             x-ray 
# 
_diffrn_radiation_wavelength.id           1 
_diffrn_radiation_wavelength.wavelength   0.97916 
_diffrn_radiation_wavelength.wt           1.0 
# 
_diffrn_source.current                     ? 
_diffrn_source.details                     ? 
_diffrn_source.diffrn_id                   1 
_diffrn_source.power                       ? 
_diffrn_source.size                        ? 
_diffrn_source.source                      SYNCHROTRON 
_diffrn_source.target                      ? 
_diffrn_source.type                        'ESRF BEAMLINE ID29' 
_diffrn_source.voltage                     ? 
_diffrn_source.take-off_angle              ? 
_diffrn_source.pdbx_wavelength_list        0.97916 
_diffrn_source.pdbx_wavelength             ? 
_diffrn_source.pdbx_synchrotron_beamline   ID29 
_diffrn_source.pdbx_synchrotron_site       ESRF 
# 
_reflns.B_iso_Wilson_estimate            ? 
_reflns.entry_id                         5DFX 
_reflns.data_reduction_details           ? 
_reflns.data_reduction_method            ? 
_reflns.d_resolution_high                1.80 
_reflns.d_resolution_low                 19.96 
_reflns.details                          ? 
_reflns.limit_h_max                      ? 
_reflns.limit_h_min                      ? 
_reflns.limit_k_max                      ? 
_reflns.limit_k_min                      ? 
_reflns.limit_l_max                      ? 
_reflns.limit_l_min                      ? 
_reflns.number_all                       ? 
_reflns.number_obs                       22947 
_reflns.observed_criterion               ? 
_reflns.observed_criterion_F_max         ? 
_reflns.observed_criterion_F_min         ? 
_reflns.observed_criterion_I_max         ? 
_reflns.observed_criterion_I_min         ? 
_reflns.observed_criterion_sigma_F       ? 
_reflns.observed_criterion_sigma_I       ? 
_reflns.percent_possible_obs             99.7 
_reflns.R_free_details                   ? 
_reflns.Rmerge_F_all                     ? 
_reflns.Rmerge_F_obs                     ? 
_reflns.Friedel_coverage                 ? 
_reflns.number_gt                        ? 
_reflns.threshold_expression             ? 
_reflns.pdbx_redundancy                  6.63 
_reflns.pdbx_Rmerge_I_obs                0.056 
_reflns.pdbx_Rmerge_I_all                ? 
_reflns.pdbx_Rsym_value                  ? 
_reflns.pdbx_netI_over_av_sigmaI         ? 
_reflns.pdbx_netI_over_sigmaI            19.19 
_reflns.pdbx_res_netI_over_av_sigmaI_2   ? 
_reflns.pdbx_res_netI_over_sigmaI_2      ? 
_reflns.pdbx_chi_squared                 ? 
_reflns.pdbx_scaling_rejects             ? 
_reflns.pdbx_d_res_high_opt              ? 
_reflns.pdbx_d_res_low_opt               ? 
_reflns.pdbx_d_res_opt_method            ? 
_reflns.phase_calculation_details        ? 
_reflns.pdbx_Rrim_I_all                  ? 
_reflns.pdbx_Rpim_I_all                  ? 
_reflns.pdbx_d_opt                       ? 
_reflns.pdbx_number_measured_all         ? 
_reflns.pdbx_diffrn_id                   1 
_reflns.pdbx_ordinal                     1 
_reflns.pdbx_CC_half                     ? 
_reflns.pdbx_R_split                     ? 
# 
_reflns_shell.d_res_high                  1.80 
_reflns_shell.d_res_low                   1.91 
_reflns_shell.meanI_over_sigI_all         ? 
_reflns_shell.meanI_over_sigI_obs         5.42 
_reflns_shell.number_measured_all         ? 
_reflns_shell.number_measured_obs         ? 
_reflns_shell.number_possible             ? 
_reflns_shell.number_unique_all           ? 
_reflns_shell.number_unique_obs           ? 
_reflns_shell.percent_possible_all        99.0 
_reflns_shell.percent_possible_obs        ? 
_reflns_shell.Rmerge_F_all                ? 
_reflns_shell.Rmerge_F_obs                ? 
_reflns_shell.Rmerge_I_all                ? 
_reflns_shell.Rmerge_I_obs                0.301 
_reflns_shell.meanI_over_sigI_gt          ? 
_reflns_shell.meanI_over_uI_all           ? 
_reflns_shell.meanI_over_uI_gt            ? 
_reflns_shell.number_measured_gt          ? 
_reflns_shell.number_unique_gt            ? 
_reflns_shell.percent_possible_gt         ? 
_reflns_shell.Rmerge_F_gt                 ? 
_reflns_shell.Rmerge_I_gt                 ? 
_reflns_shell.pdbx_redundancy             6.52 
_reflns_shell.pdbx_Rsym_value             ? 
_reflns_shell.pdbx_chi_squared            ? 
_reflns_shell.pdbx_netI_over_sigmaI_all   ? 
_reflns_shell.pdbx_netI_over_sigmaI_obs   ? 
_reflns_shell.pdbx_Rrim_I_all             ? 
_reflns_shell.pdbx_Rpim_I_all             ? 
_reflns_shell.pdbx_rejects                ? 
_reflns_shell.pdbx_ordinal                1 
_reflns_shell.pdbx_diffrn_id              1 
_reflns_shell.pdbx_CC_half                ? 
_reflns_shell.pdbx_R_split                ? 
# 
_refine.aniso_B[1][1]                            0.00 
_refine.aniso_B[1][2]                            0.00 
_refine.aniso_B[1][3]                            0.00 
_refine.aniso_B[2][2]                            0.00 
_refine.aniso_B[2][3]                            0.00 
_refine.aniso_B[3][3]                            0.00 
_refine.B_iso_max                                ? 
_refine.B_iso_mean                               27.946 
_refine.B_iso_min                                ? 
_refine.correlation_coeff_Fo_to_Fc               0.967 
_refine.correlation_coeff_Fo_to_Fc_free          0.948 
_refine.details                                  'HYDROGENS HAVE BEEN ADDED IN THE RIDING POSITIONS' 
_refine.diff_density_max                         ? 
_refine.diff_density_max_esd                     ? 
_refine.diff_density_min                         ? 
_refine.diff_density_min_esd                     ? 
_refine.diff_density_rms                         ? 
_refine.diff_density_rms_esd                     ? 
_refine.entry_id                                 5DFX 
_refine.pdbx_refine_id                           'X-RAY DIFFRACTION' 
_refine.ls_abs_structure_details                 ? 
_refine.ls_abs_structure_Flack                   ? 
_refine.ls_abs_structure_Flack_esd               ? 
_refine.ls_abs_structure_Rogers                  ? 
_refine.ls_abs_structure_Rogers_esd              ? 
_refine.ls_d_res_high                            1.80 
_refine.ls_d_res_low                             19.96 
_refine.ls_extinction_coef                       ? 
_refine.ls_extinction_coef_esd                   ? 
_refine.ls_extinction_expression                 ? 
_refine.ls_extinction_method                     ? 
_refine.ls_goodness_of_fit_all                   ? 
_refine.ls_goodness_of_fit_all_esd               ? 
_refine.ls_goodness_of_fit_obs                   ? 
_refine.ls_goodness_of_fit_obs_esd               ? 
_refine.ls_hydrogen_treatment                    ? 
_refine.ls_matrix_type                           ? 
_refine.ls_number_constraints                    ? 
_refine.ls_number_parameters                     ? 
_refine.ls_number_reflns_all                     ? 
_refine.ls_number_reflns_obs                     21860 
_refine.ls_number_reflns_R_free                  1039 
_refine.ls_number_reflns_R_work                  ? 
_refine.ls_number_restraints                     ? 
_refine.ls_percent_reflns_obs                    99.48 
_refine.ls_percent_reflns_R_free                 4.5 
_refine.ls_R_factor_all                          ? 
_refine.ls_R_factor_obs                          0.16585 
_refine.ls_R_factor_R_free                       0.19902 
_refine.ls_R_factor_R_free_error                 ? 
_refine.ls_R_factor_R_free_error_details         ? 
_refine.ls_R_factor_R_work                       0.16431 
_refine.ls_R_Fsqd_factor_obs                     ? 
_refine.ls_R_I_factor_obs                        ? 
_refine.ls_redundancy_reflns_all                 ? 
_refine.ls_redundancy_reflns_obs                 ? 
_refine.ls_restrained_S_all                      ? 
_refine.ls_restrained_S_obs                      ? 
_refine.ls_shift_over_esd_max                    ? 
_refine.ls_shift_over_esd_mean                   ? 
_refine.ls_structure_factor_coef                 ? 
_refine.ls_weighting_details                     ? 
_refine.ls_weighting_scheme                      ? 
_refine.ls_wR_factor_all                         ? 
_refine.ls_wR_factor_obs                         ? 
_refine.ls_wR_factor_R_free                      ? 
_refine.ls_wR_factor_R_work                      ? 
_refine.occupancy_max                            ? 
_refine.occupancy_min                            ? 
_refine.solvent_model_details                    MASK 
_refine.solvent_model_param_bsol                 ? 
_refine.solvent_model_param_ksol                 ? 
_refine.ls_R_factor_gt                           ? 
_refine.ls_goodness_of_fit_gt                    ? 
_refine.ls_goodness_of_fit_ref                   ? 
_refine.ls_shift_over_su_max                     ? 
_refine.ls_shift_over_su_max_lt                  ? 
_refine.ls_shift_over_su_mean                    ? 
_refine.ls_shift_over_su_mean_lt                 ? 
_refine.pdbx_ls_sigma_I                          ? 
_refine.pdbx_ls_sigma_F                          ? 
_refine.pdbx_ls_sigma_Fsqd                       ? 
_refine.pdbx_data_cutoff_high_absF               ? 
_refine.pdbx_data_cutoff_high_rms_absF           ? 
_refine.pdbx_data_cutoff_low_absF                ? 
_refine.pdbx_isotropic_thermal_model             ? 
_refine.pdbx_ls_cross_valid_method               THROUGHOUT 
_refine.pdbx_method_to_determine_struct          'MOLECULAR REPLACEMENT' 
_refine.pdbx_starting_model                      ? 
_refine.pdbx_stereochemistry_target_values       'MAXIMUM LIKELIHOOD' 
_refine.pdbx_R_Free_selection_details            RANDOM 
_refine.pdbx_stereochem_target_val_spec_case     ? 
_refine.pdbx_overall_ESU_R                       0.095 
_refine.pdbx_overall_ESU_R_Free                  0.097 
_refine.pdbx_solvent_vdw_probe_radii             1.20 
_refine.pdbx_solvent_ion_probe_radii             0.80 
_refine.pdbx_solvent_shrinkage_radii             0.80 
_refine.pdbx_real_space_R                        ? 
_refine.pdbx_density_correlation                 ? 
_refine.pdbx_pd_number_of_powder_patterns        ? 
_refine.pdbx_pd_number_of_points                 ? 
_refine.pdbx_pd_meas_number_of_points            ? 
_refine.pdbx_pd_proc_ls_prof_R_factor            ? 
_refine.pdbx_pd_proc_ls_prof_wR_factor           ? 
_refine.pdbx_pd_Marquardt_correlation_coeff      ? 
_refine.pdbx_pd_Fsqrd_R_factor                   ? 
_refine.pdbx_pd_ls_matrix_band_width             ? 
_refine.pdbx_overall_phase_error                 ? 
_refine.pdbx_overall_SU_R_free_Cruickshank_DPI   ? 
_refine.pdbx_overall_SU_R_free_Blow_DPI          ? 
_refine.pdbx_overall_SU_R_Blow_DPI               ? 
_refine.pdbx_TLS_residual_ADP_flag               ? 
_refine.pdbx_diffrn_id                           1 
_refine.overall_SU_B                             2.063 
_refine.overall_SU_ML                            0.064 
_refine.overall_SU_R_Cruickshank_DPI             ? 
_refine.overall_SU_R_free                        ? 
_refine.overall_FOM_free_R_set                   ? 
_refine.overall_FOM_work_R_set                   ? 
_refine.pdbx_average_fsc_overall                 ? 
_refine.pdbx_average_fsc_work                    ? 
_refine.pdbx_average_fsc_free                    ? 
# 
_refine_hist.pdbx_refine_id                   'X-RAY DIFFRACTION' 
_refine_hist.cycle_id                         LAST 
_refine_hist.pdbx_number_atoms_protein        1299 
_refine_hist.pdbx_number_atoms_nucleic_acid   0 
_refine_hist.pdbx_number_atoms_ligand         43 
_refine_hist.number_atoms_solvent             168 
_refine_hist.number_atoms_total               1510 
_refine_hist.d_res_high                       1.80 
_refine_hist.d_res_low                        19.96 
# 
loop_
_refine_ls_restr.pdbx_refine_id 
_refine_ls_restr.criterion 
_refine_ls_restr.dev_ideal 
_refine_ls_restr.dev_ideal_target 
_refine_ls_restr.number 
_refine_ls_restr.rejects 
_refine_ls_restr.type 
_refine_ls_restr.weight 
_refine_ls_restr.pdbx_restraint_function 
'X-RAY DIFFRACTION' ? 0.022  0.019  1426 ? r_bond_refined_d             ? ? 
'X-RAY DIFFRACTION' ? 0.005  0.020  1309 ? r_bond_other_d               ? ? 
'X-RAY DIFFRACTION' ? 2.428  1.953  1947 ? r_angle_refined_deg          ? ? 
'X-RAY DIFFRACTION' ? 1.032  3.001  2978 ? r_angle_other_deg            ? ? 
'X-RAY DIFFRACTION' ? 6.711  5.000  168  ? r_dihedral_angle_1_deg       ? ? 
'X-RAY DIFFRACTION' ? 32.319 23.659 82   ? r_dihedral_angle_2_deg       ? ? 
'X-RAY DIFFRACTION' ? 12.336 15.000 218  ? r_dihedral_angle_3_deg       ? ? 
'X-RAY DIFFRACTION' ? 20.042 15.000 13   ? r_dihedral_angle_4_deg       ? ? 
'X-RAY DIFFRACTION' ? 0.144  0.200  198  ? r_chiral_restr               ? ? 
'X-RAY DIFFRACTION' ? 0.014  0.020  1678 ? r_gen_planes_refined         ? ? 
'X-RAY DIFFRACTION' ? 0.017  0.020  389  ? r_gen_planes_other           ? ? 
'X-RAY DIFFRACTION' ? ?      ?      ?    ? r_nbd_refined                ? ? 
'X-RAY DIFFRACTION' ? ?      ?      ?    ? r_nbd_other                  ? ? 
'X-RAY DIFFRACTION' ? ?      ?      ?    ? r_nbtor_refined              ? ? 
'X-RAY DIFFRACTION' ? ?      ?      ?    ? r_nbtor_other                ? ? 
'X-RAY DIFFRACTION' ? ?      ?      ?    ? r_xyhbond_nbd_refined        ? ? 
'X-RAY DIFFRACTION' ? ?      ?      ?    ? r_xyhbond_nbd_other          ? ? 
'X-RAY DIFFRACTION' ? ?      ?      ?    ? r_metal_ion_refined          ? ? 
'X-RAY DIFFRACTION' ? ?      ?      ?    ? r_metal_ion_other            ? ? 
'X-RAY DIFFRACTION' ? ?      ?      ?    ? r_symmetry_vdw_refined       ? ? 
'X-RAY DIFFRACTION' ? ?      ?      ?    ? r_symmetry_vdw_other         ? ? 
'X-RAY DIFFRACTION' ? ?      ?      ?    ? r_symmetry_hbond_refined     ? ? 
'X-RAY DIFFRACTION' ? ?      ?      ?    ? r_symmetry_hbond_other       ? ? 
'X-RAY DIFFRACTION' ? ?      ?      ?    ? r_symmetry_metal_ion_refined ? ? 
'X-RAY DIFFRACTION' ? ?      ?      ?    ? r_symmetry_metal_ion_other   ? ? 
'X-RAY DIFFRACTION' ? 3.050  2.463  651  ? r_mcbond_it                  ? ? 
'X-RAY DIFFRACTION' ? 3.037  2.456  650  ? r_mcbond_other               ? ? 
'X-RAY DIFFRACTION' ? 4.163  3.668  814  ? r_mcangle_it                 ? ? 
'X-RAY DIFFRACTION' ? 4.170  3.674  815  ? r_mcangle_other              ? ? 
'X-RAY DIFFRACTION' ? 3.907  2.886  775  ? r_scbond_it                  ? ? 
'X-RAY DIFFRACTION' ? 3.905  2.886  776  ? r_scbond_other               ? ? 
'X-RAY DIFFRACTION' ? ?      ?      ?    ? r_scangle_it                 ? ? 
'X-RAY DIFFRACTION' ? 5.776  4.183  1129 ? r_scangle_other              ? ? 
'X-RAY DIFFRACTION' ? 7.580  21.958 1811 ? r_long_range_B_refined       ? ? 
'X-RAY DIFFRACTION' ? 7.578  21.959 1812 ? r_long_range_B_other         ? ? 
'X-RAY DIFFRACTION' ? ?      ?      ?    ? r_rigid_bond_restr           ? ? 
'X-RAY DIFFRACTION' ? ?      ?      ?    ? r_sphericity_free            ? ? 
'X-RAY DIFFRACTION' ? ?      ?      ?    ? r_sphericity_bonded          ? ? 
# 
_refine_ls_shell.pdbx_refine_id                   'X-RAY DIFFRACTION' 
_refine_ls_shell.d_res_high                       1.800 
_refine_ls_shell.d_res_low                        1.846 
_refine_ls_shell.number_reflns_all                ? 
_refine_ls_shell.number_reflns_obs                ? 
_refine_ls_shell.number_reflns_R_free             70 
_refine_ls_shell.number_reflns_R_work             1560 
_refine_ls_shell.percent_reflns_obs               98.25 
_refine_ls_shell.percent_reflns_R_free            ? 
_refine_ls_shell.R_factor_all                     ? 
_refine_ls_shell.R_factor_obs                     ? 
_refine_ls_shell.R_factor_R_free                  0.282 
_refine_ls_shell.R_factor_R_free_error            ? 
_refine_ls_shell.R_factor_R_work                  0.229 
_refine_ls_shell.redundancy_reflns_all            ? 
_refine_ls_shell.redundancy_reflns_obs            ? 
_refine_ls_shell.wR_factor_all                    ? 
_refine_ls_shell.wR_factor_obs                    ? 
_refine_ls_shell.wR_factor_R_free                 ? 
_refine_ls_shell.wR_factor_R_work                 ? 
_refine_ls_shell.pdbx_total_number_of_bins_used   20 
_refine_ls_shell.pdbx_phase_error                 ? 
_refine_ls_shell.pdbx_fsc_work                    ? 
_refine_ls_shell.pdbx_fsc_free                    ? 
# 
_struct.entry_id                     5DFX 
_struct.title                        
'Structure of the parental state of GAF3 from Slr1393 of Synechocystis sp. PCC6803 (in vivo assembled protein/chromophore)' 
_struct.pdbx_model_details           ? 
_struct.pdbx_formula_weight          ? 
_struct.pdbx_formula_weight_method   ? 
_struct.pdbx_model_type_details      ? 
_struct.pdbx_CASP_flag               ? 
# 
_struct_keywords.entry_id        5DFX 
_struct_keywords.text            
;cyanobacteriochrome, phycocyanobilin chromophore, photochromicity, bilin-binding GAF domain, phytochrome-related protein, transferase
;
_struct_keywords.pdbx_keywords   TRANSFERASE 
# 
loop_
_struct_asym.id 
_struct_asym.pdbx_blank_PDB_chainid_flag 
_struct_asym.pdbx_modified 
_struct_asym.entity_id 
_struct_asym.details 
A N N 1 ? 
B N N 2 ? 
C N N 3 ? 
# 
_struct_ref.id                         1 
_struct_ref.db_name                    UNP 
_struct_ref.db_code                    P73184_SYNY3 
_struct_ref.pdbx_db_accession          P73184 
_struct_ref.pdbx_db_isoform            ? 
_struct_ref.entity_id                  1 
_struct_ref.pdbx_seq_one_letter_code   
;LQNIFRATSDEVRHLLSCDRVLVYRFNPDWSGEFIHESVAQMWEPLKDLQNNFPLWQDTYLQENEGGRYRNHESLAVGDV
ETAGFTDCHLDNLRRFEIRAFLTVPVFVGEQLWGLLGAYQNGAPRHWQAREIHLLHQIANQLGVAVYQAQLLARFQE
;
_struct_ref.pdbx_align_begin           441 
# 
_struct_ref_seq.align_id                      1 
_struct_ref_seq.ref_id                        1 
_struct_ref_seq.pdbx_PDB_id_code              5DFX 
_struct_ref_seq.pdbx_strand_id                A 
_struct_ref_seq.seq_align_beg                 51 
_struct_ref_seq.pdbx_seq_align_beg_ins_code   ? 
_struct_ref_seq.seq_align_end                 207 
_struct_ref_seq.pdbx_seq_align_end_ins_code   ? 
_struct_ref_seq.pdbx_db_accession             P73184 
_struct_ref_seq.db_align_beg                  441 
_struct_ref_seq.pdbx_db_align_beg_ins_code    ? 
_struct_ref_seq.db_align_end                  597 
_struct_ref_seq.pdbx_db_align_end_ins_code    ? 
_struct_ref_seq.pdbx_auth_seq_align_beg       441 
_struct_ref_seq.pdbx_auth_seq_align_end       597 
# 
loop_
_struct_ref_seq_dif.align_id 
_struct_ref_seq_dif.pdbx_pdb_id_code 
_struct_ref_seq_dif.mon_id 
_struct_ref_seq_dif.pdbx_pdb_strand_id 
_struct_ref_seq_dif.seq_num 
_struct_ref_seq_dif.pdbx_pdb_ins_code 
_struct_ref_seq_dif.pdbx_seq_db_name 
_struct_ref_seq_dif.pdbx_seq_db_accession_code 
_struct_ref_seq_dif.db_mon_id 
_struct_ref_seq_dif.pdbx_seq_db_seq_num 
_struct_ref_seq_dif.details 
_struct_ref_seq_dif.pdbx_auth_seq_num 
_struct_ref_seq_dif.pdbx_ordinal 
1 5DFX MET A 1   ? UNP P73184 ? ? 'initiating methionine' 391 1  
1 5DFX HIS A 2   ? UNP P73184 ? ? 'expression tag'        392 2  
1 5DFX HIS A 3   ? UNP P73184 ? ? 'expression tag'        393 3  
1 5DFX HIS A 4   ? UNP P73184 ? ? 'expression tag'        394 4  
1 5DFX HIS A 5   ? UNP P73184 ? ? 'expression tag'        395 5  
1 5DFX HIS A 6   ? UNP P73184 ? ? 'expression tag'        396 6  
1 5DFX HIS A 7   ? UNP P73184 ? ? 'expression tag'        397 7  
1 5DFX SER A 8   ? UNP P73184 ? ? 'expression tag'        398 8  
1 5DFX SER A 9   ? UNP P73184 ? ? 'expression tag'        399 9  
1 5DFX GLY A 10  ? UNP P73184 ? ? 'expression tag'        400 10 
1 5DFX LEU A 11  ? UNP P73184 ? ? 'expression tag'        401 11 
1 5DFX VAL A 12  ? UNP P73184 ? ? 'expression tag'        402 12 
1 5DFX PRO A 13  ? UNP P73184 ? ? 'expression tag'        403 13 
1 5DFX ARG A 14  ? UNP P73184 ? ? 'expression tag'        404 14 
1 5DFX GLY A 15  ? UNP P73184 ? ? 'expression tag'        405 15 
1 5DFX SER A 16  ? UNP P73184 ? ? 'expression tag'        406 16 
1 5DFX GLY A 17  ? UNP P73184 ? ? 'expression tag'        407 17 
1 5DFX MET A 18  ? UNP P73184 ? ? 'expression tag'        408 18 
1 5DFX LYS A 19  ? UNP P73184 ? ? 'expression tag'        409 19 
1 5DFX GLU A 20  ? UNP P73184 ? ? 'expression tag'        410 20 
1 5DFX THR A 21  ? UNP P73184 ? ? 'expression tag'        411 21 
1 5DFX ALA A 22  ? UNP P73184 ? ? 'expression tag'        412 22 
1 5DFX ALA A 23  ? UNP P73184 ? ? 'expression tag'        413 23 
1 5DFX ALA A 24  ? UNP P73184 ? ? 'expression tag'        414 24 
1 5DFX LYS A 25  ? UNP P73184 ? ? 'expression tag'        415 25 
1 5DFX PHE A 26  ? UNP P73184 ? ? 'expression tag'        416 26 
1 5DFX GLU A 27  ? UNP P73184 ? ? 'expression tag'        417 27 
1 5DFX ARG A 28  ? UNP P73184 ? ? 'expression tag'        418 28 
1 5DFX GLN A 29  ? UNP P73184 ? ? 'expression tag'        419 29 
1 5DFX HIS A 30  ? UNP P73184 ? ? 'expression tag'        420 30 
1 5DFX MET A 31  ? UNP P73184 ? ? 'expression tag'        421 31 
1 5DFX ASP A 32  ? UNP P73184 ? ? 'expression tag'        422 32 
1 5DFX SER A 33  ? UNP P73184 ? ? 'expression tag'        423 33 
1 5DFX PRO A 34  ? UNP P73184 ? ? 'expression tag'        424 34 
1 5DFX ASP A 35  ? UNP P73184 ? ? 'expression tag'        425 35 
1 5DFX LEU A 36  ? UNP P73184 ? ? 'expression tag'        426 36 
1 5DFX GLY A 37  ? UNP P73184 ? ? 'expression tag'        427 37 
1 5DFX THR A 38  ? UNP P73184 ? ? 'expression tag'        428 38 
1 5DFX ASP A 39  ? UNP P73184 ? ? 'expression tag'        429 39 
1 5DFX ASP A 40  ? UNP P73184 ? ? 'expression tag'        430 40 
1 5DFX ASP A 41  ? UNP P73184 ? ? 'expression tag'        431 41 
1 5DFX ASP A 42  ? UNP P73184 ? ? 'expression tag'        432 42 
1 5DFX LYS A 43  ? UNP P73184 ? ? 'expression tag'        433 43 
1 5DFX ALA A 44  ? UNP P73184 ? ? 'expression tag'        434 44 
1 5DFX MET A 45  ? UNP P73184 ? ? 'expression tag'        435 45 
1 5DFX ALA A 46  ? UNP P73184 ? ? 'expression tag'        436 46 
1 5DFX ASP A 47  ? UNP P73184 ? ? 'expression tag'        437 47 
1 5DFX ILE A 48  ? UNP P73184 ? ? 'expression tag'        438 48 
1 5DFX GLY A 49  ? UNP P73184 ? ? 'expression tag'        439 49 
1 5DFX SER A 50  ? UNP P73184 ? ? 'expression tag'        440 50 
1 5DFX LEU A 208 ? UNP P73184 ? ? 'expression tag'        598 51 
1 5DFX GLU A 209 ? UNP P73184 ? ? 'expression tag'        599 52 
1 5DFX HIS A 210 ? UNP P73184 ? ? 'expression tag'        600 53 
1 5DFX HIS A 211 ? UNP P73184 ? ? 'expression tag'        601 54 
1 5DFX HIS A 212 ? UNP P73184 ? ? 'expression tag'        602 55 
1 5DFX HIS A 213 ? UNP P73184 ? ? 'expression tag'        603 56 
1 5DFX HIS A 214 ? UNP P73184 ? ? 'expression tag'        604 57 
1 5DFX HIS A 215 ? UNP P73184 ? ? 'expression tag'        605 58 
# 
_pdbx_struct_assembly.id                   1 
_pdbx_struct_assembly.details              software_defined_assembly 
_pdbx_struct_assembly.method_details       PISA 
_pdbx_struct_assembly.oligomeric_details   dimeric 
_pdbx_struct_assembly.oligomeric_count     2 
# 
loop_
_pdbx_struct_assembly_prop.biol_id 
_pdbx_struct_assembly_prop.type 
_pdbx_struct_assembly_prop.value 
_pdbx_struct_assembly_prop.details 
1 'ABSA (A^2)' 3820  ? 
1 MORE         -46   ? 
1 'SSA (A^2)'  16030 ? 
# 
_pdbx_struct_assembly_gen.assembly_id       1 
_pdbx_struct_assembly_gen.oper_expression   1,2 
_pdbx_struct_assembly_gen.asym_id_list      A,B,C 
# 
loop_
_pdbx_struct_oper_list.id 
_pdbx_struct_oper_list.type 
_pdbx_struct_oper_list.name 
_pdbx_struct_oper_list.symmetry_operation 
_pdbx_struct_oper_list.matrix[1][1] 
_pdbx_struct_oper_list.matrix[1][2] 
_pdbx_struct_oper_list.matrix[1][3] 
_pdbx_struct_oper_list.vector[1] 
_pdbx_struct_oper_list.matrix[2][1] 
_pdbx_struct_oper_list.matrix[2][2] 
_pdbx_struct_oper_list.matrix[2][3] 
_pdbx_struct_oper_list.vector[2] 
_pdbx_struct_oper_list.matrix[3][1] 
_pdbx_struct_oper_list.matrix[3][2] 
_pdbx_struct_oper_list.matrix[3][3] 
_pdbx_struct_oper_list.vector[3] 
1 'identity operation'         1_555 x,y,z    1.0000000000 0.0000000000 0.0000000000  0.0000000000  0.0000000000 1.0000000000  0.0000000000  0.0000000000   0.0000000000  0.0000000000  1.0000000000  0.0000000000  
2 'crystal symmetry operation' 7_556 y,x,-z+1 0.6774976987 0.4145111113 -0.6075997095 14.2477528894 0.4145111113 -0.8975739511 -0.1501384061 -27.8898813600 -0.6075997095 -0.1501384061 -0.7799237476 20.3092706850 
# 
loop_
_struct_conf.conf_type_id 
_struct_conf.id 
_struct_conf.pdbx_PDB_helix_id 
_struct_conf.beg_label_comp_id 
_struct_conf.beg_label_asym_id 
_struct_conf.beg_label_seq_id 
_struct_conf.pdbx_beg_PDB_ins_code 
_struct_conf.end_label_comp_id 
_struct_conf.end_label_asym_id 
_struct_conf.end_label_seq_id 
_struct_conf.pdbx_end_PDB_ins_code 
_struct_conf.beg_auth_comp_id 
_struct_conf.beg_auth_asym_id 
_struct_conf.beg_auth_seq_id 
_struct_conf.end_auth_comp_id 
_struct_conf.end_auth_asym_id 
_struct_conf.end_auth_seq_id 
_struct_conf.pdbx_PDB_helix_class 
_struct_conf.details 
_struct_conf.pdbx_PDB_helix_length 
HELX_P HELX_P1 AA1 GLY A 49  ? SER A 67  ? GLY A 439 SER A 457 1 ? 19 
HELX_P HELX_P2 AA2 ASP A 108 ? ASN A 114 ? ASP A 498 ASN A 504 1 ? 7  
HELX_P HELX_P3 AA3 GLY A 116 ? HIS A 122 ? GLY A 506 HIS A 512 5 ? 7  
HELX_P HELX_P4 AA4 ASP A 129 ? ALA A 133 ? ASP A 519 ALA A 523 5 ? 5  
HELX_P HELX_P5 AA5 THR A 136 ? PHE A 146 ? THR A 526 PHE A 536 1 ? 11 
HELX_P HELX_P6 AA6 GLN A 178 ? ARG A 204 ? GLN A 568 ARG A 594 1 ? 27 
# 
_struct_conf_type.id          HELX_P 
_struct_conf_type.criteria    ? 
_struct_conf_type.reference   ? 
# 
_struct_conn.id                            covale1 
_struct_conn.conn_type_id                  covale 
_struct_conn.pdbx_leaving_atom_flag        one 
_struct_conn.pdbx_PDB_id                   ? 
_struct_conn.ptnr1_label_asym_id           A 
_struct_conn.ptnr1_label_comp_id           CYS 
_struct_conn.ptnr1_label_seq_id            138 
_struct_conn.ptnr1_label_atom_id           SG 
_struct_conn.pdbx_ptnr1_label_alt_id       ? 
_struct_conn.pdbx_ptnr1_PDB_ins_code       ? 
_struct_conn.pdbx_ptnr1_standard_comp_id   ? 
_struct_conn.ptnr1_symmetry                1_555 
_struct_conn.ptnr2_label_asym_id           B 
_struct_conn.ptnr2_label_comp_id           CYC 
_struct_conn.ptnr2_label_seq_id            . 
_struct_conn.ptnr2_label_atom_id           CAC 
_struct_conn.pdbx_ptnr2_label_alt_id       ? 
_struct_conn.pdbx_ptnr2_PDB_ins_code       ? 
_struct_conn.ptnr1_auth_asym_id            A 
_struct_conn.ptnr1_auth_comp_id            CYS 
_struct_conn.ptnr1_auth_seq_id             528 
_struct_conn.ptnr2_auth_asym_id            A 
_struct_conn.ptnr2_auth_comp_id            CYC 
_struct_conn.ptnr2_auth_seq_id             701 
_struct_conn.ptnr2_symmetry                1_555 
_struct_conn.pdbx_ptnr3_label_atom_id      ? 
_struct_conn.pdbx_ptnr3_label_seq_id       ? 
_struct_conn.pdbx_ptnr3_label_comp_id      ? 
_struct_conn.pdbx_ptnr3_label_asym_id      ? 
_struct_conn.pdbx_ptnr3_label_alt_id       ? 
_struct_conn.pdbx_ptnr3_PDB_ins_code       ? 
_struct_conn.details                       ? 
_struct_conn.pdbx_dist_value               1.631 
_struct_conn.pdbx_value_order              ? 
_struct_conn.pdbx_role                     ? 
# 
_struct_conn_type.id          covale 
_struct_conn_type.criteria    ? 
_struct_conn_type.reference   ? 
# 
_pdbx_modification_feature.ordinal                            1 
_pdbx_modification_feature.label_comp_id                      CYC 
_pdbx_modification_feature.label_asym_id                      B 
_pdbx_modification_feature.label_seq_id                       . 
_pdbx_modification_feature.label_alt_id                       ? 
_pdbx_modification_feature.modified_residue_label_comp_id     CYS 
_pdbx_modification_feature.modified_residue_label_asym_id     A 
_pdbx_modification_feature.modified_residue_label_seq_id      138 
_pdbx_modification_feature.modified_residue_label_alt_id      ? 
_pdbx_modification_feature.auth_comp_id                       CYC 
_pdbx_modification_feature.auth_asym_id                       A 
_pdbx_modification_feature.auth_seq_id                        701 
_pdbx_modification_feature.PDB_ins_code                       ? 
_pdbx_modification_feature.symmetry                           1_555 
_pdbx_modification_feature.modified_residue_auth_comp_id      CYS 
_pdbx_modification_feature.modified_residue_auth_asym_id      A 
_pdbx_modification_feature.modified_residue_auth_seq_id       528 
_pdbx_modification_feature.modified_residue_PDB_ins_code      ? 
_pdbx_modification_feature.modified_residue_symmetry          1_555 
_pdbx_modification_feature.comp_id_linking_atom               CAC 
_pdbx_modification_feature.modified_residue_id_linking_atom   SG 
_pdbx_modification_feature.modified_residue_id                CYS 
_pdbx_modification_feature.ref_pcm_id                         1 
_pdbx_modification_feature.ref_comp_id                        CYC 
_pdbx_modification_feature.type                               None 
_pdbx_modification_feature.category                           'Covalent chemical modification' 
# 
_struct_sheet.id               AA1 
_struct_sheet.type             ? 
_struct_sheet.number_strands   5 
_struct_sheet.details          ? 
# 
loop_
_struct_sheet_order.sheet_id 
_struct_sheet_order.range_id_1 
_struct_sheet_order.range_id_2 
_struct_sheet_order.offset 
_struct_sheet_order.sense 
AA1 1 2 ? anti-parallel 
AA1 2 3 ? anti-parallel 
AA1 3 4 ? anti-parallel 
AA1 4 5 ? anti-parallel 
# 
loop_
_struct_sheet_range.sheet_id 
_struct_sheet_range.id 
_struct_sheet_range.beg_label_comp_id 
_struct_sheet_range.beg_label_asym_id 
_struct_sheet_range.beg_label_seq_id 
_struct_sheet_range.pdbx_beg_PDB_ins_code 
_struct_sheet_range.end_label_comp_id 
_struct_sheet_range.end_label_asym_id 
_struct_sheet_range.end_label_seq_id 
_struct_sheet_range.pdbx_end_PDB_ins_code 
_struct_sheet_range.beg_auth_comp_id 
_struct_sheet_range.beg_auth_asym_id 
_struct_sheet_range.beg_auth_seq_id 
_struct_sheet_range.end_auth_comp_id 
_struct_sheet_range.end_auth_asym_id 
_struct_sheet_range.end_auth_seq_id 
AA1 1 GLY A 82  ? VAL A 89  ? GLY A 472 VAL A 479 
AA1 2 ARG A 70  ? PHE A 76  ? ARG A 460 PHE A 466 
AA1 3 GLN A 161 ? GLN A 170 ? GLN A 551 GLN A 560 
AA1 4 ALA A 150 ? VAL A 158 ? ALA A 540 VAL A 548 
AA1 5 LEU A 125 ? VAL A 127 ? LEU A 515 VAL A 517 
# 
loop_
_pdbx_struct_sheet_hbond.sheet_id 
_pdbx_struct_sheet_hbond.range_id_1 
_pdbx_struct_sheet_hbond.range_id_2 
_pdbx_struct_sheet_hbond.range_1_label_atom_id 
_pdbx_struct_sheet_hbond.range_1_label_comp_id 
_pdbx_struct_sheet_hbond.range_1_label_asym_id 
_pdbx_struct_sheet_hbond.range_1_label_seq_id 
_pdbx_struct_sheet_hbond.range_1_PDB_ins_code 
_pdbx_struct_sheet_hbond.range_1_auth_atom_id 
_pdbx_struct_sheet_hbond.range_1_auth_comp_id 
_pdbx_struct_sheet_hbond.range_1_auth_asym_id 
_pdbx_struct_sheet_hbond.range_1_auth_seq_id 
_pdbx_struct_sheet_hbond.range_2_label_atom_id 
_pdbx_struct_sheet_hbond.range_2_label_comp_id 
_pdbx_struct_sheet_hbond.range_2_label_asym_id 
_pdbx_struct_sheet_hbond.range_2_label_seq_id 
_pdbx_struct_sheet_hbond.range_2_PDB_ins_code 
_pdbx_struct_sheet_hbond.range_2_auth_atom_id 
_pdbx_struct_sheet_hbond.range_2_auth_comp_id 
_pdbx_struct_sheet_hbond.range_2_auth_asym_id 
_pdbx_struct_sheet_hbond.range_2_auth_seq_id 
AA1 1 2 O GLU A 83  ? O GLU A 473 N ARG A 75  ? N ARG A 465 
AA1 2 3 N ARG A 70  ? N ARG A 460 O TYR A 169 ? O TYR A 559 
AA1 3 4 O GLY A 164 ? O GLY A 554 N VAL A 156 ? N VAL A 546 
AA1 4 5 O PHE A 151 ? O PHE A 541 N VAL A 127 ? N VAL A 517 
# 
_struct_site.id                   AC1 
_struct_site.pdbx_evidence_code   Software 
_struct_site.pdbx_auth_asym_id    A 
_struct_site.pdbx_auth_comp_id    CYC 
_struct_site.pdbx_auth_seq_id     701 
_struct_site.pdbx_auth_ins_code   ? 
_struct_site.pdbx_num_residues    20 
_struct_site.details              'binding site for residue CYC A 701' 
# 
loop_
_struct_site_gen.id 
_struct_site_gen.site_id 
_struct_site_gen.pdbx_num_res 
_struct_site_gen.label_comp_id 
_struct_site_gen.label_asym_id 
_struct_site_gen.label_seq_id 
_struct_site_gen.pdbx_auth_ins_code 
_struct_site_gen.auth_comp_id 
_struct_site_gen.auth_asym_id 
_struct_site_gen.auth_seq_id 
_struct_site_gen.label_atom_id 
_struct_site_gen.label_alt_id 
_struct_site_gen.symmetry 
_struct_site_gen.details 
1  AC1 20 TYR A 74  ? TYR A 464 . ? 1_555 ? 
2  AC1 20 PHE A 84  ? PHE A 474 . ? 1_555 ? 
3  AC1 20 TRP A 106 ? TRP A 496 . ? 1_555 ? 
4  AC1 20 GLN A 107 ? GLN A 497 . ? 1_555 ? 
5  AC1 20 ASP A 108 ? ASP A 498 . ? 1_555 ? 
6  AC1 20 THR A 109 ? THR A 499 . ? 1_555 ? 
7  AC1 20 TYR A 110 ? TYR A 500 . ? 1_555 ? 
8  AC1 20 ARG A 118 ? ARG A 508 . ? 1_555 ? 
9  AC1 20 TYR A 119 ? TYR A 509 . ? 1_555 ? 
10 AC1 20 LEU A 125 ? LEU A 515 . ? 1_555 ? 
11 AC1 20 PHE A 135 ? PHE A 525 . ? 1_555 ? 
12 AC1 20 THR A 136 ? THR A 526 . ? 1_555 ? 
13 AC1 20 CYS A 138 ? CYS A 528 . ? 1_555 ? 
14 AC1 20 HIS A 139 ? HIS A 529 . ? 1_555 ? 
15 AC1 20 ASN A 142 ? ASN A 532 . ? 1_555 ? 
16 AC1 20 THR A 153 ? THR A 543 . ? 1_555 ? 
17 AC1 20 TYR A 169 ? TYR A 559 . ? 1_555 ? 
18 AC1 20 HOH C .   ? HOH A 805 . ? 1_555 ? 
19 AC1 20 HOH C .   ? HOH A 820 . ? 1_555 ? 
20 AC1 20 HOH C .   ? HOH A 842 . ? 1_555 ? 
# 
_pdbx_entry_details.entry_id                   5DFX 
_pdbx_entry_details.compound_details           ? 
_pdbx_entry_details.source_details             ? 
_pdbx_entry_details.nonpolymer_details         ? 
_pdbx_entry_details.sequence_details           ? 
_pdbx_entry_details.has_ligand_of_interest     ? 
_pdbx_entry_details.has_protein_modification   Y 
# 
_pdbx_validate_symm_contact.id                1 
_pdbx_validate_symm_contact.PDB_model_num     1 
_pdbx_validate_symm_contact.auth_atom_id_1    O 
_pdbx_validate_symm_contact.auth_asym_id_1    A 
_pdbx_validate_symm_contact.auth_comp_id_1    SER 
_pdbx_validate_symm_contact.auth_seq_id_1     457 
_pdbx_validate_symm_contact.PDB_ins_code_1    ? 
_pdbx_validate_symm_contact.label_alt_id_1    ? 
_pdbx_validate_symm_contact.site_symmetry_1   1_555 
_pdbx_validate_symm_contact.auth_atom_id_2    NH2 
_pdbx_validate_symm_contact.auth_asym_id_2    A 
_pdbx_validate_symm_contact.auth_comp_id_2    ARG 
_pdbx_validate_symm_contact.auth_seq_id_2     594 
_pdbx_validate_symm_contact.PDB_ins_code_2    ? 
_pdbx_validate_symm_contact.label_alt_id_2    A 
_pdbx_validate_symm_contact.site_symmetry_2   6_455 
_pdbx_validate_symm_contact.dist              2.01 
# 
loop_
_pdbx_validate_rmsd_bond.id 
_pdbx_validate_rmsd_bond.PDB_model_num 
_pdbx_validate_rmsd_bond.auth_atom_id_1 
_pdbx_validate_rmsd_bond.auth_asym_id_1 
_pdbx_validate_rmsd_bond.auth_comp_id_1 
_pdbx_validate_rmsd_bond.auth_seq_id_1 
_pdbx_validate_rmsd_bond.PDB_ins_code_1 
_pdbx_validate_rmsd_bond.label_alt_id_1 
_pdbx_validate_rmsd_bond.auth_atom_id_2 
_pdbx_validate_rmsd_bond.auth_asym_id_2 
_pdbx_validate_rmsd_bond.auth_comp_id_2 
_pdbx_validate_rmsd_bond.auth_seq_id_2 
_pdbx_validate_rmsd_bond.PDB_ins_code_2 
_pdbx_validate_rmsd_bond.label_alt_id_2 
_pdbx_validate_rmsd_bond.bond_value 
_pdbx_validate_rmsd_bond.bond_target_value 
_pdbx_validate_rmsd_bond.bond_deviation 
_pdbx_validate_rmsd_bond.bond_standard_deviation 
_pdbx_validate_rmsd_bond.linker_flag 
1 1 CD A GLU 451 ? B OE1 A GLU 451 ? B 1.343 1.252 0.091  0.011 N 
2 1 CD A GLU 484 ? ? OE1 A GLU 484 ? ? 1.169 1.252 -0.083 0.011 N 
# 
loop_
_pdbx_validate_rmsd_angle.id 
_pdbx_validate_rmsd_angle.PDB_model_num 
_pdbx_validate_rmsd_angle.auth_atom_id_1 
_pdbx_validate_rmsd_angle.auth_asym_id_1 
_pdbx_validate_rmsd_angle.auth_comp_id_1 
_pdbx_validate_rmsd_angle.auth_seq_id_1 
_pdbx_validate_rmsd_angle.PDB_ins_code_1 
_pdbx_validate_rmsd_angle.label_alt_id_1 
_pdbx_validate_rmsd_angle.auth_atom_id_2 
_pdbx_validate_rmsd_angle.auth_asym_id_2 
_pdbx_validate_rmsd_angle.auth_comp_id_2 
_pdbx_validate_rmsd_angle.auth_seq_id_2 
_pdbx_validate_rmsd_angle.PDB_ins_code_2 
_pdbx_validate_rmsd_angle.label_alt_id_2 
_pdbx_validate_rmsd_angle.auth_atom_id_3 
_pdbx_validate_rmsd_angle.auth_asym_id_3 
_pdbx_validate_rmsd_angle.auth_comp_id_3 
_pdbx_validate_rmsd_angle.auth_seq_id_3 
_pdbx_validate_rmsd_angle.PDB_ins_code_3 
_pdbx_validate_rmsd_angle.label_alt_id_3 
_pdbx_validate_rmsd_angle.angle_value 
_pdbx_validate_rmsd_angle.angle_target_value 
_pdbx_validate_rmsd_angle.angle_deviation 
_pdbx_validate_rmsd_angle.angle_standard_deviation 
_pdbx_validate_rmsd_angle.linker_flag 
1 1 CB A ASP 450 ? ? CG A ASP 450 ? ? OD1 A ASP 450 ? ? 125.01 118.30 6.71   0.90 N 
2 1 CB A ASP 469 ? ? CG A ASP 469 ? ? OD1 A ASP 469 ? ? 124.35 118.30 6.05   0.90 N 
3 1 NE A ARG 535 ? ? CZ A ARG 535 ? ? NH1 A ARG 535 ? ? 123.51 120.30 3.21   0.50 N 
4 1 C  A ALA 593 ? ? N  A ARG 594 ? ? CA  A ARG 594 ? A 104.20 121.70 -17.50 2.50 Y 
5 1 CA A ARG 594 ? A C  A ARG 594 ? ? O   A ARG 594 ? ? 136.13 120.10 16.03  2.10 N 
6 1 CA A ARG 594 ? A C  A ARG 594 ? ? N   A PHE 595 ? ? 103.53 117.20 -13.67 2.20 Y 
# 
_pdbx_validate_peptide_omega.id               1 
_pdbx_validate_peptide_omega.PDB_model_num    1 
_pdbx_validate_peptide_omega.auth_comp_id_1   TRP 
_pdbx_validate_peptide_omega.auth_asym_id_1   A 
_pdbx_validate_peptide_omega.auth_seq_id_1    470 
_pdbx_validate_peptide_omega.PDB_ins_code_1   ? 
_pdbx_validate_peptide_omega.label_alt_id_1   ? 
_pdbx_validate_peptide_omega.auth_comp_id_2   SER 
_pdbx_validate_peptide_omega.auth_asym_id_2   A 
_pdbx_validate_peptide_omega.auth_seq_id_2    471 
_pdbx_validate_peptide_omega.PDB_ins_code_2   ? 
_pdbx_validate_peptide_omega.label_alt_id_2   ? 
_pdbx_validate_peptide_omega.omega            148.88 
# 
_pdbx_validate_main_chain_plane.id                       1 
_pdbx_validate_main_chain_plane.PDB_model_num            1 
_pdbx_validate_main_chain_plane.auth_comp_id             ARG 
_pdbx_validate_main_chain_plane.auth_asym_id             A 
_pdbx_validate_main_chain_plane.auth_seq_id              594 
_pdbx_validate_main_chain_plane.PDB_ins_code             ? 
_pdbx_validate_main_chain_plane.label_alt_id             B 
_pdbx_validate_main_chain_plane.improper_torsion_angle   14.13 
# 
_pdbx_struct_special_symmetry.id              1 
_pdbx_struct_special_symmetry.PDB_model_num   1 
_pdbx_struct_special_symmetry.auth_asym_id    A 
_pdbx_struct_special_symmetry.auth_comp_id    HOH 
_pdbx_struct_special_symmetry.auth_seq_id     950 
_pdbx_struct_special_symmetry.PDB_ins_code    ? 
_pdbx_struct_special_symmetry.label_asym_id   C 
_pdbx_struct_special_symmetry.label_comp_id   HOH 
_pdbx_struct_special_symmetry.label_seq_id    . 
# 
loop_
_pdbx_unobs_or_zero_occ_residues.id 
_pdbx_unobs_or_zero_occ_residues.PDB_model_num 
_pdbx_unobs_or_zero_occ_residues.polymer_flag 
_pdbx_unobs_or_zero_occ_residues.occupancy_flag 
_pdbx_unobs_or_zero_occ_residues.auth_asym_id 
_pdbx_unobs_or_zero_occ_residues.auth_comp_id 
_pdbx_unobs_or_zero_occ_residues.auth_seq_id 
_pdbx_unobs_or_zero_occ_residues.PDB_ins_code 
_pdbx_unobs_or_zero_occ_residues.label_asym_id 
_pdbx_unobs_or_zero_occ_residues.label_comp_id 
_pdbx_unobs_or_zero_occ_residues.label_seq_id 
1  1 Y 1 A MET 391 ? A MET 1   
2  1 Y 1 A HIS 392 ? A HIS 2   
3  1 Y 1 A HIS 393 ? A HIS 3   
4  1 Y 1 A HIS 394 ? A HIS 4   
5  1 Y 1 A HIS 395 ? A HIS 5   
6  1 Y 1 A HIS 396 ? A HIS 6   
7  1 Y 1 A HIS 397 ? A HIS 7   
8  1 Y 1 A SER 398 ? A SER 8   
9  1 Y 1 A SER 399 ? A SER 9   
10 1 Y 1 A GLY 400 ? A GLY 10  
11 1 Y 1 A LEU 401 ? A LEU 11  
12 1 Y 1 A VAL 402 ? A VAL 12  
13 1 Y 1 A PRO 403 ? A PRO 13  
14 1 Y 1 A ARG 404 ? A ARG 14  
15 1 Y 1 A GLY 405 ? A GLY 15  
16 1 Y 1 A SER 406 ? A SER 16  
17 1 Y 1 A GLY 407 ? A GLY 17  
18 1 Y 1 A MET 408 ? A MET 18  
19 1 Y 1 A LYS 409 ? A LYS 19  
20 1 Y 1 A GLU 410 ? A GLU 20  
21 1 Y 1 A THR 411 ? A THR 21  
22 1 Y 1 A ALA 412 ? A ALA 22  
23 1 Y 1 A ALA 413 ? A ALA 23  
24 1 Y 1 A ALA 414 ? A ALA 24  
25 1 Y 1 A LYS 415 ? A LYS 25  
26 1 Y 1 A PHE 416 ? A PHE 26  
27 1 Y 1 A GLU 417 ? A GLU 27  
28 1 Y 1 A ARG 418 ? A ARG 28  
29 1 Y 1 A GLN 419 ? A GLN 29  
30 1 Y 1 A HIS 420 ? A HIS 30  
31 1 Y 1 A MET 421 ? A MET 31  
32 1 Y 1 A ASP 422 ? A ASP 32  
33 1 Y 1 A SER 423 ? A SER 33  
34 1 Y 1 A PRO 424 ? A PRO 34  
35 1 Y 1 A ASP 425 ? A ASP 35  
36 1 Y 1 A LEU 426 ? A LEU 36  
37 1 Y 1 A GLY 427 ? A GLY 37  
38 1 Y 1 A THR 428 ? A THR 38  
39 1 Y 1 A ASP 429 ? A ASP 39  
40 1 Y 1 A ASP 430 ? A ASP 40  
41 1 Y 1 A ASP 431 ? A ASP 41  
42 1 Y 1 A ASP 432 ? A ASP 42  
43 1 Y 1 A LYS 433 ? A LYS 43  
44 1 Y 1 A ALA 434 ? A ALA 44  
45 1 Y 1 A MET 435 ? A MET 45  
46 1 Y 1 A ALA 436 ? A ALA 46  
47 1 Y 1 A ASP 437 ? A ASP 47  
48 1 Y 1 A ILE 438 ? A ILE 48  
49 1 Y 1 A GLU 597 ? A GLU 207 
50 1 Y 1 A LEU 598 ? A LEU 208 
51 1 Y 1 A GLU 599 ? A GLU 209 
52 1 Y 1 A HIS 600 ? A HIS 210 
53 1 Y 1 A HIS 601 ? A HIS 211 
54 1 Y 1 A HIS 602 ? A HIS 212 
55 1 Y 1 A HIS 603 ? A HIS 213 
56 1 Y 1 A HIS 604 ? A HIS 214 
57 1 Y 1 A HIS 605 ? A HIS 215 
# 
loop_
_chem_comp_atom.comp_id 
_chem_comp_atom.atom_id 
_chem_comp_atom.type_symbol 
_chem_comp_atom.pdbx_aromatic_flag 
_chem_comp_atom.pdbx_stereo_config 
_chem_comp_atom.pdbx_ordinal 
ALA N    N N N 1   
ALA CA   C N S 2   
ALA C    C N N 3   
ALA O    O N N 4   
ALA CB   C N N 5   
ALA OXT  O N N 6   
ALA H    H N N 7   
ALA H2   H N N 8   
ALA HA   H N N 9   
ALA HB1  H N N 10  
ALA HB2  H N N 11  
ALA HB3  H N N 12  
ALA HXT  H N N 13  
ARG N    N N N 14  
ARG CA   C N S 15  
ARG C    C N N 16  
ARG O    O N N 17  
ARG CB   C N N 18  
ARG CG   C N N 19  
ARG CD   C N N 20  
ARG NE   N N N 21  
ARG CZ   C N N 22  
ARG NH1  N N N 23  
ARG NH2  N N N 24  
ARG OXT  O N N 25  
ARG H    H N N 26  
ARG H2   H N N 27  
ARG HA   H N N 28  
ARG HB2  H N N 29  
ARG HB3  H N N 30  
ARG HG2  H N N 31  
ARG HG3  H N N 32  
ARG HD2  H N N 33  
ARG HD3  H N N 34  
ARG HE   H N N 35  
ARG HH11 H N N 36  
ARG HH12 H N N 37  
ARG HH21 H N N 38  
ARG HH22 H N N 39  
ARG HXT  H N N 40  
ASN N    N N N 41  
ASN CA   C N S 42  
ASN C    C N N 43  
ASN O    O N N 44  
ASN CB   C N N 45  
ASN CG   C N N 46  
ASN OD1  O N N 47  
ASN ND2  N N N 48  
ASN OXT  O N N 49  
ASN H    H N N 50  
ASN H2   H N N 51  
ASN HA   H N N 52  
ASN HB2  H N N 53  
ASN HB3  H N N 54  
ASN HD21 H N N 55  
ASN HD22 H N N 56  
ASN HXT  H N N 57  
ASP N    N N N 58  
ASP CA   C N S 59  
ASP C    C N N 60  
ASP O    O N N 61  
ASP CB   C N N 62  
ASP CG   C N N 63  
ASP OD1  O N N 64  
ASP OD2  O N N 65  
ASP OXT  O N N 66  
ASP H    H N N 67  
ASP H2   H N N 68  
ASP HA   H N N 69  
ASP HB2  H N N 70  
ASP HB3  H N N 71  
ASP HD2  H N N 72  
ASP HXT  H N N 73  
CYC CHA  C N N 74  
CYC NA   N N N 75  
CYC C1A  C N N 76  
CYC C2A  C N N 77  
CYC C3A  C N N 78  
CYC C4A  C N N 79  
CYC CMA  C N N 80  
CYC CAA  C N N 81  
CYC CBA  C N N 82  
CYC CGA  C N N 83  
CYC O1A  O N N 84  
CYC O2A  O N N 85  
CYC CHB  C N N 86  
CYC NB   N N N 87  
CYC C1B  C N N 88  
CYC C2B  C N N 89  
CYC C3B  C N N 90  
CYC C4B  C N N 91  
CYC CMB  C N N 92  
CYC CAB  C N N 93  
CYC CBB  C N N 94  
CYC OB   O N N 95  
CYC NC   N N N 96  
CYC C1C  C N N 97  
CYC C2C  C N R 98  
CYC C3C  C N R 99  
CYC C4C  C N N 100 
CYC CMC  C N N 101 
CYC CAC  C N N 102 
CYC CBC  C N N 103 
CYC OC   O N N 104 
CYC CHD  C N N 105 
CYC ND   N Y N 106 
CYC C1D  C Y N 107 
CYC C2D  C Y N 108 
CYC C3D  C Y N 109 
CYC C4D  C Y N 110 
CYC CMD  C N N 111 
CYC CAD  C N N 112 
CYC CBD  C N N 113 
CYC CGD  C N N 114 
CYC O1D  O N N 115 
CYC O2D  O N N 116 
CYC HHA  H N N 117 
CYC HMA1 H N N 118 
CYC HMA2 H N N 119 
CYC HMA3 H N N 120 
CYC HAA1 H N N 121 
CYC HAA2 H N N 122 
CYC HBA1 H N N 123 
CYC HBA2 H N N 124 
CYC H2A  H N N 125 
CYC HHB  H N N 126 
CYC HB   H N N 127 
CYC HMB1 H N N 128 
CYC HMB2 H N N 129 
CYC HMB3 H N N 130 
CYC HAB1 H N N 131 
CYC HAB2 H N N 132 
CYC HBB1 H N N 133 
CYC HBB2 H N N 134 
CYC HBB3 H N N 135 
CYC HC   H N N 136 
CYC H2C  H N N 137 
CYC H3C  H N N 138 
CYC HMC1 H N N 139 
CYC HMC2 H N N 140 
CYC HMC3 H N N 141 
CYC HAC1 H N N 142 
CYC HAC2 H N N 143 
CYC HBC1 H N N 144 
CYC HBC2 H N N 145 
CYC HBC3 H N N 146 
CYC HHD  H N N 147 
CYC HD   H N N 148 
CYC HMD1 H N N 149 
CYC HMD2 H N N 150 
CYC HMD3 H N N 151 
CYC HAD1 H N N 152 
CYC HAD2 H N N 153 
CYC HBD1 H N N 154 
CYC HBD2 H N N 155 
CYC H2D  H N N 156 
CYS N    N N N 157 
CYS CA   C N R 158 
CYS C    C N N 159 
CYS O    O N N 160 
CYS CB   C N N 161 
CYS SG   S N N 162 
CYS OXT  O N N 163 
CYS H    H N N 164 
CYS H2   H N N 165 
CYS HA   H N N 166 
CYS HB2  H N N 167 
CYS HB3  H N N 168 
CYS HG   H N N 169 
CYS HXT  H N N 170 
GLN N    N N N 171 
GLN CA   C N S 172 
GLN C    C N N 173 
GLN O    O N N 174 
GLN CB   C N N 175 
GLN CG   C N N 176 
GLN CD   C N N 177 
GLN OE1  O N N 178 
GLN NE2  N N N 179 
GLN OXT  O N N 180 
GLN H    H N N 181 
GLN H2   H N N 182 
GLN HA   H N N 183 
GLN HB2  H N N 184 
GLN HB3  H N N 185 
GLN HG2  H N N 186 
GLN HG3  H N N 187 
GLN HE21 H N N 188 
GLN HE22 H N N 189 
GLN HXT  H N N 190 
GLU N    N N N 191 
GLU CA   C N S 192 
GLU C    C N N 193 
GLU O    O N N 194 
GLU CB   C N N 195 
GLU CG   C N N 196 
GLU CD   C N N 197 
GLU OE1  O N N 198 
GLU OE2  O N N 199 
GLU OXT  O N N 200 
GLU H    H N N 201 
GLU H2   H N N 202 
GLU HA   H N N 203 
GLU HB2  H N N 204 
GLU HB3  H N N 205 
GLU HG2  H N N 206 
GLU HG3  H N N 207 
GLU HE2  H N N 208 
GLU HXT  H N N 209 
GLY N    N N N 210 
GLY CA   C N N 211 
GLY C    C N N 212 
GLY O    O N N 213 
GLY OXT  O N N 214 
GLY H    H N N 215 
GLY H2   H N N 216 
GLY HA2  H N N 217 
GLY HA3  H N N 218 
GLY HXT  H N N 219 
HIS N    N N N 220 
HIS CA   C N S 221 
HIS C    C N N 222 
HIS O    O N N 223 
HIS CB   C N N 224 
HIS CG   C Y N 225 
HIS ND1  N Y N 226 
HIS CD2  C Y N 227 
HIS CE1  C Y N 228 
HIS NE2  N Y N 229 
HIS OXT  O N N 230 
HIS H    H N N 231 
HIS H2   H N N 232 
HIS HA   H N N 233 
HIS HB2  H N N 234 
HIS HB3  H N N 235 
HIS HD1  H N N 236 
HIS HD2  H N N 237 
HIS HE1  H N N 238 
HIS HE2  H N N 239 
HIS HXT  H N N 240 
HOH O    O N N 241 
HOH H1   H N N 242 
HOH H2   H N N 243 
ILE N    N N N 244 
ILE CA   C N S 245 
ILE C    C N N 246 
ILE O    O N N 247 
ILE CB   C N S 248 
ILE CG1  C N N 249 
ILE CG2  C N N 250 
ILE CD1  C N N 251 
ILE OXT  O N N 252 
ILE H    H N N 253 
ILE H2   H N N 254 
ILE HA   H N N 255 
ILE HB   H N N 256 
ILE HG12 H N N 257 
ILE HG13 H N N 258 
ILE HG21 H N N 259 
ILE HG22 H N N 260 
ILE HG23 H N N 261 
ILE HD11 H N N 262 
ILE HD12 H N N 263 
ILE HD13 H N N 264 
ILE HXT  H N N 265 
LEU N    N N N 266 
LEU CA   C N S 267 
LEU C    C N N 268 
LEU O    O N N 269 
LEU CB   C N N 270 
LEU CG   C N N 271 
LEU CD1  C N N 272 
LEU CD2  C N N 273 
LEU OXT  O N N 274 
LEU H    H N N 275 
LEU H2   H N N 276 
LEU HA   H N N 277 
LEU HB2  H N N 278 
LEU HB3  H N N 279 
LEU HG   H N N 280 
LEU HD11 H N N 281 
LEU HD12 H N N 282 
LEU HD13 H N N 283 
LEU HD21 H N N 284 
LEU HD22 H N N 285 
LEU HD23 H N N 286 
LEU HXT  H N N 287 
LYS N    N N N 288 
LYS CA   C N S 289 
LYS C    C N N 290 
LYS O    O N N 291 
LYS CB   C N N 292 
LYS CG   C N N 293 
LYS CD   C N N 294 
LYS CE   C N N 295 
LYS NZ   N N N 296 
LYS OXT  O N N 297 
LYS H    H N N 298 
LYS H2   H N N 299 
LYS HA   H N N 300 
LYS HB2  H N N 301 
LYS HB3  H N N 302 
LYS HG2  H N N 303 
LYS HG3  H N N 304 
LYS HD2  H N N 305 
LYS HD3  H N N 306 
LYS HE2  H N N 307 
LYS HE3  H N N 308 
LYS HZ1  H N N 309 
LYS HZ2  H N N 310 
LYS HZ3  H N N 311 
LYS HXT  H N N 312 
MET N    N N N 313 
MET CA   C N S 314 
MET C    C N N 315 
MET O    O N N 316 
MET CB   C N N 317 
MET CG   C N N 318 
MET SD   S N N 319 
MET CE   C N N 320 
MET OXT  O N N 321 
MET H    H N N 322 
MET H2   H N N 323 
MET HA   H N N 324 
MET HB2  H N N 325 
MET HB3  H N N 326 
MET HG2  H N N 327 
MET HG3  H N N 328 
MET HE1  H N N 329 
MET HE2  H N N 330 
MET HE3  H N N 331 
MET HXT  H N N 332 
PHE N    N N N 333 
PHE CA   C N S 334 
PHE C    C N N 335 
PHE O    O N N 336 
PHE CB   C N N 337 
PHE CG   C Y N 338 
PHE CD1  C Y N 339 
PHE CD2  C Y N 340 
PHE CE1  C Y N 341 
PHE CE2  C Y N 342 
PHE CZ   C Y N 343 
PHE OXT  O N N 344 
PHE H    H N N 345 
PHE H2   H N N 346 
PHE HA   H N N 347 
PHE HB2  H N N 348 
PHE HB3  H N N 349 
PHE HD1  H N N 350 
PHE HD2  H N N 351 
PHE HE1  H N N 352 
PHE HE2  H N N 353 
PHE HZ   H N N 354 
PHE HXT  H N N 355 
PRO N    N N N 356 
PRO CA   C N S 357 
PRO C    C N N 358 
PRO O    O N N 359 
PRO CB   C N N 360 
PRO CG   C N N 361 
PRO CD   C N N 362 
PRO OXT  O N N 363 
PRO H    H N N 364 
PRO HA   H N N 365 
PRO HB2  H N N 366 
PRO HB3  H N N 367 
PRO HG2  H N N 368 
PRO HG3  H N N 369 
PRO HD2  H N N 370 
PRO HD3  H N N 371 
PRO HXT  H N N 372 
SER N    N N N 373 
SER CA   C N S 374 
SER C    C N N 375 
SER O    O N N 376 
SER CB   C N N 377 
SER OG   O N N 378 
SER OXT  O N N 379 
SER H    H N N 380 
SER H2   H N N 381 
SER HA   H N N 382 
SER HB2  H N N 383 
SER HB3  H N N 384 
SER HG   H N N 385 
SER HXT  H N N 386 
THR N    N N N 387 
THR CA   C N S 388 
THR C    C N N 389 
THR O    O N N 390 
THR CB   C N R 391 
THR OG1  O N N 392 
THR CG2  C N N 393 
THR OXT  O N N 394 
THR H    H N N 395 
THR H2   H N N 396 
THR HA   H N N 397 
THR HB   H N N 398 
THR HG1  H N N 399 
THR HG21 H N N 400 
THR HG22 H N N 401 
THR HG23 H N N 402 
THR HXT  H N N 403 
TRP N    N N N 404 
TRP CA   C N S 405 
TRP C    C N N 406 
TRP O    O N N 407 
TRP CB   C N N 408 
TRP CG   C Y N 409 
TRP CD1  C Y N 410 
TRP CD2  C Y N 411 
TRP NE1  N Y N 412 
TRP CE2  C Y N 413 
TRP CE3  C Y N 414 
TRP CZ2  C Y N 415 
TRP CZ3  C Y N 416 
TRP CH2  C Y N 417 
TRP OXT  O N N 418 
TRP H    H N N 419 
TRP H2   H N N 420 
TRP HA   H N N 421 
TRP HB2  H N N 422 
TRP HB3  H N N 423 
TRP HD1  H N N 424 
TRP HE1  H N N 425 
TRP HE3  H N N 426 
TRP HZ2  H N N 427 
TRP HZ3  H N N 428 
TRP HH2  H N N 429 
TRP HXT  H N N 430 
TYR N    N N N 431 
TYR CA   C N S 432 
TYR C    C N N 433 
TYR O    O N N 434 
TYR CB   C N N 435 
TYR CG   C Y N 436 
TYR CD1  C Y N 437 
TYR CD2  C Y N 438 
TYR CE1  C Y N 439 
TYR CE2  C Y N 440 
TYR CZ   C Y N 441 
TYR OH   O N N 442 
TYR OXT  O N N 443 
TYR H    H N N 444 
TYR H2   H N N 445 
TYR HA   H N N 446 
TYR HB2  H N N 447 
TYR HB3  H N N 448 
TYR HD1  H N N 449 
TYR HD2  H N N 450 
TYR HE1  H N N 451 
TYR HE2  H N N 452 
TYR HH   H N N 453 
TYR HXT  H N N 454 
VAL N    N N N 455 
VAL CA   C N S 456 
VAL C    C N N 457 
VAL O    O N N 458 
VAL CB   C N N 459 
VAL CG1  C N N 460 
VAL CG2  C N N 461 
VAL OXT  O N N 462 
VAL H    H N N 463 
VAL H2   H N N 464 
VAL HA   H N N 465 
VAL HB   H N N 466 
VAL HG11 H N N 467 
VAL HG12 H N N 468 
VAL HG13 H N N 469 
VAL HG21 H N N 470 
VAL HG22 H N N 471 
VAL HG23 H N N 472 
VAL HXT  H N N 473 
# 
loop_
_chem_comp_bond.comp_id 
_chem_comp_bond.atom_id_1 
_chem_comp_bond.atom_id_2 
_chem_comp_bond.value_order 
_chem_comp_bond.pdbx_aromatic_flag 
_chem_comp_bond.pdbx_stereo_config 
_chem_comp_bond.pdbx_ordinal 
ALA N   CA   sing N N 1   
ALA N   H    sing N N 2   
ALA N   H2   sing N N 3   
ALA CA  C    sing N N 4   
ALA CA  CB   sing N N 5   
ALA CA  HA   sing N N 6   
ALA C   O    doub N N 7   
ALA C   OXT  sing N N 8   
ALA CB  HB1  sing N N 9   
ALA CB  HB2  sing N N 10  
ALA CB  HB3  sing N N 11  
ALA OXT HXT  sing N N 12  
ARG N   CA   sing N N 13  
ARG N   H    sing N N 14  
ARG N   H2   sing N N 15  
ARG CA  C    sing N N 16  
ARG CA  CB   sing N N 17  
ARG CA  HA   sing N N 18  
ARG C   O    doub N N 19  
ARG C   OXT  sing N N 20  
ARG CB  CG   sing N N 21  
ARG CB  HB2  sing N N 22  
ARG CB  HB3  sing N N 23  
ARG CG  CD   sing N N 24  
ARG CG  HG2  sing N N 25  
ARG CG  HG3  sing N N 26  
ARG CD  NE   sing N N 27  
ARG CD  HD2  sing N N 28  
ARG CD  HD3  sing N N 29  
ARG NE  CZ   sing N N 30  
ARG NE  HE   sing N N 31  
ARG CZ  NH1  sing N N 32  
ARG CZ  NH2  doub N N 33  
ARG NH1 HH11 sing N N 34  
ARG NH1 HH12 sing N N 35  
ARG NH2 HH21 sing N N 36  
ARG NH2 HH22 sing N N 37  
ARG OXT HXT  sing N N 38  
ASN N   CA   sing N N 39  
ASN N   H    sing N N 40  
ASN N   H2   sing N N 41  
ASN CA  C    sing N N 42  
ASN CA  CB   sing N N 43  
ASN CA  HA   sing N N 44  
ASN C   O    doub N N 45  
ASN C   OXT  sing N N 46  
ASN CB  CG   sing N N 47  
ASN CB  HB2  sing N N 48  
ASN CB  HB3  sing N N 49  
ASN CG  OD1  doub N N 50  
ASN CG  ND2  sing N N 51  
ASN ND2 HD21 sing N N 52  
ASN ND2 HD22 sing N N 53  
ASN OXT HXT  sing N N 54  
ASP N   CA   sing N N 55  
ASP N   H    sing N N 56  
ASP N   H2   sing N N 57  
ASP CA  C    sing N N 58  
ASP CA  CB   sing N N 59  
ASP CA  HA   sing N N 60  
ASP C   O    doub N N 61  
ASP C   OXT  sing N N 62  
ASP CB  CG   sing N N 63  
ASP CB  HB2  sing N N 64  
ASP CB  HB3  sing N N 65  
ASP CG  OD1  doub N N 66  
ASP CG  OD2  sing N N 67  
ASP OD2 HD2  sing N N 68  
ASP OXT HXT  sing N N 69  
CYC CHA C1A  doub N Z 70  
CYC CHA C4D  sing N N 71  
CYC CHA HHA  sing N N 72  
CYC NA  C1A  sing N N 73  
CYC NA  C4A  doub N N 74  
CYC C1A C2A  sing N N 75  
CYC C2A C3A  doub N N 76  
CYC C2A CAA  sing N N 77  
CYC C3A C4A  sing N N 78  
CYC C3A CMA  sing N N 79  
CYC C4A CHB  sing N N 80  
CYC CMA HMA1 sing N N 81  
CYC CMA HMA2 sing N N 82  
CYC CMA HMA3 sing N N 83  
CYC CAA CBA  sing N N 84  
CYC CAA HAA1 sing N N 85  
CYC CAA HAA2 sing N N 86  
CYC CBA CGA  sing N N 87  
CYC CBA HBA1 sing N N 88  
CYC CBA HBA2 sing N N 89  
CYC CGA O1A  doub N N 90  
CYC CGA O2A  sing N N 91  
CYC O2A H2A  sing N N 92  
CYC CHB C1B  doub N Z 93  
CYC CHB HHB  sing N N 94  
CYC NB  C1B  sing N N 95  
CYC NB  C4B  sing N N 96  
CYC NB  HB   sing N N 97  
CYC C1B C2B  sing N N 98  
CYC C2B C3B  doub N N 99  
CYC C2B CMB  sing N N 100 
CYC C3B C4B  sing N N 101 
CYC C3B CAB  sing N N 102 
CYC C4B OB   doub N N 103 
CYC CMB HMB1 sing N N 104 
CYC CMB HMB2 sing N N 105 
CYC CMB HMB3 sing N N 106 
CYC CAB CBB  sing N N 107 
CYC CAB HAB1 sing N N 108 
CYC CAB HAB2 sing N N 109 
CYC CBB HBB1 sing N N 110 
CYC CBB HBB2 sing N N 111 
CYC CBB HBB3 sing N N 112 
CYC NC  C1C  sing N N 113 
CYC NC  C4C  sing N N 114 
CYC NC  HC   sing N N 115 
CYC C1C C2C  sing N N 116 
CYC C1C OC   doub N N 117 
CYC C2C C3C  sing N N 118 
CYC C2C CMC  sing N N 119 
CYC C2C H2C  sing N N 120 
CYC C3C C4C  sing N N 121 
CYC C3C CAC  sing N N 122 
CYC C3C H3C  sing N N 123 
CYC C4C CHD  doub N Z 124 
CYC CMC HMC1 sing N N 125 
CYC CMC HMC2 sing N N 126 
CYC CMC HMC3 sing N N 127 
CYC CAC CBC  sing N N 128 
CYC CAC HAC1 sing N N 129 
CYC CAC HAC2 sing N N 130 
CYC CBC HBC1 sing N N 131 
CYC CBC HBC2 sing N N 132 
CYC CBC HBC3 sing N N 133 
CYC CHD C1D  sing N N 134 
CYC CHD HHD  sing N N 135 
CYC ND  C1D  sing Y N 136 
CYC ND  C4D  sing Y N 137 
CYC ND  HD   sing N N 138 
CYC C1D C2D  doub Y N 139 
CYC C2D C3D  sing Y N 140 
CYC C2D CMD  sing N N 141 
CYC C3D C4D  doub Y N 142 
CYC C3D CAD  sing N N 143 
CYC CMD HMD1 sing N N 144 
CYC CMD HMD2 sing N N 145 
CYC CMD HMD3 sing N N 146 
CYC CAD CBD  sing N N 147 
CYC CAD HAD1 sing N N 148 
CYC CAD HAD2 sing N N 149 
CYC CBD CGD  sing N N 150 
CYC CBD HBD1 sing N N 151 
CYC CBD HBD2 sing N N 152 
CYC CGD O1D  doub N N 153 
CYC CGD O2D  sing N N 154 
CYC O2D H2D  sing N N 155 
CYS N   CA   sing N N 156 
CYS N   H    sing N N 157 
CYS N   H2   sing N N 158 
CYS CA  C    sing N N 159 
CYS CA  CB   sing N N 160 
CYS CA  HA   sing N N 161 
CYS C   O    doub N N 162 
CYS C   OXT  sing N N 163 
CYS CB  SG   sing N N 164 
CYS CB  HB2  sing N N 165 
CYS CB  HB3  sing N N 166 
CYS SG  HG   sing N N 167 
CYS OXT HXT  sing N N 168 
GLN N   CA   sing N N 169 
GLN N   H    sing N N 170 
GLN N   H2   sing N N 171 
GLN CA  C    sing N N 172 
GLN CA  CB   sing N N 173 
GLN CA  HA   sing N N 174 
GLN C   O    doub N N 175 
GLN C   OXT  sing N N 176 
GLN CB  CG   sing N N 177 
GLN CB  HB2  sing N N 178 
GLN CB  HB3  sing N N 179 
GLN CG  CD   sing N N 180 
GLN CG  HG2  sing N N 181 
GLN CG  HG3  sing N N 182 
GLN CD  OE1  doub N N 183 
GLN CD  NE2  sing N N 184 
GLN NE2 HE21 sing N N 185 
GLN NE2 HE22 sing N N 186 
GLN OXT HXT  sing N N 187 
GLU N   CA   sing N N 188 
GLU N   H    sing N N 189 
GLU N   H2   sing N N 190 
GLU CA  C    sing N N 191 
GLU CA  CB   sing N N 192 
GLU CA  HA   sing N N 193 
GLU C   O    doub N N 194 
GLU C   OXT  sing N N 195 
GLU CB  CG   sing N N 196 
GLU CB  HB2  sing N N 197 
GLU CB  HB3  sing N N 198 
GLU CG  CD   sing N N 199 
GLU CG  HG2  sing N N 200 
GLU CG  HG3  sing N N 201 
GLU CD  OE1  doub N N 202 
GLU CD  OE2  sing N N 203 
GLU OE2 HE2  sing N N 204 
GLU OXT HXT  sing N N 205 
GLY N   CA   sing N N 206 
GLY N   H    sing N N 207 
GLY N   H2   sing N N 208 
GLY CA  C    sing N N 209 
GLY CA  HA2  sing N N 210 
GLY CA  HA3  sing N N 211 
GLY C   O    doub N N 212 
GLY C   OXT  sing N N 213 
GLY OXT HXT  sing N N 214 
HIS N   CA   sing N N 215 
HIS N   H    sing N N 216 
HIS N   H2   sing N N 217 
HIS CA  C    sing N N 218 
HIS CA  CB   sing N N 219 
HIS CA  HA   sing N N 220 
HIS C   O    doub N N 221 
HIS C   OXT  sing N N 222 
HIS CB  CG   sing N N 223 
HIS CB  HB2  sing N N 224 
HIS CB  HB3  sing N N 225 
HIS CG  ND1  sing Y N 226 
HIS CG  CD2  doub Y N 227 
HIS ND1 CE1  doub Y N 228 
HIS ND1 HD1  sing N N 229 
HIS CD2 NE2  sing Y N 230 
HIS CD2 HD2  sing N N 231 
HIS CE1 NE2  sing Y N 232 
HIS CE1 HE1  sing N N 233 
HIS NE2 HE2  sing N N 234 
HIS OXT HXT  sing N N 235 
HOH O   H1   sing N N 236 
HOH O   H2   sing N N 237 
ILE N   CA   sing N N 238 
ILE N   H    sing N N 239 
ILE N   H2   sing N N 240 
ILE CA  C    sing N N 241 
ILE CA  CB   sing N N 242 
ILE CA  HA   sing N N 243 
ILE C   O    doub N N 244 
ILE C   OXT  sing N N 245 
ILE CB  CG1  sing N N 246 
ILE CB  CG2  sing N N 247 
ILE CB  HB   sing N N 248 
ILE CG1 CD1  sing N N 249 
ILE CG1 HG12 sing N N 250 
ILE CG1 HG13 sing N N 251 
ILE CG2 HG21 sing N N 252 
ILE CG2 HG22 sing N N 253 
ILE CG2 HG23 sing N N 254 
ILE CD1 HD11 sing N N 255 
ILE CD1 HD12 sing N N 256 
ILE CD1 HD13 sing N N 257 
ILE OXT HXT  sing N N 258 
LEU N   CA   sing N N 259 
LEU N   H    sing N N 260 
LEU N   H2   sing N N 261 
LEU CA  C    sing N N 262 
LEU CA  CB   sing N N 263 
LEU CA  HA   sing N N 264 
LEU C   O    doub N N 265 
LEU C   OXT  sing N N 266 
LEU CB  CG   sing N N 267 
LEU CB  HB2  sing N N 268 
LEU CB  HB3  sing N N 269 
LEU CG  CD1  sing N N 270 
LEU CG  CD2  sing N N 271 
LEU CG  HG   sing N N 272 
LEU CD1 HD11 sing N N 273 
LEU CD1 HD12 sing N N 274 
LEU CD1 HD13 sing N N 275 
LEU CD2 HD21 sing N N 276 
LEU CD2 HD22 sing N N 277 
LEU CD2 HD23 sing N N 278 
LEU OXT HXT  sing N N 279 
LYS N   CA   sing N N 280 
LYS N   H    sing N N 281 
LYS N   H2   sing N N 282 
LYS CA  C    sing N N 283 
LYS CA  CB   sing N N 284 
LYS CA  HA   sing N N 285 
LYS C   O    doub N N 286 
LYS C   OXT  sing N N 287 
LYS CB  CG   sing N N 288 
LYS CB  HB2  sing N N 289 
LYS CB  HB3  sing N N 290 
LYS CG  CD   sing N N 291 
LYS CG  HG2  sing N N 292 
LYS CG  HG3  sing N N 293 
LYS CD  CE   sing N N 294 
LYS CD  HD2  sing N N 295 
LYS CD  HD3  sing N N 296 
LYS CE  NZ   sing N N 297 
LYS CE  HE2  sing N N 298 
LYS CE  HE3  sing N N 299 
LYS NZ  HZ1  sing N N 300 
LYS NZ  HZ2  sing N N 301 
LYS NZ  HZ3  sing N N 302 
LYS OXT HXT  sing N N 303 
MET N   CA   sing N N 304 
MET N   H    sing N N 305 
MET N   H2   sing N N 306 
MET CA  C    sing N N 307 
MET CA  CB   sing N N 308 
MET CA  HA   sing N N 309 
MET C   O    doub N N 310 
MET C   OXT  sing N N 311 
MET CB  CG   sing N N 312 
MET CB  HB2  sing N N 313 
MET CB  HB3  sing N N 314 
MET CG  SD   sing N N 315 
MET CG  HG2  sing N N 316 
MET CG  HG3  sing N N 317 
MET SD  CE   sing N N 318 
MET CE  HE1  sing N N 319 
MET CE  HE2  sing N N 320 
MET CE  HE3  sing N N 321 
MET OXT HXT  sing N N 322 
PHE N   CA   sing N N 323 
PHE N   H    sing N N 324 
PHE N   H2   sing N N 325 
PHE CA  C    sing N N 326 
PHE CA  CB   sing N N 327 
PHE CA  HA   sing N N 328 
PHE C   O    doub N N 329 
PHE C   OXT  sing N N 330 
PHE CB  CG   sing N N 331 
PHE CB  HB2  sing N N 332 
PHE CB  HB3  sing N N 333 
PHE CG  CD1  doub Y N 334 
PHE CG  CD2  sing Y N 335 
PHE CD1 CE1  sing Y N 336 
PHE CD1 HD1  sing N N 337 
PHE CD2 CE2  doub Y N 338 
PHE CD2 HD2  sing N N 339 
PHE CE1 CZ   doub Y N 340 
PHE CE1 HE1  sing N N 341 
PHE CE2 CZ   sing Y N 342 
PHE CE2 HE2  sing N N 343 
PHE CZ  HZ   sing N N 344 
PHE OXT HXT  sing N N 345 
PRO N   CA   sing N N 346 
PRO N   CD   sing N N 347 
PRO N   H    sing N N 348 
PRO CA  C    sing N N 349 
PRO CA  CB   sing N N 350 
PRO CA  HA   sing N N 351 
PRO C   O    doub N N 352 
PRO C   OXT  sing N N 353 
PRO CB  CG   sing N N 354 
PRO CB  HB2  sing N N 355 
PRO CB  HB3  sing N N 356 
PRO CG  CD   sing N N 357 
PRO CG  HG2  sing N N 358 
PRO CG  HG3  sing N N 359 
PRO CD  HD2  sing N N 360 
PRO CD  HD3  sing N N 361 
PRO OXT HXT  sing N N 362 
SER N   CA   sing N N 363 
SER N   H    sing N N 364 
SER N   H2   sing N N 365 
SER CA  C    sing N N 366 
SER CA  CB   sing N N 367 
SER CA  HA   sing N N 368 
SER C   O    doub N N 369 
SER C   OXT  sing N N 370 
SER CB  OG   sing N N 371 
SER CB  HB2  sing N N 372 
SER CB  HB3  sing N N 373 
SER OG  HG   sing N N 374 
SER OXT HXT  sing N N 375 
THR N   CA   sing N N 376 
THR N   H    sing N N 377 
THR N   H2   sing N N 378 
THR CA  C    sing N N 379 
THR CA  CB   sing N N 380 
THR CA  HA   sing N N 381 
THR C   O    doub N N 382 
THR C   OXT  sing N N 383 
THR CB  OG1  sing N N 384 
THR CB  CG2  sing N N 385 
THR CB  HB   sing N N 386 
THR OG1 HG1  sing N N 387 
THR CG2 HG21 sing N N 388 
THR CG2 HG22 sing N N 389 
THR CG2 HG23 sing N N 390 
THR OXT HXT  sing N N 391 
TRP N   CA   sing N N 392 
TRP N   H    sing N N 393 
TRP N   H2   sing N N 394 
TRP CA  C    sing N N 395 
TRP CA  CB   sing N N 396 
TRP CA  HA   sing N N 397 
TRP C   O    doub N N 398 
TRP C   OXT  sing N N 399 
TRP CB  CG   sing N N 400 
TRP CB  HB2  sing N N 401 
TRP CB  HB3  sing N N 402 
TRP CG  CD1  doub Y N 403 
TRP CG  CD2  sing Y N 404 
TRP CD1 NE1  sing Y N 405 
TRP CD1 HD1  sing N N 406 
TRP CD2 CE2  doub Y N 407 
TRP CD2 CE3  sing Y N 408 
TRP NE1 CE2  sing Y N 409 
TRP NE1 HE1  sing N N 410 
TRP CE2 CZ2  sing Y N 411 
TRP CE3 CZ3  doub Y N 412 
TRP CE3 HE3  sing N N 413 
TRP CZ2 CH2  doub Y N 414 
TRP CZ2 HZ2  sing N N 415 
TRP CZ3 CH2  sing Y N 416 
TRP CZ3 HZ3  sing N N 417 
TRP CH2 HH2  sing N N 418 
TRP OXT HXT  sing N N 419 
TYR N   CA   sing N N 420 
TYR N   H    sing N N 421 
TYR N   H2   sing N N 422 
TYR CA  C    sing N N 423 
TYR CA  CB   sing N N 424 
TYR CA  HA   sing N N 425 
TYR C   O    doub N N 426 
TYR C   OXT  sing N N 427 
TYR CB  CG   sing N N 428 
TYR CB  HB2  sing N N 429 
TYR CB  HB3  sing N N 430 
TYR CG  CD1  doub Y N 431 
TYR CG  CD2  sing Y N 432 
TYR CD1 CE1  sing Y N 433 
TYR CD1 HD1  sing N N 434 
TYR CD2 CE2  doub Y N 435 
TYR CD2 HD2  sing N N 436 
TYR CE1 CZ   doub Y N 437 
TYR CE1 HE1  sing N N 438 
TYR CE2 CZ   sing Y N 439 
TYR CE2 HE2  sing N N 440 
TYR CZ  OH   sing N N 441 
TYR OH  HH   sing N N 442 
TYR OXT HXT  sing N N 443 
VAL N   CA   sing N N 444 
VAL N   H    sing N N 445 
VAL N   H2   sing N N 446 
VAL CA  C    sing N N 447 
VAL CA  CB   sing N N 448 
VAL CA  HA   sing N N 449 
VAL C   O    doub N N 450 
VAL C   OXT  sing N N 451 
VAL CB  CG1  sing N N 452 
VAL CB  CG2  sing N N 453 
VAL CB  HB   sing N N 454 
VAL CG1 HG11 sing N N 455 
VAL CG1 HG12 sing N N 456 
VAL CG1 HG13 sing N N 457 
VAL CG2 HG21 sing N N 458 
VAL CG2 HG22 sing N N 459 
VAL CG2 HG23 sing N N 460 
VAL OXT HXT  sing N N 461 
# 
_atom_sites.entry_id                    5DFX 
_atom_sites.fract_transf_matrix[1][1]   0.01178977 
_atom_sites.fract_transf_matrix[1][2]   -0.00813389 
_atom_sites.fract_transf_matrix[1][3]   -0.00677066 
_atom_sites.fract_transf_matrix[2][1]   0.00872980 
_atom_sites.fract_transf_matrix[2][2]   0.01320429 
_atom_sites.fract_transf_matrix[2][3]   -0.00066166 
_atom_sites.fract_transf_matrix[3][1]   0.00317770 
_atom_sites.fract_transf_matrix[3][2]   -0.00172007 
_atom_sites.fract_transf_matrix[3][3]   0.00759973 
_atom_sites.fract_transf_vector[1]      0.108978 
_atom_sites.fract_transf_vector[2]      0.366302 
_atom_sites.fract_transf_vector[3]      0.376181 
# 
loop_
_atom_type.symbol 
C 
N 
O 
S 
# 
loop_
_atom_site.group_PDB 
_atom_site.id 
_atom_site.type_symbol 
_atom_site.label_atom_id 
_atom_site.label_alt_id 
_atom_site.label_comp_id 
_atom_site.label_asym_id 
_atom_site.label_entity_id 
_atom_site.label_seq_id 
_atom_site.pdbx_PDB_ins_code 
_atom_site.Cartn_x 
_atom_site.Cartn_y 
_atom_site.Cartn_z 
_atom_site.occupancy 
_atom_site.B_iso_or_equiv 
_atom_site.pdbx_formal_charge 
_atom_site.auth_seq_id 
_atom_site.auth_comp_id 
_atom_site.auth_asym_id 
_atom_site.auth_atom_id 
_atom_site.pdbx_PDB_model_num 
ATOM   1    N N   . GLY A 1 49  ? -9.147  -16.642 -2.576  1.00 70.89 ? 439 GLY A N   1 
ATOM   2    C CA  . GLY A 1 49  ? -10.265 -15.914 -1.989  1.00 66.88 ? 439 GLY A CA  1 
ATOM   3    C C   . GLY A 1 49  ? -10.029 -15.640 -0.526  1.00 57.68 ? 439 GLY A C   1 
ATOM   4    O O   . GLY A 1 49  ? -10.396 -14.561 -0.014  1.00 46.69 ? 439 GLY A O   1 
ATOM   5    N N   . SER A 1 50  ? -9.406  -16.618 0.137   1.00 52.82 ? 440 SER A N   1 
ATOM   6    C CA  . SER A 1 50  ? -9.028  -16.485 1.548   1.00 52.86 ? 440 SER A CA  1 
ATOM   7    C C   . SER A 1 50  ? -8.019  -15.352 1.740   1.00 46.15 ? 440 SER A C   1 
ATOM   8    O O   . SER A 1 50  ? -8.185  -14.554 2.693   1.00 38.24 ? 440 SER A O   1 
ATOM   9    C CB  . SER A 1 50  ? -8.481  -17.793 2.129   1.00 55.39 ? 440 SER A CB  1 
ATOM   10   O OG  . SER A 1 50  ? -8.764  -17.790 3.511   1.00 61.05 ? 440 SER A OG  1 
ATOM   11   N N   . LEU A 1 51  ? -7.041  -15.244 0.816   1.00 39.42 ? 441 LEU A N   1 
ATOM   12   C CA  . LEU A 1 51  ? -6.162  -14.051 0.791   1.00 38.83 ? 441 LEU A CA  1 
ATOM   13   C C   . LEU A 1 51  ? -6.892  -12.736 0.479   1.00 32.37 ? 441 LEU A C   1 
ATOM   14   O O   . LEU A 1 51  ? -6.613  -11.742 1.100   1.00 27.85 ? 441 LEU A O   1 
ATOM   15   C CB  . LEU A 1 51  ? -5.009  -14.150 -0.162  1.00 39.68 ? 441 LEU A CB  1 
ATOM   16   C CG  . LEU A 1 51  ? -3.702  -14.875 0.230   1.00 45.50 ? 441 LEU A CG  1 
ATOM   17   C CD1 . LEU A 1 51  ? -2.696  -14.642 -0.893  1.00 47.20 ? 441 LEU A CD1 1 
ATOM   18   C CD2 . LEU A 1 51  ? -3.148  -14.490 1.604   1.00 38.36 ? 441 LEU A CD2 1 
ATOM   19   N N   . GLN A 1 52  ? -7.739  -12.701 -0.537  1.00 31.57 ? 442 GLN A N   1 
ATOM   20   C CA  . GLN A 1 52  ? -8.510  -11.504 -0.817  1.00 31.58 ? 442 GLN A CA  1 
ATOM   21   C C   . GLN A 1 52  ? -9.329  -11.064 0.359   1.00 26.94 ? 442 GLN A C   1 
ATOM   22   O O   . GLN A 1 52  ? -9.394  -9.876  0.585   1.00 28.26 ? 442 GLN A O   1 
ATOM   23   C CB  . GLN A 1 52  ? -9.330  -11.570 -2.142  1.00 34.79 ? 442 GLN A CB  1 
ATOM   24   C CG  . GLN A 1 52  ? -8.449  -11.372 -3.382  1.00 36.25 ? 442 GLN A CG  1 
ATOM   25   C CD  . GLN A 1 52  ? -7.831  -9.976  -3.514  1.00 40.38 ? 442 GLN A CD  1 
ATOM   26   O OE1 . GLN A 1 52  ? -8.378  -8.949  -3.051  1.00 36.46 ? 442 GLN A OE1 1 
ATOM   27   N NE2 . GLN A 1 52  ? -6.694  -9.927  -4.180  1.00 42.14 ? 442 GLN A NE2 1 
ATOM   28   N N   . ASN A 1 53  ? -9.849  -11.992 1.176   1.00 24.78 ? 443 ASN A N   1 
ATOM   29   C CA  . ASN A 1 53  ? -10.574 -11.659 2.383   1.00 27.51 ? 443 ASN A CA  1 
ATOM   30   C C   . ASN A 1 53  ? -9.672  -10.962 3.388   1.00 24.95 ? 443 ASN A C   1 
ATOM   31   O O   . ASN A 1 53  ? -10.114 -10.032 4.052   1.00 25.04 ? 443 ASN A O   1 
ATOM   32   C CB  . ASN A 1 53  ? -11.258 -12.838 3.074   1.00 33.75 ? 443 ASN A CB  1 
ATOM   33   C CG  . ASN A 1 53  ? -12.478 -13.367 2.282   1.00 44.91 ? 443 ASN A CG  1 
ATOM   34   O OD1 . ASN A 1 53  ? -12.835 -12.825 1.235   1.00 47.87 ? 443 ASN A OD1 1 
ATOM   35   N ND2 . ASN A 1 53  ? -13.097 -14.446 2.779   1.00 49.53 ? 443 ASN A ND2 1 
ATOM   36   N N   . ILE A 1 54  ? -8.443  -11.421 3.496   1.00 24.46 ? 444 ILE A N   1 
ATOM   37   C CA  . ILE A 1 54  ? -7.487  -10.805 4.426   1.00 22.26 ? 444 ILE A CA  1 
ATOM   38   C C   . ILE A 1 54  ? -7.153  -9.355  3.905   1.00 18.06 ? 444 ILE A C   1 
ATOM   39   O O   . ILE A 1 54  ? -7.151  -8.443  4.729   1.00 22.76 ? 444 ILE A O   1 
ATOM   40   C CB  . ILE A 1 54  ? -6.194  -11.654 4.518   1.00 22.99 ? 444 ILE A CB  1 
ATOM   41   C CG1 . ILE A 1 54  ? -6.469  -12.945 5.314   1.00 26.49 ? 444 ILE A CG1 1 
ATOM   42   C CG2 . ILE A 1 54  ? -5.131  -10.899 5.251   1.00 24.79 ? 444 ILE A CG2 1 
ATOM   43   C CD1 . ILE A 1 54  ? -5.368  -13.970 5.082   1.00 31.02 ? 444 ILE A CD1 1 
ATOM   44   N N   . PHE A 1 55  ? -6.933  -9.200  2.615   1.00 17.96 ? 445 PHE A N   1 
ATOM   45   C CA  . PHE A 1 55  ? -6.613  -7.884  2.045   1.00 17.18 ? 445 PHE A CA  1 
ATOM   46   C C   . PHE A 1 55  ? -7.807  -6.934  2.209   1.00 22.07 ? 445 PHE A C   1 
ATOM   47   O O   . PHE A 1 55  ? -7.667  -5.776  2.559   1.00 19.90 ? 445 PHE A O   1 
ATOM   48   C CB  . PHE A 1 55  ? -6.254  -8.035  0.605   1.00 19.37 ? 445 PHE A CB  1 
ATOM   49   C CG  . PHE A 1 55  ? -5.041  -8.888  0.355   1.00 20.57 ? 445 PHE A CG  1 
ATOM   50   C CD1 . PHE A 1 55  ? -3.944  -8.802  1.206   1.00 22.04 ? 445 PHE A CD1 1 
ATOM   51   C CD2 . PHE A 1 55  ? -4.935  -9.634  -0.768  1.00 25.00 ? 445 PHE A CD2 1 
ATOM   52   C CE1 . PHE A 1 55  ? -2.805  -9.571  0.994   1.00 24.11 ? 445 PHE A CE1 1 
ATOM   53   C CE2 . PHE A 1 55  ? -3.807  -10.428 -1.003  1.00 33.75 ? 445 PHE A CE2 1 
ATOM   54   C CZ  . PHE A 1 55  ? -2.730  -10.383 -0.095  1.00 26.78 ? 445 PHE A CZ  1 
ATOM   55   N N   . ARG A 1 56  ? -8.932  -7.471  1.957   1.00 23.36 ? 446 ARG A N   1 
ATOM   56   C CA  . ARG A 1 56  ? -10.122 -6.649  2.150   1.00 23.19 ? 446 ARG A CA  1 
ATOM   57   C C   . ARG A 1 56  ? -10.319 -6.264  3.570   1.00 22.37 ? 446 ARG A C   1 
ATOM   58   O O   . ARG A 1 56  ? -10.484 -5.073  3.896   1.00 24.86 ? 446 ARG A O   1 
ATOM   59   C CB  . ARG A 1 56  ? -11.350 -7.398  1.595   1.00 26.56 ? 446 ARG A CB  1 
ATOM   60   C CG  . ARG A 1 56  ? -12.685 -6.569  1.682   1.00 28.87 ? 446 ARG A CG  1 
ATOM   61   C CD  . ARG A 1 56  ? -13.882 -7.349  1.120   1.00 37.11 ? 446 ARG A CD  1 
ATOM   62   N NE  . ARG A 1 56  ? -14.151 -8.522  1.935   1.00 51.94 ? 446 ARG A NE  1 
ATOM   63   C CZ  . ARG A 1 56  ? -13.858 -9.794  1.602   1.00 61.94 ? 446 ARG A CZ  1 
ATOM   64   N NH1 . ARG A 1 56  ? -13.216 -10.080 0.461   1.00 74.23 ? 446 ARG A NH1 1 
ATOM   65   N NH2 . ARG A 1 56  ? -14.202 -10.795 2.415   1.00 54.43 ? 446 ARG A NH2 1 
ATOM   66   N N   . ALA A 1 57  ? -10.250 -7.109  4.509   1.00 21.41 ? 447 ALA A N   1 
ATOM   67   C CA  . ALA A 1 57  ? -10.369 -6.792  5.908   1.00 25.17 ? 447 ALA A CA  1 
ATOM   68   C C   . ALA A 1 57  ? -9.337  -5.699  6.324   1.00 22.84 ? 447 ALA A C   1 
ATOM   69   O O   . ALA A 1 57  ? -9.656  -4.671  6.973   1.00 21.21 ? 447 ALA A O   1 
ATOM   70   C CB  . ALA A 1 57  ? -10.260 -8.024  6.791   1.00 27.89 ? 447 ALA A CB  1 
ATOM   71   N N   . THR A 1 58  ? -8.086  -5.896  5.982   1.00 19.82 ? 448 THR A N   1 
ATOM   72   C CA  . THR A 1 58  ? -7.024  -4.962  6.401   1.00 19.89 ? 448 THR A CA  1 
ATOM   73   C C   . THR A 1 58  ? -7.218  -3.616  5.730   1.00 19.06 ? 448 THR A C   1 
ATOM   74   O O   . THR A 1 58  ? -7.150  -2.594  6.404   1.00 20.72 ? 448 THR A O   1 
ATOM   75   C CB  . THR A 1 58  ? -5.631  -5.480  6.039   1.00 22.09 ? 448 THR A CB  1 
ATOM   76   O OG1 . THR A 1 58  ? -5.418  -6.686  6.761   1.00 23.28 ? 448 THR A OG1 1 
ATOM   77   C CG2 . THR A 1 58  ? -4.555  -4.464  6.313   1.00 22.90 ? 448 THR A CG2 1 
ATOM   78   N N   . SER A 1 59  ? -7.497  -3.620  4.439   1.00 17.33 ? 449 SER A N   1 
ATOM   79   C CA  A SER A 1 59  ? -7.559  -2.377  3.700   0.50 17.66 ? 449 SER A CA  1 
ATOM   80   C CA  B SER A 1 59  ? -7.570  -2.361  3.710   0.50 18.66 ? 449 SER A CA  1 
ATOM   81   C C   . SER A 1 59  ? -8.745  -1.516  4.204   1.00 18.65 ? 449 SER A C   1 
ATOM   82   O O   . SER A 1 59  ? -8.626  -0.349  4.374   1.00 18.38 ? 449 SER A O   1 
ATOM   83   C CB  A SER A 1 59  ? -7.650  -2.651  2.201   0.50 17.69 ? 449 SER A CB  1 
ATOM   84   C CB  B SER A 1 59  ? -7.672  -2.561  2.202   0.50 19.61 ? 449 SER A CB  1 
ATOM   85   O OG  A SER A 1 59  ? -6.490  -3.364  1.702   0.50 18.40 ? 449 SER A OG  1 
ATOM   86   O OG  B SER A 1 59  ? -8.716  -3.436  1.825   0.50 23.95 ? 449 SER A OG  1 
ATOM   87   N N   . ASP A 1 60  ? -9.891  -2.161  4.426   1.00 18.75 ? 450 ASP A N   1 
ATOM   88   C CA  . ASP A 1 60  ? -11.093 -1.454  4.913   1.00 19.14 ? 450 ASP A CA  1 
ATOM   89   C C   . ASP A 1 60  ? -10.883 -0.966  6.314   1.00 19.97 ? 450 ASP A C   1 
ATOM   90   O O   . ASP A 1 60  ? -11.339 0.147   6.702   1.00 21.02 ? 450 ASP A O   1 
ATOM   91   C CB  . ASP A 1 60  ? -12.343 -2.373  4.850   1.00 19.98 ? 450 ASP A CB  1 
ATOM   92   C CG  . ASP A 1 60  ? -12.805 -2.669  3.496   1.00 20.59 ? 450 ASP A CG  1 
ATOM   93   O OD1 . ASP A 1 60  ? -12.406 -2.084  2.453   1.00 21.48 ? 450 ASP A OD1 1 
ATOM   94   O OD2 . ASP A 1 60  ? -13.643 -3.623  3.441   1.00 24.46 ? 450 ASP A OD2 1 
ATOM   95   N N   . GLU A 1 61  ? -10.189 -1.751  7.122   1.00 20.28 ? 451 GLU A N   1 
ATOM   96   C CA  A GLU A 1 61  ? -9.797  -1.390  8.488   0.50 19.71 ? 451 GLU A CA  1 
ATOM   97   C CA  B GLU A 1 61  ? -9.945  -1.321  8.474   0.50 21.57 ? 451 GLU A CA  1 
ATOM   98   C C   . GLU A 1 61  ? -8.953  -0.123  8.518   1.00 19.24 ? 451 GLU A C   1 
ATOM   99   O O   . GLU A 1 61  ? -9.171  0.796   9.285   1.00 20.07 ? 451 GLU A O   1 
ATOM   100  C CB  A GLU A 1 61  ? -8.974  -2.509  9.182   0.50 20.80 ? 451 GLU A CB  1 
ATOM   101  C CB  B GLU A 1 61  ? -9.564  -2.510  9.383   0.50 25.34 ? 451 GLU A CB  1 
ATOM   102  C CG  A GLU A 1 61  ? -8.545  -2.151  10.607  0.50 22.63 ? 451 GLU A CG  1 
ATOM   103  C CG  B GLU A 1 61  ? -10.362 -2.569  10.712  0.50 29.07 ? 451 GLU A CG  1 
ATOM   104  C CD  A GLU A 1 61  ? -7.673  -3.238  11.237  0.50 27.26 ? 451 GLU A CD  1 
ATOM   105  C CD  B GLU A 1 61  ? -11.763 -1.948  10.644  0.50 31.77 ? 451 GLU A CD  1 
ATOM   106  O OE1 A GLU A 1 61  ? -6.925  -3.973  10.533  0.50 27.16 ? 451 GLU A OE1 1 
ATOM   107  O OE1 B GLU A 1 61  ? -12.750 -2.403  9.854   0.50 22.65 ? 451 GLU A OE1 1 
ATOM   108  O OE2 A GLU A 1 61  ? -7.756  -3.339  12.451  0.50 33.99 ? 451 GLU A OE2 1 
ATOM   109  O OE2 B GLU A 1 61  ? -11.821 -0.966  11.406  0.50 30.07 ? 451 GLU A OE2 1 
ATOM   110  N N   . VAL A 1 62  ? -7.932  -0.100  7.668   1.00 18.29 ? 452 VAL A N   1 
ATOM   111  C CA  . VAL A 1 62  ? -7.061  1.088   7.557   1.00 17.82 ? 452 VAL A CA  1 
ATOM   112  C C   . VAL A 1 62  ? -7.860  2.320   7.186   1.00 17.34 ? 452 VAL A C   1 
ATOM   113  O O   . VAL A 1 62  ? -7.685  3.439   7.776   1.00 20.33 ? 452 VAL A O   1 
ATOM   114  C CB  . VAL A 1 62  ? -5.935  0.861   6.573   1.00 16.19 ? 452 VAL A CB  1 
ATOM   115  C CG1 . VAL A 1 62  ? -5.125  2.121   6.335   1.00 17.77 ? 452 VAL A CG1 1 
ATOM   116  C CG2 . VAL A 1 62  ? -4.954  -0.190  7.087   1.00 19.70 ? 452 VAL A CG2 1 
ATOM   117  N N   . ARG A 1 63  ? -8.700  2.167   6.161   1.00 15.86 ? 453 ARG A N   1 
ATOM   118  C CA  . ARG A 1 63  ? -9.407  3.284   5.606   1.00 16.84 ? 453 ARG A CA  1 
ATOM   119  C C   . ARG A 1 63  ? -10.337 3.811   6.715   1.00 19.84 ? 453 ARG A C   1 
ATOM   120  O O   . ARG A 1 63  ? -10.463 5.009   6.885   1.00 21.67 ? 453 ARG A O   1 
ATOM   121  C CB  . ARG A 1 63  ? -10.205 2.907   4.345   1.00 18.14 ? 453 ARG A CB  1 
ATOM   122  C CG  . ARG A 1 63  ? -10.817 4.142   3.708   1.00 19.70 ? 453 ARG A CG  1 
ATOM   123  C CD  . ARG A 1 63  ? -11.221 3.989   2.241   1.00 18.99 ? 453 ARG A CD  1 
ATOM   124  N NE  . ARG A 1 63  ? -12.252 2.991   2.079   1.00 16.91 ? 453 ARG A NE  1 
ATOM   125  C CZ  . ARG A 1 63  ? -13.572 3.213   2.160   1.00 19.75 ? 453 ARG A CZ  1 
ATOM   126  N NH1 . ARG A 1 63  ? -14.033 4.372   2.542   1.00 20.75 ? 453 ARG A NH1 1 
ATOM   127  N NH2 . ARG A 1 63  ? -14.407 2.171   1.973   1.00 24.33 ? 453 ARG A NH2 1 
ATOM   128  N N   . HIS A 1 64  ? -10.944 2.879   7.438   1.00 19.50 ? 454 HIS A N   1 
ATOM   129  C CA  . HIS A 1 64  ? -11.866 3.212   8.537   1.00 24.16 ? 454 HIS A CA  1 
ATOM   130  C C   . HIS A 1 64  ? -11.133 3.945   9.699   1.00 25.23 ? 454 HIS A C   1 
ATOM   131  O O   . HIS A 1 64  ? -11.522 5.023   10.137  1.00 23.12 ? 454 HIS A O   1 
ATOM   132  C CB  . HIS A 1 64  ? -12.590 1.937   8.951   1.00 25.40 ? 454 HIS A CB  1 
ATOM   133  C CG  . HIS A 1 64  ? -13.549 2.136   10.072  1.00 29.80 ? 454 HIS A CG  1 
ATOM   134  N ND1 . HIS A 1 64  ? -13.459 1.458   11.268  1.00 34.52 ? 454 HIS A ND1 1 
ATOM   135  C CD2 . HIS A 1 64  ? -14.614 2.959   10.179  1.00 35.35 ? 454 HIS A CD2 1 
ATOM   136  C CE1 . HIS A 1 64  ? -14.437 1.858   12.068  1.00 35.18 ? 454 HIS A CE1 1 
ATOM   137  N NE2 . HIS A 1 64  ? -15.121 2.797   11.446  1.00 41.29 ? 454 HIS A NE2 1 
ATOM   138  N N   . LEU A 1 65  ? -10.011 3.395   10.125  1.00 20.58 ? 455 LEU A N   1 
ATOM   139  C CA  . LEU A 1 65  ? -9.264  3.921   11.226  1.00 21.81 ? 455 LEU A CA  1 
ATOM   140  C C   . LEU A 1 65  ? -8.594  5.239   10.947  1.00 21.65 ? 455 LEU A C   1 
ATOM   141  O O   . LEU A 1 65  ? -8.539  6.111   11.824  1.00 21.55 ? 455 LEU A O   1 
ATOM   142  C CB  . LEU A 1 65  ? -8.205  2.890   11.704  1.00 23.84 ? 455 LEU A CB  1 
ATOM   143  C CG  . LEU A 1 65  ? -8.701  1.606   12.419  1.00 27.70 ? 455 LEU A CG  1 
ATOM   144  C CD1 . LEU A 1 65  ? -7.543  0.637   12.717  1.00 29.72 ? 455 LEU A CD1 1 
ATOM   145  C CD2 . LEU A 1 65  ? -9.541  1.878   13.711  1.00 32.64 ? 455 LEU A CD2 1 
ATOM   146  N N   . LEU A 1 66  ? -8.039  5.420   9.740   1.00 19.30 ? 456 LEU A N   1 
ATOM   147  C CA  . LEU A 1 66  ? -7.313  6.624   9.432   1.00 20.85 ? 456 LEU A CA  1 
ATOM   148  C C   . LEU A 1 66  ? -8.248  7.656   8.742   1.00 22.47 ? 456 LEU A C   1 
ATOM   149  O O   . LEU A 1 66  ? -7.857  8.753   8.582   1.00 22.30 ? 456 LEU A O   1 
ATOM   150  C CB  . LEU A 1 66  ? -6.154  6.320   8.490   1.00 22.33 ? 456 LEU A CB  1 
ATOM   151  C CG  . LEU A 1 66  ? -5.057  5.444   9.065   1.00 23.53 ? 456 LEU A CG  1 
ATOM   152  C CD1 . LEU A 1 66  ? -3.976  5.283   8.045   1.00 23.13 ? 456 LEU A CD1 1 
ATOM   153  C CD2 . LEU A 1 66  ? -4.563  6.070   10.361  1.00 26.04 ? 456 LEU A CD2 1 
ATOM   154  N N   . SER A 1 67  ? -9.441  7.275   8.370   1.00 19.59 ? 457 SER A N   1 
ATOM   155  C CA  A SER A 1 67  ? -10.355 8.134   7.609   0.50 22.50 ? 457 SER A CA  1 
ATOM   156  C CA  B SER A 1 67  ? -10.347 8.172   7.612   0.50 21.90 ? 457 SER A CA  1 
ATOM   157  C C   . SER A 1 67  ? -9.599  8.763   6.420   1.00 21.92 ? 457 SER A C   1 
ATOM   158  O O   . SER A 1 67  ? -9.733  9.985   6.116   1.00 25.43 ? 457 SER A O   1 
ATOM   159  C CB  A SER A 1 67  ? -10.988 9.193   8.536   0.50 24.95 ? 457 SER A CB  1 
ATOM   160  C CB  B SER A 1 67  ? -10.888 9.334   8.485   0.50 23.56 ? 457 SER A CB  1 
ATOM   161  O OG  A SER A 1 67  ? -12.282 9.520   8.094   0.50 23.72 ? 457 SER A OG  1 
ATOM   162  O OG  B SER A 1 67  ? -11.657 8.847   9.557   0.50 20.38 ? 457 SER A OG  1 
ATOM   163  N N   . CYS A 1 68  ? -8.793  7.938   5.742   1.00 18.55 ? 458 CYS A N   1 
ATOM   164  C CA  . CYS A 1 68  ? -8.177  8.298   4.481   1.00 16.45 ? 458 CYS A CA  1 
ATOM   165  C C   . CYS A 1 68  ? -9.161  7.966   3.336   1.00 16.54 ? 458 CYS A C   1 
ATOM   166  O O   . CYS A 1 68  ? -10.269 7.406   3.532   1.00 18.24 ? 458 CYS A O   1 
ATOM   167  C CB  . CYS A 1 68  ? -6.810  7.612   4.301   1.00 18.47 ? 458 CYS A CB  1 
ATOM   168  S SG  . CYS A 1 68  ? -6.866  5.845   4.320   1.00 18.45 ? 458 CYS A SG  1 
ATOM   169  N N   . ASP A 1 69  ? -8.789  8.370   2.146   1.00 18.04 ? 459 ASP A N   1 
ATOM   170  C CA  . ASP A 1 69  ? -9.672  8.207   1.005   1.00 16.71 ? 459 ASP A CA  1 
ATOM   171  C C   . ASP A 1 69  ? -9.492  6.914   0.257   1.00 17.29 ? 459 ASP A C   1 
ATOM   172  O O   . ASP A 1 69  ? -10.426 6.357   -0.282  1.00 18.17 ? 459 ASP A O   1 
ATOM   173  C CB  . ASP A 1 69  ? -9.428  9.367   0.050   1.00 17.03 ? 459 ASP A CB  1 
ATOM   174  C CG  . ASP A 1 69  ? -9.849  10.687  0.654   1.00 20.28 ? 459 ASP A CG  1 
ATOM   175  O OD1 . ASP A 1 69  ? -10.934 10.722  1.196   1.00 20.08 ? 459 ASP A OD1 1 
ATOM   176  O OD2 . ASP A 1 69  ? -9.127  11.648  0.502   1.00 17.96 ? 459 ASP A OD2 1 
ATOM   177  N N   . ARG A 1 70  ? -8.262  6.393   0.260   1.00 16.60 ? 460 ARG A N   1 
ATOM   178  C CA  . ARG A 1 70  ? -7.954  5.183   -0.480  1.00 16.84 ? 460 ARG A CA  1 
ATOM   179  C C   . ARG A 1 70  ? -6.814  4.408   0.259   1.00 16.19 ? 460 ARG A C   1 
ATOM   180  O O   . ARG A 1 70  ? -5.984  5.015   0.951   1.00 14.27 ? 460 ARG A O   1 
ATOM   181  C CB  . ARG A 1 70  ? -7.456  5.461   -1.900  1.00 18.39 ? 460 ARG A CB  1 
ATOM   182  C CG  . ARG A 1 70  ? -7.426  4.237   -2.831  1.00 19.22 ? 460 ARG A CG  1 
ATOM   183  C CD  . ARG A 1 70  ? -6.712  4.336   -4.182  1.00 18.21 ? 460 ARG A CD  1 
ATOM   184  N NE  . ARG A 1 70  ? -6.717  5.643   -4.864  1.00 20.96 ? 460 ARG A NE  1 
ATOM   185  C CZ  . ARG A 1 70  ? -7.684  6.020   -5.704  1.00 19.81 ? 460 ARG A CZ  1 
ATOM   186  N NH1 . ARG A 1 70  ? -7.587  7.194   -6.268  1.00 20.61 ? 460 ARG A NH1 1 
ATOM   187  N NH2 . ARG A 1 70  ? -8.677  5.190   -6.026  1.00 18.91 ? 460 ARG A NH2 1 
ATOM   188  N N   . VAL A 1 71  ? -6.948  3.098   0.257   1.00 15.08 ? 461 VAL A N   1 
ATOM   189  C CA  . VAL A 1 71  ? -5.876  2.174   0.760   1.00 16.82 ? 461 VAL A CA  1 
ATOM   190  C C   . VAL A 1 71  ? -5.547  1.214   -0.334  1.00 16.66 ? 461 VAL A C   1 
ATOM   191  O O   . VAL A 1 71  ? -6.471  0.622   -0.974  1.00 17.00 ? 461 VAL A O   1 
ATOM   192  C CB  . VAL A 1 71  ? -6.360  1.471   2.032   1.00 15.69 ? 461 VAL A CB  1 
ATOM   193  C CG1 . VAL A 1 71  ? -5.316  0.492   2.527   1.00 16.74 ? 461 VAL A CG1 1 
ATOM   194  C CG2 . VAL A 1 71  ? -6.678  2.501   3.105   1.00 16.13 ? 461 VAL A CG2 1 
ATOM   195  N N   . LEU A 1 72  ? -4.248  0.940   -0.512  1.00 15.75 ? 462 LEU A N   1 
ATOM   196  C CA  . LEU A 1 72  ? -3.812  0.024   -1.523  1.00 15.10 ? 462 LEU A CA  1 
ATOM   197  C C   . LEU A 1 72  ? -2.832  -1.022  -0.947  1.00 17.86 ? 462 LEU A C   1 
ATOM   198  O O   . LEU A 1 72  ? -2.048  -0.672  -0.034  1.00 16.70 ? 462 LEU A O   1 
ATOM   199  C CB  . LEU A 1 72  ? -3.190  0.727   -2.650  1.00 17.67 ? 462 LEU A CB  1 
ATOM   200  C CG  . LEU A 1 72  ? -4.051  1.661   -3.525  1.00 17.05 ? 462 LEU A CG  1 
ATOM   201  C CD1 . LEU A 1 72  ? -3.174  2.527   -4.342  1.00 18.77 ? 462 LEU A CD1 1 
ATOM   202  C CD2 . LEU A 1 72  ? -5.029  0.851   -4.289  1.00 15.91 ? 462 LEU A CD2 1 
ATOM   203  N N   . VAL A 1 73  ? -2.987  -2.286  -1.415  1.00 17.66 ? 463 VAL A N   1 
ATOM   204  C CA  . VAL A 1 73  ? -2.000  -3.349  -1.134  1.00 17.41 ? 463 VAL A CA  1 
ATOM   205  C C   . VAL A 1 73  ? -1.242  -3.581  -2.428  1.00 18.27 ? 463 VAL A C   1 
ATOM   206  O O   . VAL A 1 73  ? -1.841  -3.841  -3.483  1.00 18.95 ? 463 VAL A O   1 
ATOM   207  C CB  . VAL A 1 73  ? -2.719  -4.617  -0.632  1.00 19.67 ? 463 VAL A CB  1 
ATOM   208  C CG1 . VAL A 1 73  ? -1.725  -5.726  -0.324  1.00 21.95 ? 463 VAL A CG1 1 
ATOM   209  C CG2 . VAL A 1 73  ? -3.579  -4.324  0.592   1.00 20.29 ? 463 VAL A CG2 1 
ATOM   210  N N   . TYR A 1 74  ? 0.073   -3.435  -2.374  1.00 18.91 ? 464 TYR A N   1 
ATOM   211  C CA  . TYR A 1 74  ? 0.933   -3.610  -3.519  1.00 17.76 ? 464 TYR A CA  1 
ATOM   212  C C   . TYR A 1 74  ? 1.903   -4.756  -3.226  1.00 19.45 ? 464 TYR A C   1 
ATOM   213  O O   . TYR A 1 74  ? 2.527   -4.734  -2.136  1.00 18.98 ? 464 TYR A O   1 
ATOM   214  C CB  . TYR A 1 74  ? 1.698   -2.333  -3.647  1.00 18.39 ? 464 TYR A CB  1 
ATOM   215  C CG  . TYR A 1 74  ? 2.699   -2.253  -4.790  1.00 20.67 ? 464 TYR A CG  1 
ATOM   216  C CD1 . TYR A 1 74  ? 2.263   -1.888  -6.093  1.00 24.97 ? 464 TYR A CD1 1 
ATOM   217  C CD2 . TYR A 1 74  ? 4.077   -2.420  -4.573  1.00 22.82 ? 464 TYR A CD2 1 
ATOM   218  C CE1 . TYR A 1 74  ? 3.177   -1.718  -7.125  1.00 24.82 ? 464 TYR A CE1 1 
ATOM   219  C CE2 . TYR A 1 74  ? 4.979   -2.318  -5.641  1.00 24.00 ? 464 TYR A CE2 1 
ATOM   220  C CZ  . TYR A 1 74  ? 4.493   -1.939  -6.899  1.00 26.93 ? 464 TYR A CZ  1 
ATOM   221  O OH  . TYR A 1 74  ? 5.374   -1.781  -7.944  1.00 27.53 ? 464 TYR A OH  1 
ATOM   222  N N   . ARG A 1 75  ? 1.992   -5.721  -4.130  1.00 18.22 ? 465 ARG A N   1 
ATOM   223  C CA  . ARG A 1 75  ? 2.827   -6.915  -3.908  1.00 18.94 ? 465 ARG A CA  1 
ATOM   224  C C   . ARG A 1 75  ? 3.998   -6.888  -4.845  1.00 18.52 ? 465 ARG A C   1 
ATOM   225  O O   . ARG A 1 75  ? 3.832   -6.697  -6.070  1.00 19.53 ? 465 ARG A O   1 
ATOM   226  C CB  . ARG A 1 75  ? 1.982   -8.151  -4.101  1.00 20.75 ? 465 ARG A CB  1 
ATOM   227  C CG  . ARG A 1 75  ? 2.722   -9.477  -3.878  1.00 22.02 ? 465 ARG A CG  1 
ATOM   228  C CD  . ARG A 1 75  ? 1.901   -10.729 -4.197  1.00 27.07 ? 465 ARG A CD  1 
ATOM   229  N NE  . ARG A 1 75  ? 1.581   -10.661 -5.624  1.00 30.37 ? 465 ARG A NE  1 
ATOM   230  C CZ  . ARG A 1 75  ? 0.474   -11.124 -6.219  1.00 39.90 ? 465 ARG A CZ  1 
ATOM   231  N NH1 . ARG A 1 75  ? -0.452  -11.798 -5.539  1.00 40.69 ? 465 ARG A NH1 1 
ATOM   232  N NH2 . ARG A 1 75  ? 0.312   -10.890 -7.531  1.00 37.20 ? 465 ARG A NH2 1 
ATOM   233  N N   . PHE A 1 76  ? 5.176   -7.088  -4.309  1.00 16.83 ? 466 PHE A N   1 
ATOM   234  C CA  . PHE A 1 76  ? 6.383   -7.132  -5.153  1.00 18.34 ? 466 PHE A CA  1 
ATOM   235  C C   . PHE A 1 76  ? 6.487   -8.460  -5.919  1.00 22.49 ? 466 PHE A C   1 
ATOM   236  O O   . PHE A 1 76  ? 6.125   -9.587  -5.428  1.00 20.13 ? 466 PHE A O   1 
ATOM   237  C CB  . PHE A 1 76  ? 7.639   -6.954  -4.331  1.00 19.54 ? 466 PHE A CB  1 
ATOM   238  C CG  . PHE A 1 76  ? 7.864   -5.598  -3.815  1.00 19.07 ? 466 PHE A CG  1 
ATOM   239  C CD1 . PHE A 1 76  ? 8.099   -4.571  -4.696  1.00 21.19 ? 466 PHE A CD1 1 
ATOM   240  C CD2 . PHE A 1 76  ? 7.800   -5.311  -2.466  1.00 17.09 ? 466 PHE A CD2 1 
ATOM   241  C CE1 . PHE A 1 76  ? 8.347   -3.289  -4.216  1.00 21.02 ? 466 PHE A CE1 1 
ATOM   242  C CE2 . PHE A 1 76  ? 8.023   -4.052  -1.990  1.00 18.94 ? 466 PHE A CE2 1 
ATOM   243  C CZ  . PHE A 1 76  ? 8.304   -3.016  -2.870  1.00 19.33 ? 466 PHE A CZ  1 
ATOM   244  N N   . ASN A 1 77  ? 6.891   -8.303  -7.172  1.00 21.84 ? 467 ASN A N   1 
ATOM   245  C CA  . ASN A 1 77  ? 7.279   -9.436  -7.990  1.00 24.37 ? 467 ASN A CA  1 
ATOM   246  C C   . ASN A 1 77  ? 8.719   -9.781  -7.677  1.00 21.29 ? 467 ASN A C   1 
ATOM   247  O O   . ASN A 1 77  ? 9.485   -8.982  -7.105  1.00 20.14 ? 467 ASN A O   1 
ATOM   248  C CB  . ASN A 1 77  ? 7.102   -9.080  -9.460  1.00 24.73 ? 467 ASN A CB  1 
ATOM   249  C CG  . ASN A 1 77  ? 5.651   -8.890  -9.837  1.00 25.45 ? 467 ASN A CG  1 
ATOM   250  O OD1 . ASN A 1 77  ? 4.778   -9.671  -9.431  1.00 24.83 ? 467 ASN A OD1 1 
ATOM   251  N ND2 . ASN A 1 77  ? 5.397   -7.932  -10.716 1.00 27.95 ? 467 ASN A ND2 1 
ATOM   252  N N   . PRO A 1 78  ? 9.175   -10.938 -8.212  1.00 23.79 ? 468 PRO A N   1 
ATOM   253  C CA  . PRO A 1 78  ? 10.604  -11.305 -8.024  1.00 24.87 ? 468 PRO A CA  1 
ATOM   254  C C   . PRO A 1 78  ? 11.605  -10.242 -8.468  1.00 24.51 ? 468 PRO A C   1 
ATOM   255  O O   . PRO A 1 78  ? 12.552  -10.027 -7.765  1.00 24.51 ? 468 PRO A O   1 
ATOM   256  C CB  . PRO A 1 78  ? 10.744  -12.608 -8.827  1.00 24.84 ? 468 PRO A CB  1 
ATOM   257  C CG  . PRO A 1 78  ? 9.403   -13.208 -8.722  1.00 25.86 ? 468 PRO A CG  1 
ATOM   258  C CD  . PRO A 1 78  ? 8.425   -12.039 -8.843  1.00 23.47 ? 468 PRO A CD  1 
ATOM   259  N N   . ASP A 1 79  ? 11.320  -9.538  -9.550  1.00 25.60 ? 469 ASP A N   1 
ATOM   260  C CA  . ASP A 1 79  ? 12.292  -8.511  -10.059 1.00 30.96 ? 469 ASP A CA  1 
ATOM   261  C C   . ASP A 1 79  ? 12.044  -7.161  -9.449  1.00 28.12 ? 469 ASP A C   1 
ATOM   262  O O   . ASP A 1 79  ? 12.630  -6.143  -9.888  1.00 28.50 ? 469 ASP A O   1 
ATOM   263  C CB  . ASP A 1 79  ? 12.242  -8.356  -11.613 1.00 31.49 ? 469 ASP A CB  1 
ATOM   264  C CG  . ASP A 1 79  ? 10.908  -7.865  -12.128 1.00 35.47 ? 469 ASP A CG  1 
ATOM   265  O OD1 . ASP A 1 79  ? 9.931   -7.531  -11.386 1.00 28.26 ? 469 ASP A OD1 1 
ATOM   266  O OD2 . ASP A 1 79  ? 10.728  -7.873  -13.366 1.00 35.59 ? 469 ASP A OD2 1 
ATOM   267  N N   . TRP A 1 80  ? 11.223  -7.108  -8.383  1.00 27.54 ? 470 TRP A N   1 
ATOM   268  C CA  . TRP A 1 80  ? 10.947  -5.867  -7.681  1.00 24.84 ? 470 TRP A CA  1 
ATOM   269  C C   . TRP A 1 80  ? 10.139  -4.816  -8.383  1.00 26.55 ? 470 TRP A C   1 
ATOM   270  O O   . TRP A 1 80  ? 9.844   -3.752  -7.776  1.00 26.44 ? 470 TRP A O   1 
ATOM   271  C CB  . TRP A 1 80  ? 12.224  -5.283  -7.033  1.00 26.23 ? 470 TRP A CB  1 
ATOM   272  C CG  . TRP A 1 80  ? 12.886  -6.129  -6.084  1.00 26.06 ? 470 TRP A CG  1 
ATOM   273  C CD1 . TRP A 1 80  ? 14.014  -6.917  -6.354  1.00 27.60 ? 470 TRP A CD1 1 
ATOM   274  C CD2 . TRP A 1 80  ? 12.497  -6.431  -4.733  1.00 26.68 ? 470 TRP A CD2 1 
ATOM   275  N NE1 . TRP A 1 80  ? 14.318  -7.650  -5.259  1.00 32.17 ? 470 TRP A NE1 1 
ATOM   276  C CE2 . TRP A 1 80  ? 13.427  -7.354  -4.232  1.00 26.84 ? 470 TRP A CE2 1 
ATOM   277  C CE3 . TRP A 1 80  ? 11.412  -6.035  -3.901  1.00 23.68 ? 470 TRP A CE3 1 
ATOM   278  C CZ2 . TRP A 1 80  ? 13.328  -7.897  -2.953  1.00 26.80 ? 470 TRP A CZ2 1 
ATOM   279  C CZ3 . TRP A 1 80  ? 11.382  -6.500  -2.627  1.00 22.41 ? 470 TRP A CZ3 1 
ATOM   280  C CH2 . TRP A 1 80  ? 12.296  -7.442  -2.146  1.00 26.45 ? 470 TRP A CH2 1 
ATOM   281  N N   . SER A 1 81  ? 9.620   -5.130  -9.571  1.00 26.95 ? 471 SER A N   1 
ATOM   282  C CA  . SER A 1 81  ? 8.378   -4.559  -10.018 1.00 26.99 ? 471 SER A CA  1 
ATOM   283  C C   . SER A 1 81  ? 7.276   -5.063  -9.072  1.00 23.73 ? 471 SER A C   1 
ATOM   284  O O   . SER A 1 81  ? 7.574   -5.848  -8.155  1.00 21.00 ? 471 SER A O   1 
ATOM   285  C CB  . SER A 1 81  ? 8.052   -4.974  -11.472 1.00 28.01 ? 471 SER A CB  1 
ATOM   286  O OG  . SER A 1 81  ? 7.662   -6.370  -11.630 1.00 28.71 ? 471 SER A OG  1 
ATOM   287  N N   . GLY A 1 82  ? 6.051   -4.581  -9.246  1.00 24.82 ? 472 GLY A N   1 
ATOM   288  C CA  . GLY A 1 82  ? 4.972   -4.918  -8.327  1.00 27.46 ? 472 GLY A CA  1 
ATOM   289  C C   . GLY A 1 82  ? 3.631   -4.739  -8.955  1.00 30.03 ? 472 GLY A C   1 
ATOM   290  O O   . GLY A 1 82  ? 3.540   -4.297  -10.098 1.00 29.56 ? 472 GLY A O   1 
ATOM   291  N N   . GLU A 1 83  ? 2.613   -5.231  -8.301  1.00 24.10 ? 473 GLU A N   1 
ATOM   292  C CA  . GLU A 1 83  ? 1.261   -5.263  -8.808  1.00 30.00 ? 473 GLU A CA  1 
ATOM   293  C C   . GLU A 1 83  ? 0.344   -4.810  -7.658  1.00 28.39 ? 473 GLU A C   1 
ATOM   294  O O   . GLU A 1 83  ? 0.518   -5.241  -6.550  1.00 21.51 ? 473 GLU A O   1 
ATOM   295  C CB  . GLU A 1 83  ? 0.951   -6.717  -9.173  1.00 32.67 ? 473 GLU A CB  1 
ATOM   296  C CG  . GLU A 1 83  ? -0.446  -7.095  -9.554  1.00 44.05 ? 473 GLU A CG  1 
ATOM   297  C CD  . GLU A 1 83  ? -0.522  -8.484  -10.191 1.00 52.53 ? 473 GLU A CD  1 
ATOM   298  O OE1 . GLU A 1 83  ? 0.577   -9.007  -10.535 1.00 49.60 ? 473 GLU A OE1 1 
ATOM   299  O OE2 . GLU A 1 83  ? -1.678  -9.029  -10.353 1.00 51.15 ? 473 GLU A OE2 1 
ATOM   300  N N   . PHE A 1 84  ? -0.648  -3.966  -7.940  1.00 26.10 ? 474 PHE A N   1 
ATOM   301  C CA  . PHE A 1 84  ? -1.743  -3.797  -6.936  1.00 22.74 ? 474 PHE A CA  1 
ATOM   302  C C   . PHE A 1 84  ? -2.590  -4.982  -6.877  1.00 24.92 ? 474 PHE A C   1 
ATOM   303  O O   . PHE A 1 84  ? -3.045  -5.518  -7.900  1.00 27.16 ? 474 PHE A O   1 
ATOM   304  C CB  . PHE A 1 84  ? -2.557  -2.528  -7.269  1.00 22.74 ? 474 PHE A CB  1 
ATOM   305  C CG  . PHE A 1 84  ? -1.791  -1.304  -7.070  1.00 22.89 ? 474 PHE A CG  1 
ATOM   306  C CD1 . PHE A 1 84  ? -1.440  -0.901  -5.794  1.00 22.84 ? 474 PHE A CD1 1 
ATOM   307  C CD2 . PHE A 1 84  ? -1.419  -0.526  -8.131  1.00 29.43 ? 474 PHE A CD2 1 
ATOM   308  C CE1 . PHE A 1 84  ? -0.715  0.240   -5.597  1.00 26.52 ? 474 PHE A CE1 1 
ATOM   309  C CE2 . PHE A 1 84  ? -0.703  0.631   -7.924  1.00 30.68 ? 474 PHE A CE2 1 
ATOM   310  C CZ  . PHE A 1 84  ? -0.325  1.000   -6.674  1.00 27.08 ? 474 PHE A CZ  1 
ATOM   311  N N   . ILE A 1 85  ? -2.863  -5.481  -5.714  1.00 21.52 ? 475 ILE A N   1 
ATOM   312  C CA  . ILE A 1 85  ? -3.750  -6.555  -5.610  1.00 26.05 ? 475 ILE A CA  1 
ATOM   313  C C   . ILE A 1 85  ? -5.005  -6.321  -4.799  1.00 20.95 ? 475 ILE A C   1 
ATOM   314  O O   . ILE A 1 85  ? -5.876  -7.159  -4.724  1.00 22.43 ? 475 ILE A O   1 
ATOM   315  C CB  . ILE A 1 85  ? -3.036  -7.799  -5.131  1.00 28.88 ? 475 ILE A CB  1 
ATOM   316  C CG1 . ILE A 1 85  ? -2.559  -7.628  -3.705  1.00 26.75 ? 475 ILE A CG1 1 
ATOM   317  C CG2 . ILE A 1 85  ? -1.885  -8.177  -6.055  1.00 29.43 ? 475 ILE A CG2 1 
ATOM   318  C CD1 . ILE A 1 85  ? -1.865  -8.901  -3.328  1.00 30.86 ? 475 ILE A CD1 1 
ATOM   319  N N   . HIS A 1 86  ? -5.098  -5.187  -4.142  1.00 24.23 ? 476 HIS A N   1 
ATOM   320  C CA  . HIS A 1 86  ? -6.348  -4.780  -3.456  1.00 19.98 ? 476 HIS A CA  1 
ATOM   321  C C   . HIS A 1 86  ? -6.436  -3.269  -3.258  1.00 19.48 ? 476 HIS A C   1 
ATOM   322  O O   . HIS A 1 86  ? -5.446  -2.523  -3.044  1.00 17.89 ? 476 HIS A O   1 
ATOM   323  C CB  . HIS A 1 86  ? -6.523  -5.451  -2.109  1.00 20.77 ? 476 HIS A CB  1 
ATOM   324  C CG  . HIS A 1 86  ? -7.901  -5.417  -1.616  1.00 21.62 ? 476 HIS A CG  1 
ATOM   325  N ND1 . HIS A 1 86  ? -8.810  -6.413  -1.885  1.00 25.77 ? 476 HIS A ND1 1 
ATOM   326  C CD2 . HIS A 1 86  ? -8.563  -4.492  -0.898  1.00 22.44 ? 476 HIS A CD2 1 
ATOM   327  C CE1 . HIS A 1 86  ? -9.964  -6.110  -1.319  1.00 24.88 ? 476 HIS A CE1 1 
ATOM   328  N NE2 . HIS A 1 86  ? -9.848  -4.934  -0.761  1.00 25.23 ? 476 HIS A NE2 1 
ATOM   329  N N   . GLU A 1 87  ? -7.690  -2.795  -3.297  1.00 18.36 ? 477 GLU A N   1 
ATOM   330  C CA  . GLU A 1 87  ? -7.994  -1.390  -3.060  1.00 18.98 ? 477 GLU A CA  1 
ATOM   331  C C   . GLU A 1 87  ? -9.214  -1.317  -2.184  1.00 17.86 ? 477 GLU A C   1 
ATOM   332  O O   . GLU A 1 87  ? -10.210 -2.045  -2.388  1.00 20.02 ? 477 GLU A O   1 
ATOM   333  C CB  . GLU A 1 87  ? -8.335  -0.697  -4.452  1.00 20.69 ? 477 GLU A CB  1 
ATOM   334  C CG  . GLU A 1 87  ? -8.876  0.718   -4.326  1.00 19.05 ? 477 GLU A CG  1 
ATOM   335  C CD  . GLU A 1 87  ? -9.250  1.273   -5.678  1.00 20.24 ? 477 GLU A CD  1 
ATOM   336  O OE1 . GLU A 1 87  ? -9.879  0.558   -6.482  1.00 21.21 ? 477 GLU A OE1 1 
ATOM   337  O OE2 . GLU A 1 87  ? -8.903  2.398   -5.923  1.00 18.93 ? 477 GLU A OE2 1 
ATOM   338  N N   . SER A 1 88  ? -9.187  -0.402  -1.233  1.00 15.36 ? 478 SER A N   1 
ATOM   339  C CA  . SER A 1 88  ? -10.409 0.054   -0.494  1.00 15.43 ? 478 SER A CA  1 
ATOM   340  C C   . SER A 1 88  ? -10.489 1.536   -0.778  1.00 17.22 ? 478 SER A C   1 
ATOM   341  O O   . SER A 1 88  ? -9.567  2.320   -0.547  1.00 17.30 ? 478 SER A O   1 
ATOM   342  C CB  . SER A 1 88  ? -10.300 -0.287  0.958   1.00 16.28 ? 478 SER A CB  1 
ATOM   343  O OG  . SER A 1 88  ? -11.404 0.198   1.723   1.00 16.93 ? 478 SER A OG  1 
ATOM   344  N N   . VAL A 1 89  ? -11.652 2.003   -1.287  1.00 16.69 ? 479 VAL A N   1 
ATOM   345  C CA  . VAL A 1 89  ? -11.684 3.386   -1.735  1.00 15.56 ? 479 VAL A CA  1 
ATOM   346  C C   . VAL A 1 89  ? -13.127 3.927   -1.375  1.00 14.56 ? 479 VAL A C   1 
ATOM   347  O O   . VAL A 1 89  ? -14.132 3.126   -1.474  1.00 16.93 ? 479 VAL A O   1 
ATOM   348  C CB  . VAL A 1 89  ? -11.417 3.562   -3.250  1.00 17.36 ? 479 VAL A CB  1 
ATOM   349  C CG1 . VAL A 1 89  ? -12.325 2.756   -4.170  1.00 19.79 ? 479 VAL A CG1 1 
ATOM   350  C CG2 . VAL A 1 89  ? -11.312 5.038   -3.566  1.00 18.95 ? 479 VAL A CG2 1 
ATOM   351  N N   . ALA A 1 90  ? -13.192 5.131   -0.898  1.00 15.46 ? 480 ALA A N   1 
ATOM   352  C CA  . ALA A 1 90  ? -14.506 5.790   -0.620  1.00 16.77 ? 480 ALA A CA  1 
ATOM   353  C C   . ALA A 1 90  ? -15.217 6.020   -1.986  1.00 17.64 ? 480 ALA A C   1 
ATOM   354  O O   . ALA A 1 90  ? -14.567 6.182   -3.034  1.00 19.21 ? 480 ALA A O   1 
ATOM   355  C CB  . ALA A 1 90  ? -14.351 7.097   0.139   1.00 17.74 ? 480 ALA A CB  1 
ATOM   356  N N   . GLN A 1 91  ? -16.535 5.942   -1.949  1.00 17.12 ? 481 GLN A N   1 
ATOM   357  C CA  . GLN A 1 91  ? -17.313 5.832   -3.200  1.00 19.15 ? 481 GLN A CA  1 
ATOM   358  C C   . GLN A 1 91  ? -17.135 7.115   -4.044  1.00 18.44 ? 481 GLN A C   1 
ATOM   359  O O   . GLN A 1 91  ? -17.380 7.091   -5.308  1.00 17.77 ? 481 GLN A O   1 
ATOM   360  C CB  . GLN A 1 91  ? -18.812 5.630   -2.961  1.00 20.59 ? 481 GLN A CB  1 
ATOM   361  C CG  . GLN A 1 91  ? -19.438 6.814   -2.338  1.00 22.53 ? 481 GLN A CG  1 
ATOM   362  C CD  . GLN A 1 91  ? -20.938 6.535   -2.026  1.00 24.00 ? 481 GLN A CD  1 
ATOM   363  O OE1 . GLN A 1 91  ? -21.744 6.256   -2.894  1.00 23.16 ? 481 GLN A OE1 1 
ATOM   364  N NE2 . GLN A 1 91  ? -21.261 6.700   -0.804  1.00 23.14 ? 481 GLN A NE2 1 
ATOM   365  N N   . MET A 1 92  ? -16.830 8.241   -3.399  1.00 16.66 ? 482 MET A N   1 
ATOM   366  C CA  . MET A 1 92  ? -16.684 9.527   -4.147  1.00 18.16 ? 482 MET A CA  1 
ATOM   367  C C   . MET A 1 92  ? -15.546 9.662   -5.167  1.00 18.41 ? 482 MET A C   1 
ATOM   368  O O   . MET A 1 92  ? -15.443 10.637  -5.941  1.00 18.48 ? 482 MET A O   1 
ATOM   369  C CB  . MET A 1 92  ? -16.664 10.703  -3.188  1.00 19.09 ? 482 MET A CB  1 
ATOM   370  C CG  . MET A 1 92  ? -15.409 10.850  -2.330  1.00 18.14 ? 482 MET A CG  1 
ATOM   371  S SD  . MET A 1 92  ? -15.503 12.204  -1.188  1.00 19.76 ? 482 MET A SD  1 
ATOM   372  C CE  . MET A 1 92  ? -15.136 13.649  -2.199  1.00 20.37 ? 482 MET A CE  1 
ATOM   373  N N   . TRP A 1 93  ? -14.592 8.727   -5.100  1.00 17.60 ? 483 TRP A N   1 
ATOM   374  C CA  . TRP A 1 93  ? -13.431 8.722   -5.890  1.00 17.99 ? 483 TRP A CA  1 
ATOM   375  C C   . TRP A 1 93  ? -13.437 7.652   -6.938  1.00 18.28 ? 483 TRP A C   1 
ATOM   376  O O   . TRP A 1 93  ? -13.947 6.531   -6.768  1.00 17.98 ? 483 TRP A O   1 
ATOM   377  C CB  . TRP A 1 93  ? -12.137 8.499   -5.017  1.00 16.57 ? 483 TRP A CB  1 
ATOM   378  C CG  . TRP A 1 93  ? -12.135 9.355   -3.789  1.00 16.47 ? 483 TRP A CG  1 
ATOM   379  C CD1 . TRP A 1 93  ? -12.331 8.953   -2.517  1.00 19.16 ? 483 TRP A CD1 1 
ATOM   380  C CD2 . TRP A 1 93  ? -11.784 10.736  -3.707  1.00 16.75 ? 483 TRP A CD2 1 
ATOM   381  N NE1 . TRP A 1 93  ? -12.223 9.984   -1.660  1.00 16.35 ? 483 TRP A NE1 1 
ATOM   382  C CE2 . TRP A 1 93  ? -11.915 11.110  -2.341  1.00 15.60 ? 483 TRP A CE2 1 
ATOM   383  C CE3 . TRP A 1 93  ? -11.558 11.753  -4.662  1.00 16.66 ? 483 TRP A CE3 1 
ATOM   384  C CZ2 . TRP A 1 93  ? -11.725 12.410  -1.900  1.00 17.25 ? 483 TRP A CZ2 1 
ATOM   385  C CZ3 . TRP A 1 93  ? -11.275 13.063  -4.189  1.00 16.46 ? 483 TRP A CZ3 1 
ATOM   386  C CH2 . TRP A 1 93  ? -11.407 13.361  -2.806  1.00 19.72 ? 483 TRP A CH2 1 
ATOM   387  N N   . GLU A 1 94  ? -12.920 8.032   -8.112  1.00 18.96 ? 484 GLU A N   1 
ATOM   388  C CA  . GLU A 1 94  ? -12.734 7.040   -9.183  1.00 20.00 ? 484 GLU A CA  1 
ATOM   389  C C   . GLU A 1 94  ? -11.802 5.912   -8.648  1.00 19.67 ? 484 GLU A C   1 
ATOM   390  O O   . GLU A 1 94  ? -10.695 6.179   -8.144  1.00 19.71 ? 484 GLU A O   1 
ATOM   391  C CB  . GLU A 1 94  ? -12.118 7.641   -10.458 1.00 20.72 ? 484 GLU A CB  1 
ATOM   392  C CG  . GLU A 1 94  ? -11.767 6.568   -11.495 1.00 22.48 ? 484 GLU A CG  1 
ATOM   393  C CD  . GLU A 1 94  ? -11.418 6.960   -12.934 1.00 29.04 ? 484 GLU A CD  1 
ATOM   394  O OE1 . GLU A 1 94  ? -11.702 8.035   -13.295 1.00 34.20 ? 484 GLU A OE1 1 
ATOM   395  O OE2 . GLU A 1 94  ? -10.824 6.087   -13.627 1.00 35.25 ? 484 GLU A OE2 1 
ATOM   396  N N   . PRO A 1 95  ? -12.248 4.652   -8.809  1.00 20.71 ? 485 PRO A N   1 
ATOM   397  C CA  . PRO A 1 95  ? -11.459 3.585   -8.242  1.00 19.30 ? 485 PRO A CA  1 
ATOM   398  C C   . PRO A 1 95  ? -10.327 3.223   -9.188  1.00 22.64 ? 485 PRO A C   1 
ATOM   399  O O   . PRO A 1 95  ? -10.412 3.477   -10.415 1.00 21.78 ? 485 PRO A O   1 
ATOM   400  C CB  . PRO A 1 95  ? -12.450 2.392   -8.118  1.00 19.84 ? 485 PRO A CB  1 
ATOM   401  C CG  . PRO A 1 95  ? -13.414 2.656   -9.194  1.00 19.09 ? 485 PRO A CG  1 
ATOM   402  C CD  . PRO A 1 95  ? -13.559 4.177   -9.230  1.00 21.12 ? 485 PRO A CD  1 
ATOM   403  N N   . LEU A 1 96  ? -9.217  2.742   -8.625  1.00 22.64 ? 486 LEU A N   1 
ATOM   404  C CA  . LEU A 1 96  ? -8.150  2.231   -9.496  1.00 22.93 ? 486 LEU A CA  1 
ATOM   405  C C   . LEU A 1 96  ? -8.479  0.887   -10.111 1.00 21.73 ? 486 LEU A C   1 
ATOM   406  O O   . LEU A 1 96  ? -8.055  0.626   -11.246 1.00 28.53 ? 486 LEU A O   1 
ATOM   407  C CB  . LEU A 1 96  ? -6.799  2.128   -8.791  1.00 24.52 ? 486 LEU A CB  1 
ATOM   408  C CG  . LEU A 1 96  ? -6.313  3.473   -8.275  1.00 25.47 ? 486 LEU A CG  1 
ATOM   409  C CD1 . LEU A 1 96  ? -4.885  3.309   -7.758  1.00 28.44 ? 486 LEU A CD1 1 
ATOM   410  C CD2 . LEU A 1 96  ? -6.370  4.647   -9.224  1.00 28.90 ? 486 LEU A CD2 1 
ATOM   411  N N   . LYS A 1 97  ? -9.177  0.066   -9.416  1.00 22.99 ? 487 LYS A N   1 
ATOM   412  C CA  . LYS A 1 97  ? -9.589  -1.193  -9.904  1.00 28.99 ? 487 LYS A CA  1 
ATOM   413  C C   . LYS A 1 97  ? -10.712 -1.025  -10.970 1.00 29.13 ? 487 LYS A C   1 
ATOM   414  O O   . LYS A 1 97  ? -11.771 -0.529  -10.653 1.00 27.47 ? 487 LYS A O   1 
ATOM   415  C CB  . LYS A 1 97  ? -10.049 -2.049  -8.763  1.00 28.28 ? 487 LYS A CB  1 
ATOM   416  C CG  . LYS A 1 97  ? -10.251 -3.543  -9.141  1.00 33.84 ? 487 LYS A CG  1 
ATOM   417  C CD  . LYS A 1 97  ? -10.828 -4.335  -7.994  1.00 31.45 ? 487 LYS A CD  1 
ATOM   418  C CE  . LYS A 1 97  ? -12.330 -4.255  -7.940  1.00 44.72 ? 487 LYS A CE  1 
ATOM   419  N NZ  . LYS A 1 97  ? -12.839 -4.929  -6.730  1.00 53.80 ? 487 LYS A NZ  1 
ATOM   420  N N   . ASP A 1 98  ? -10.473 -1.502  -12.192 1.00 34.71 ? 488 ASP A N   1 
ATOM   421  C CA  . ASP A 1 98  ? -11.576 -1.609  -13.189 1.00 36.55 ? 488 ASP A CA  1 
ATOM   422  C C   . ASP A 1 98  ? -12.553 -2.769  -12.945 1.00 37.90 ? 488 ASP A C   1 
ATOM   423  O O   . ASP A 1 98  ? -12.495 -3.477  -11.931 1.00 43.92 ? 488 ASP A O   1 
ATOM   424  C CB  . ASP A 1 98  ? -11.044 -1.551  -14.594 1.00 40.20 ? 488 ASP A CB  1 
ATOM   425  C CG  . ASP A 1 98  ? -10.300 -2.842  -15.039 1.00 35.96 ? 488 ASP A CG  1 
ATOM   426  O OD1 . ASP A 1 98  ? -10.537 -3.944  -14.528 1.00 38.98 ? 488 ASP A OD1 1 
ATOM   427  O OD2 . ASP A 1 98  ? -9.453  -2.632  -15.887 1.00 45.18 ? 488 ASP A OD2 1 
ATOM   428  N N   . LEU A 1 99  ? -13.578 -2.899  -13.809 1.00 52.09 ? 489 LEU A N   1 
ATOM   429  C CA  . LEU A 1 99  ? -14.669 -3.878  -13.562 1.00 55.41 ? 489 LEU A CA  1 
ATOM   430  C C   . LEU A 1 99  ? -14.256 -5.369  -13.731 1.00 56.69 ? 489 LEU A C   1 
ATOM   431  O O   . LEU A 1 99  ? -14.978 -6.266  -13.255 1.00 52.58 ? 489 LEU A O   1 
ATOM   432  C CB  . LEU A 1 99  ? -15.889 -3.624  -14.456 1.00 58.55 ? 489 LEU A CB  1 
ATOM   433  C CG  . LEU A 1 99  ? -16.734 -2.409  -14.119 1.00 51.30 ? 489 LEU A CG  1 
ATOM   434  C CD1 . LEU A 1 99  ? -17.514 -2.032  -15.366 1.00 51.45 ? 489 LEU A CD1 1 
ATOM   435  C CD2 . LEU A 1 99  ? -17.633 -2.608  -12.886 1.00 51.34 ? 489 LEU A CD2 1 
ATOM   436  N N   . GLN A 1 100 ? -13.115 -5.603  -14.377 1.00 61.29 ? 490 GLN A N   1 
ATOM   437  C CA  . GLN A 1 100 ? -12.515 -6.954  -14.483 1.00 66.18 ? 490 GLN A CA  1 
ATOM   438  C C   . GLN A 1 100 ? -11.720 -7.343  -13.244 1.00 65.49 ? 490 GLN A C   1 
ATOM   439  O O   . GLN A 1 100 ? -11.096 -8.402  -13.210 1.00 50.96 ? 490 GLN A O   1 
ATOM   440  C CB  . GLN A 1 100 ? -11.558 -7.023  -15.671 1.00 67.96 ? 490 GLN A CB  1 
ATOM   441  C CG  . GLN A 1 100 ? -12.266 -7.215  -16.986 1.00 76.51 ? 490 GLN A CG  1 
ATOM   442  C CD  . GLN A 1 100 ? -13.103 -6.015  -17.337 1.00 80.73 ? 490 GLN A CD  1 
ATOM   443  O OE1 . GLN A 1 100 ? -14.304 -6.140  -17.588 1.00 78.61 ? 490 GLN A OE1 1 
ATOM   444  N NE2 . GLN A 1 100 ? -12.478 -4.833  -17.331 1.00 82.28 ? 490 GLN A NE2 1 
ATOM   445  N N   . ASN A 1 101 ? -11.697 -6.457  -12.254 1.00 61.49 ? 491 ASN A N   1 
ATOM   446  C CA  . ASN A 1 101 ? -10.755 -6.552  -11.145 1.00 56.74 ? 491 ASN A CA  1 
ATOM   447  C C   . ASN A 1 101 ? -9.289  -6.442  -11.532 1.00 42.61 ? 491 ASN A C   1 
ATOM   448  O O   . ASN A 1 101 ? -8.443  -6.910  -10.800 1.00 51.82 ? 491 ASN A O   1 
ATOM   449  C CB  . ASN A 1 101 ? -11.032 -7.790  -10.295 1.00 63.31 ? 491 ASN A CB  1 
ATOM   450  C CG  . ASN A 1 101 ? -12.477 -7.854  -9.846  1.00 73.35 ? 491 ASN A CG  1 
ATOM   451  O OD1 . ASN A 1 101 ? -13.199 -6.859  -9.924  1.00 77.60 ? 491 ASN A OD1 1 
ATOM   452  N ND2 . ASN A 1 101 ? -12.910 -9.019  -9.379  1.00 77.66 ? 491 ASN A ND2 1 
ATOM   453  N N   . ASN A 1 102 ? -9.001  -5.724  -12.613 1.00 39.12 ? 492 ASN A N   1 
ATOM   454  C CA  . ASN A 1 102 ? -7.654  -5.277  -12.928 1.00 40.20 ? 492 ASN A CA  1 
ATOM   455  C C   . ASN A 1 102 ? -7.285  -3.909  -12.393 1.00 43.17 ? 492 ASN A C   1 
ATOM   456  O O   . ASN A 1 102 ? -8.112  -2.984  -12.291 1.00 43.71 ? 492 ASN A O   1 
ATOM   457  C CB  . ASN A 1 102 ? -7.433  -5.161  -14.420 1.00 45.44 ? 492 ASN A CB  1 
ATOM   458  C CG  . ASN A 1 102 ? -7.546  -6.500  -15.136 1.00 53.78 ? 492 ASN A CG  1 
ATOM   459  O OD1 . ASN A 1 102 ? -7.234  -7.558  -14.577 1.00 54.78 ? 492 ASN A OD1 1 
ATOM   460  N ND2 . ASN A 1 102 ? -8.074  -6.461  -16.351 1.00 54.51 ? 492 ASN A ND2 1 
ATOM   461  N N   . PHE A 1 103 ? -5.984  -3.768  -12.163 1.00 33.32 ? 493 PHE A N   1 
ATOM   462  C CA  . PHE A 1 103 ? -5.416  -2.557  -11.701 1.00 30.01 ? 493 PHE A CA  1 
ATOM   463  C C   . PHE A 1 103 ? -4.559  -1.986  -12.716 1.00 30.37 ? 493 PHE A C   1 
ATOM   464  O O   . PHE A 1 103 ? -3.958  -2.743  -13.488 1.00 35.61 ? 493 PHE A O   1 
ATOM   465  C CB  . PHE A 1 103 ? -4.619  -2.839  -10.382 1.00 29.07 ? 493 PHE A CB  1 
ATOM   466  C CG  . PHE A 1 103 ? -5.485  -3.174  -9.242  1.00 27.06 ? 493 PHE A CG  1 
ATOM   467  C CD1 . PHE A 1 103 ? -5.869  -4.470  -9.000  1.00 28.80 ? 493 PHE A CD1 1 
ATOM   468  C CD2 . PHE A 1 103 ? -5.953  -2.174  -8.411  1.00 32.24 ? 493 PHE A CD2 1 
ATOM   469  C CE1 . PHE A 1 103 ? -6.717  -4.784  -7.971  1.00 32.94 ? 493 PHE A CE1 1 
ATOM   470  C CE2 . PHE A 1 103 ? -6.774  -2.481  -7.371  1.00 24.94 ? 493 PHE A CE2 1 
ATOM   471  C CZ  . PHE A 1 103 ? -7.192  -3.766  -7.162  1.00 30.59 ? 493 PHE A CZ  1 
ATOM   472  N N   . PRO A 1 104 ? -4.308  -0.675  -12.644 1.00 28.29 ? 494 PRO A N   1 
ATOM   473  C CA  . PRO A 1 104 ? -3.301  0.001   -13.438 1.00 32.54 ? 494 PRO A CA  1 
ATOM   474  C C   . PRO A 1 104 ? -1.854  -0.262  -13.002 1.00 36.13 ? 494 PRO A C   1 
ATOM   475  O O   . PRO A 1 104 ? -1.608  -0.650  -11.867 1.00 32.95 ? 494 PRO A O   1 
ATOM   476  C CB  . PRO A 1 104 ? -3.600  1.469   -13.232 1.00 34.47 ? 494 PRO A CB  1 
ATOM   477  C CG  . PRO A 1 104 ? -4.303  1.535   -11.937 1.00 30.65 ? 494 PRO A CG  1 
ATOM   478  C CD  . PRO A 1 104 ? -4.999  0.242   -11.740 1.00 32.21 ? 494 PRO A CD  1 
ATOM   479  N N   . LEU A 1 105 ? -0.912  -0.033  -13.888 1.00 37.10 ? 495 LEU A N   1 
ATOM   480  C CA  . LEU A 1 105 ? 0.505   -0.321  -13.590 1.00 42.91 ? 495 LEU A CA  1 
ATOM   481  C C   . LEU A 1 105 ? 1.185   0.897   -13.000 1.00 36.82 ? 495 LEU A C   1 
ATOM   482  O O   . LEU A 1 105 ? 1.084   1.973   -13.503 1.00 32.33 ? 495 LEU A O   1 
ATOM   483  C CB  . LEU A 1 105 ? 1.270   -0.783  -14.849 1.00 46.61 ? 495 LEU A CB  1 
ATOM   484  C CG  . LEU A 1 105 ? 0.815   -2.134  -15.423 1.00 52.57 ? 495 LEU A CG  1 
ATOM   485  C CD1 . LEU A 1 105 ? 1.720   -2.476  -16.600 1.00 53.25 ? 495 LEU A CD1 1 
ATOM   486  C CD2 . LEU A 1 105 ? 0.833   -3.303  -14.421 1.00 56.62 ? 495 LEU A CD2 1 
ATOM   487  N N   . TRP A 1 106 ? 1.858   0.735   -11.879 1.00 34.58 ? 496 TRP A N   1 
ATOM   488  C CA  . TRP A 1 106 ? 2.739   1.794   -11.442 1.00 38.82 ? 496 TRP A CA  1 
ATOM   489  C C   . TRP A 1 106 ? 4.172   1.221   -11.577 1.00 40.43 ? 496 TRP A C   1 
ATOM   490  O O   . TRP A 1 106 ? 4.635   0.404   -10.748 1.00 41.54 ? 496 TRP A O   1 
ATOM   491  C CB  . TRP A 1 106 ? 2.408   2.147   -10.026 1.00 36.14 ? 496 TRP A CB  1 
ATOM   492  C CG  . TRP A 1 106 ? 3.112   3.258   -9.417  1.00 35.42 ? 496 TRP A CG  1 
ATOM   493  C CD1 . TRP A 1 106 ? 4.327   3.761   -9.731  1.00 35.09 ? 496 TRP A CD1 1 
ATOM   494  C CD2 . TRP A 1 106 ? 2.644   4.031   -8.294  1.00 29.82 ? 496 TRP A CD2 1 
ATOM   495  N NE1 . TRP A 1 106 ? 4.648   4.807   -8.870  1.00 33.28 ? 496 TRP A NE1 1 
ATOM   496  C CE2 . TRP A 1 106 ? 3.626   4.990   -8.000  1.00 31.39 ? 496 TRP A CE2 1 
ATOM   497  C CE3 . TRP A 1 106 ? 1.495   4.023   -7.554  1.00 29.34 ? 496 TRP A CE3 1 
ATOM   498  C CZ2 . TRP A 1 106 ? 3.498   5.885   -6.970  1.00 29.47 ? 496 TRP A CZ2 1 
ATOM   499  C CZ3 . TRP A 1 106 ? 1.349   4.912   -6.564  1.00 27.02 ? 496 TRP A CZ3 1 
ATOM   500  C CH2 . TRP A 1 106 ? 2.358   5.849   -6.265  1.00 27.39 ? 496 TRP A CH2 1 
ATOM   501  N N   . GLN A 1 107 ? 4.844   1.703   -12.606 1.00 41.27 ? 497 GLN A N   1 
ATOM   502  C CA  . GLN A 1 107 ? 6.133   1.143   -13.026 1.00 51.61 ? 497 GLN A CA  1 
ATOM   503  C C   . GLN A 1 107 ? 7.225   1.931   -12.354 1.00 35.02 ? 497 GLN A C   1 
ATOM   504  O O   . GLN A 1 107 ? 7.774   2.878   -12.906 1.00 42.37 ? 497 GLN A O   1 
ATOM   505  C CB  . GLN A 1 107 ? 6.276   1.172   -14.552 1.00 53.76 ? 497 GLN A CB  1 
ATOM   506  C CG  . GLN A 1 107 ? 7.458   0.326   -15.029 1.00 71.72 ? 497 GLN A CG  1 
ATOM   507  C CD  . GLN A 1 107 ? 7.226   -1.183  -14.854 1.00 78.58 ? 497 GLN A CD  1 
ATOM   508  O OE1 . GLN A 1 107 ? 8.057   -1.908  -14.270 1.00 74.73 ? 497 GLN A OE1 1 
ATOM   509  N NE2 . GLN A 1 107 ? 6.092   -1.661  -15.372 1.00 80.94 ? 497 GLN A NE2 1 
ATOM   510  N N   . ASP A 1 108 ? 7.473   1.606   -11.098 1.00 34.48 ? 498 ASP A N   1 
ATOM   511  C CA  . ASP A 1 108 ? 8.333   2.473   -10.358 1.00 28.65 ? 498 ASP A CA  1 
ATOM   512  C C   . ASP A 1 108 ? 9.755   2.014   -10.511 1.00 31.64 ? 498 ASP A C   1 
ATOM   513  O O   . ASP A 1 108 ? 10.191  1.081   -9.768  1.00 31.22 ? 498 ASP A O   1 
ATOM   514  C CB  . ASP A 1 108 ? 7.937   2.548   -8.862  1.00 32.47 ? 498 ASP A CB  1 
ATOM   515  C CG  . ASP A 1 108 ? 8.547   3.755   -8.198  1.00 32.39 ? 498 ASP A CG  1 
ATOM   516  O OD1 . ASP A 1 108 ? 9.789   3.676   -7.951  1.00 32.76 ? 498 ASP A OD1 1 
ATOM   517  O OD2 . ASP A 1 108 ? 7.825   4.745   -7.922  1.00 31.48 ? 498 ASP A OD2 1 
ATOM   518  N N   . THR A 1 109 ? 10.516  2.728   -11.362 1.00 32.16 ? 499 THR A N   1 
ATOM   519  C CA  . THR A 1 109 ? 11.917  2.330   -11.577 1.00 33.29 ? 499 THR A CA  1 
ATOM   520  C C   . THR A 1 109 ? 12.795  2.414   -10.297 1.00 28.23 ? 499 THR A C   1 
ATOM   521  O O   . THR A 1 109 ? 13.739  1.637   -10.134 1.00 27.71 ? 499 THR A O   1 
ATOM   522  C CB  . THR A 1 109 ? 12.526  3.161   -12.757 1.00 39.04 ? 499 THR A CB  1 
ATOM   523  O OG1 . THR A 1 109 ? 12.051  4.511   -12.656 1.00 42.44 ? 499 THR A OG1 1 
ATOM   524  C CG2 . THR A 1 109 ? 11.993  2.595   -14.059 1.00 47.74 ? 499 THR A CG2 1 
ATOM   525  N N   . TYR A 1 110 ? 12.480  3.311   -9.377  1.00 27.60 ? 500 TYR A N   1 
ATOM   526  C CA  . TYR A 1 110 ? 13.296  3.528   -8.222  1.00 27.49 ? 500 TYR A CA  1 
ATOM   527  C C   . TYR A 1 110 ? 13.141  2.324   -7.257  1.00 27.75 ? 500 TYR A C   1 
ATOM   528  O O   . TYR A 1 110 ? 14.133  1.771   -6.695  1.00 26.28 ? 500 TYR A O   1 
ATOM   529  C CB  . TYR A 1 110 ? 12.911  4.812   -7.527  1.00 32.09 ? 500 TYR A CB  1 
ATOM   530  C CG  . TYR A 1 110 ? 13.722  5.112   -6.299  1.00 29.99 ? 500 TYR A CG  1 
ATOM   531  C CD1 . TYR A 1 110 ? 13.380  4.606   -5.055  1.00 30.94 ? 500 TYR A CD1 1 
ATOM   532  C CD2 . TYR A 1 110 ? 14.891  5.911   -6.412  1.00 38.68 ? 500 TYR A CD2 1 
ATOM   533  C CE1 . TYR A 1 110 ? 14.138  4.889   -3.936  1.00 33.33 ? 500 TYR A CE1 1 
ATOM   534  C CE2 . TYR A 1 110 ? 15.651  6.243   -5.299  1.00 36.04 ? 500 TYR A CE2 1 
ATOM   535  C CZ  . TYR A 1 110 ? 15.275  5.728   -4.080  1.00 35.90 ? 500 TYR A CZ  1 
ATOM   536  O OH  . TYR A 1 110 ? 16.035  5.997   -3.002  1.00 34.63 ? 500 TYR A OH  1 
ATOM   537  N N   . LEU A 1 111 ? 11.892  1.901   -7.041  1.00 28.26 ? 501 LEU A N   1 
ATOM   538  C CA  . LEU A 1 111 ? 11.718  0.697   -6.163  1.00 28.02 ? 501 LEU A CA  1 
ATOM   539  C C   . LEU A 1 111 ? 12.368  -0.511  -6.746  1.00 27.00 ? 501 LEU A C   1 
ATOM   540  O O   . LEU A 1 111 ? 12.962  -1.292  -6.055  1.00 27.79 ? 501 LEU A O   1 
ATOM   541  C CB  . LEU A 1 111 ? 10.244  0.387   -5.869  1.00 29.22 ? 501 LEU A CB  1 
ATOM   542  C CG  . LEU A 1 111 ? 9.499   1.292   -4.921  1.00 30.02 ? 501 LEU A CG  1 
ATOM   543  C CD1 . LEU A 1 111 ? 8.081   0.710   -4.872  1.00 25.22 ? 501 LEU A CD1 1 
ATOM   544  C CD2 . LEU A 1 111 ? 10.124  1.339   -3.534  1.00 30.74 ? 501 LEU A CD2 1 
ATOM   545  N N   . GLN A 1 112 ? 12.307  -0.565  -7.945  1.00 24.17 ? 502 GLN A N   1 
ATOM   546  C CA  . GLN A 1 112 ? 12.850  -1.717  -8.584  1.00 25.37 ? 502 GLN A CA  1 
ATOM   547  C C   . GLN A 1 112 ? 14.347  -1.715  -8.616  1.00 25.16 ? 502 GLN A C   1 
ATOM   548  O O   . GLN A 1 112 ? 14.973  -2.685  -8.262  1.00 25.01 ? 502 GLN A O   1 
ATOM   549  C CB  . GLN A 1 112 ? 12.226  -1.842  -9.988  1.00 29.18 ? 502 GLN A CB  1 
ATOM   550  C CG  . GLN A 1 112 ? 12.609  -3.087  -10.701 1.00 36.32 ? 502 GLN A CG  1 
ATOM   551  C CD  . GLN A 1 112 ? 11.820  -3.213  -11.996 1.00 39.17 ? 502 GLN A CD  1 
ATOM   552  O OE1 . GLN A 1 112 ? 10.938  -2.405  -12.278 1.00 43.37 ? 502 GLN A OE1 1 
ATOM   553  N NE2 . GLN A 1 112 ? 12.209  -4.155  -12.825 1.00 45.02 ? 502 GLN A NE2 1 
ATOM   554  N N   . GLU A 1 113 ? 14.934  -0.611  -8.965  1.00 27.20 ? 503 GLU A N   1 
ATOM   555  C CA  . GLU A 1 113 ? 16.403  -0.532  -8.962  1.00 28.34 ? 503 GLU A CA  1 
ATOM   556  C C   . GLU A 1 113 ? 16.990  -0.708  -7.617  1.00 30.22 ? 503 GLU A C   1 
ATOM   557  O O   . GLU A 1 113 ? 18.090  -1.169  -7.507  1.00 27.66 ? 503 GLU A O   1 
ATOM   558  C CB  . GLU A 1 113 ? 16.870  0.818   -9.498  1.00 33.40 ? 503 GLU A CB  1 
ATOM   559  C CG  . GLU A 1 113 ? 16.590  0.901   -10.962 1.00 40.84 ? 503 GLU A CG  1 
ATOM   560  C CD  . GLU A 1 113 ? 16.920  2.238   -11.608 1.00 48.92 ? 503 GLU A CD  1 
ATOM   561  O OE1 . GLU A 1 113 ? 17.542  3.096   -10.961 1.00 53.75 ? 503 GLU A OE1 1 
ATOM   562  O OE2 . GLU A 1 113 ? 16.555  2.384   -12.793 1.00 54.61 ? 503 GLU A OE2 1 
ATOM   563  N N   . ASN A 1 114 ? 16.305  -0.244  -6.561  1.00 23.66 ? 504 ASN A N   1 
ATOM   564  C CA  . ASN A 1 114 ? 16.771  -0.313  -5.219  1.00 24.65 ? 504 ASN A CA  1 
ATOM   565  C C   . ASN A 1 114 ? 16.221  -1.514  -4.451  1.00 25.12 ? 504 ASN A C   1 
ATOM   566  O O   . ASN A 1 114 ? 16.349  -1.583  -3.259  1.00 25.66 ? 504 ASN A O   1 
ATOM   567  C CB  . ASN A 1 114 ? 16.483  0.981   -4.530  1.00 25.64 ? 504 ASN A CB  1 
ATOM   568  C CG  . ASN A 1 114 ? 17.260  2.118   -5.156  1.00 31.29 ? 504 ASN A CG  1 
ATOM   569  O OD1 . ASN A 1 114 ? 16.735  3.012   -5.844  1.00 36.55 ? 504 ASN A OD1 1 
ATOM   570  N ND2 . ASN A 1 114 ? 18.512  2.030   -5.009  1.00 28.79 ? 504 ASN A ND2 1 
ATOM   571  N N   . GLU A 1 115 ? 15.641  -2.457  -5.196  1.00 26.47 ? 505 GLU A N   1 
ATOM   572  C CA  . GLU A 1 115 ? 15.169  -3.705  -4.643  1.00 25.80 ? 505 GLU A CA  1 
ATOM   573  C C   . GLU A 1 115 ? 14.281  -3.498  -3.411  1.00 24.17 ? 505 GLU A C   1 
ATOM   574  O O   . GLU A 1 115 ? 14.415  -4.207  -2.399  1.00 25.46 ? 505 GLU A O   1 
ATOM   575  C CB  . GLU A 1 115 ? 16.302  -4.620  -4.332  1.00 30.09 ? 505 GLU A CB  1 
ATOM   576  C CG  . GLU A 1 115 ? 17.107  -4.858  -5.619  1.00 35.21 ? 505 GLU A CG  1 
ATOM   577  C CD  . GLU A 1 115 ? 18.186  -5.918  -5.463  1.00 44.34 ? 505 GLU A CD  1 
ATOM   578  O OE1 . GLU A 1 115 ? 18.547  -6.247  -4.361  1.00 42.05 ? 505 GLU A OE1 1 
ATOM   579  O OE2 . GLU A 1 115 ? 18.640  -6.469  -6.452  1.00 49.08 ? 505 GLU A OE2 1 
ATOM   580  N N   . GLY A 1 116 ? 13.369  -2.540  -3.532  1.00 22.12 ? 506 GLY A N   1 
ATOM   581  C CA  . GLY A 1 116 ? 12.463  -2.194  -2.419  1.00 23.25 ? 506 GLY A CA  1 
ATOM   582  C C   . GLY A 1 116 ? 12.801  -0.972  -1.600  1.00 25.95 ? 506 GLY A C   1 
ATOM   583  O O   . GLY A 1 116 ? 12.001  -0.451  -0.773  1.00 22.71 ? 506 GLY A O   1 
ATOM   584  N N   . GLY A 1 117 ? 13.977  -0.441  -1.844  1.00 25.24 ? 507 GLY A N   1 
ATOM   585  C CA  . GLY A 1 117 ? 14.350  0.824   -1.225  1.00 24.08 ? 507 GLY A CA  1 
ATOM   586  C C   . GLY A 1 117 ? 14.411  0.805   0.298   1.00 23.97 ? 507 GLY A C   1 
ATOM   587  O O   . GLY A 1 117 ? 14.817  -0.194  0.965   1.00 22.34 ? 507 GLY A O   1 
ATOM   588  N N   . ARG A 1 118 ? 13.868  1.864   0.898   1.00 22.36 ? 508 ARG A N   1 
ATOM   589  C CA  . ARG A 1 118 ? 13.867  2.006   2.315   1.00 20.17 ? 508 ARG A CA  1 
ATOM   590  C C   . ARG A 1 118 ? 13.105  0.946   3.033   1.00 19.02 ? 508 ARG A C   1 
ATOM   591  O O   . ARG A 1 118 ? 13.317  0.697   4.230   1.00 20.38 ? 508 ARG A O   1 
ATOM   592  C CB  . ARG A 1 118 ? 13.339  3.397   2.761   1.00 25.15 ? 508 ARG A CB  1 
ATOM   593  C CG  . ARG A 1 118 ? 11.822  3.632   2.622   1.00 25.59 ? 508 ARG A CG  1 
ATOM   594  C CD  . ARG A 1 118 ? 11.399  4.959   3.260   1.00 29.79 ? 508 ARG A CD  1 
ATOM   595  N NE  . ARG A 1 118 ? 11.958  6.075   2.482   1.00 28.59 ? 508 ARG A NE  1 
ATOM   596  C CZ  . ARG A 1 118 ? 12.105  7.318   2.892   1.00 38.01 ? 508 ARG A CZ  1 
ATOM   597  N NH1 . ARG A 1 118 ? 11.662  7.706   4.080   1.00 40.08 ? 508 ARG A NH1 1 
ATOM   598  N NH2 . ARG A 1 118 ? 12.646  8.204   2.048   1.00 36.22 ? 508 ARG A NH2 1 
ATOM   599  N N   . TYR A 1 119 ? 12.150  0.369   2.303   1.00 19.11 ? 509 TYR A N   1 
ATOM   600  C CA  . TYR A 1 119 ? 11.237  -0.610  2.882   1.00 19.58 ? 509 TYR A CA  1 
ATOM   601  C C   . TYR A 1 119 ? 11.994  -1.879  3.263   1.00 21.31 ? 509 TYR A C   1 
ATOM   602  O O   . TYR A 1 119 ? 11.559  -2.621  4.132   1.00 20.14 ? 509 TYR A O   1 
ATOM   603  C CB  . TYR A 1 119 ? 10.146  -0.871  1.847   1.00 19.36 ? 509 TYR A CB  1 
ATOM   604  C CG  . TYR A 1 119 ? 9.382   0.399   1.604   1.00 19.43 ? 509 TYR A CG  1 
ATOM   605  C CD1 . TYR A 1 119 ? 8.501   0.886   2.554   1.00 20.54 ? 509 TYR A CD1 1 
ATOM   606  C CD2 . TYR A 1 119 ? 9.471   1.087   0.435   1.00 20.31 ? 509 TYR A CD2 1 
ATOM   607  C CE1 . TYR A 1 119 ? 7.850   2.051   2.401   1.00 23.82 ? 509 TYR A CE1 1 
ATOM   608  C CE2 . TYR A 1 119 ? 8.785   2.302   0.269   1.00 23.62 ? 509 TYR A CE2 1 
ATOM   609  C CZ  . TYR A 1 119 ? 7.951   2.748   1.254   1.00 22.64 ? 509 TYR A CZ  1 
ATOM   610  O OH  . TYR A 1 119 ? 7.220   3.905   1.115   1.00 29.58 ? 509 TYR A OH  1 
ATOM   611  N N   . ARG A 1 120 ? 13.138  -2.160  2.628   1.00 20.57 ? 510 ARG A N   1 
ATOM   612  C CA  . ARG A 1 120 ? 13.972  -3.269  3.033   1.00 23.02 ? 510 ARG A CA  1 
ATOM   613  C C   . ARG A 1 120 ? 14.390  -3.144  4.491   1.00 23.18 ? 510 ARG A C   1 
ATOM   614  O O   . ARG A 1 120 ? 14.631  -4.170  5.147   1.00 21.89 ? 510 ARG A O   1 
ATOM   615  C CB  . ARG A 1 120 ? 15.230  -3.353  2.150   1.00 24.20 ? 510 ARG A CB  1 
ATOM   616  C CG  . ARG A 1 120 ? 15.011  -3.577  0.648   1.00 29.89 ? 510 ARG A CG  1 
ATOM   617  C CD  . ARG A 1 120 ? 16.355  -3.308  -0.056  1.00 33.55 ? 510 ARG A CD  1 
ATOM   618  N NE  . ARG A 1 120 ? 16.767  -1.841  -0.171  1.00 33.90 ? 510 ARG A NE  1 
ATOM   619  C CZ  . ARG A 1 120 ? 17.842  -1.424  -0.825  1.00 45.59 ? 510 ARG A CZ  1 
ATOM   620  N NH1 . ARG A 1 120 ? 18.607  -2.314  -1.445  1.00 49.22 ? 510 ARG A NH1 1 
ATOM   621  N NH2 . ARG A 1 120 ? 18.154  -0.125  -0.907  1.00 46.01 ? 510 ARG A NH2 1 
ATOM   622  N N   . ASN A 1 121 ? 14.477  -1.915  4.991   1.00 19.34 ? 511 ASN A N   1 
ATOM   623  C CA  . ASN A 1 121 ? 14.872  -1.675  6.373   1.00 19.80 ? 511 ASN A CA  1 
ATOM   624  C C   . ASN A 1 121 ? 13.671  -1.560  7.307   1.00 21.41 ? 511 ASN A C   1 
ATOM   625  O O   . ASN A 1 121 ? 13.822  -1.292  8.499   1.00 19.95 ? 511 ASN A O   1 
ATOM   626  C CB  . ASN A 1 121 ? 15.737  -0.417  6.472   1.00 19.83 ? 511 ASN A CB  1 
ATOM   627  C CG  . ASN A 1 121 ? 16.553  -0.371  7.750   1.00 22.55 ? 511 ASN A CG  1 
ATOM   628  O OD1 . ASN A 1 121 ? 16.940  -1.407  8.291   1.00 22.85 ? 511 ASN A OD1 1 
ATOM   629  N ND2 . ASN A 1 121 ? 16.819  0.835   8.238   1.00 23.62 ? 511 ASN A ND2 1 
ATOM   630  N N   . HIS A 1 122 ? 12.478  -1.764  6.756   1.00 19.08 ? 512 HIS A N   1 
ATOM   631  C CA  . HIS A 1 122 ? 11.248  -1.693  7.538   1.00 19.18 ? 512 HIS A CA  1 
ATOM   632  C C   . HIS A 1 122 ? 10.839  -0.249  7.810   1.00 18.48 ? 512 HIS A C   1 
ATOM   633  O O   . HIS A 1 122 ? 10.062  0.023   8.726   1.00 19.06 ? 512 HIS A O   1 
ATOM   634  C CB  . HIS A 1 122 ? 11.406  -2.453  8.857   1.00 20.13 ? 512 HIS A CB  1 
ATOM   635  C CG  . HIS A 1 122 ? 11.564  -3.932  8.686   1.00 22.65 ? 512 HIS A CG  1 
ATOM   636  N ND1 . HIS A 1 122 ? 10.524  -4.818  8.862   1.00 29.83 ? 512 HIS A ND1 1 
ATOM   637  C CD2 . HIS A 1 122 ? 12.643  -4.681  8.356   1.00 22.47 ? 512 HIS A CD2 1 
ATOM   638  C CE1 . HIS A 1 122 ? 10.953  -6.048  8.648   1.00 27.03 ? 512 HIS A CE1 1 
ATOM   639  N NE2 . HIS A 1 122 ? 12.236  -5.993  8.338   1.00 29.13 ? 512 HIS A NE2 1 
ATOM   640  N N   . GLU A 1 123 ? 11.366  0.673   7.011   1.00 19.24 ? 513 GLU A N   1 
ATOM   641  C CA  . GLU A 1 123 ? 11.046  2.079   7.160   1.00 19.54 ? 513 GLU A CA  1 
ATOM   642  C C   . GLU A 1 123 ? 9.773   2.439   6.388   1.00 19.58 ? 513 GLU A C   1 
ATOM   643  O O   . GLU A 1 123 ? 9.455   1.769   5.421   1.00 19.80 ? 513 GLU A O   1 
ATOM   644  C CB  . GLU A 1 123 ? 12.199  2.901   6.586   1.00 20.25 ? 513 GLU A CB  1 
ATOM   645  C CG  . GLU A 1 123 ? 13.507  2.793   7.385   1.00 23.33 ? 513 GLU A CG  1 
ATOM   646  C CD  . GLU A 1 123 ? 14.617  3.611   6.704   1.00 28.42 ? 513 GLU A CD  1 
ATOM   647  O OE1 . GLU A 1 123 ? 14.319  4.608   5.994   1.00 28.75 ? 513 GLU A OE1 1 
ATOM   648  O OE2 . GLU A 1 123 ? 15.743  3.118   6.652   1.00 27.87 ? 513 GLU A OE2 1 
ATOM   649  N N   . SER A 1 124 ? 9.133   3.511   6.815   1.00 20.90 ? 514 SER A N   1 
ATOM   650  C CA  . SER A 1 124 ? 8.017   4.031   6.046   1.00 23.17 ? 514 SER A CA  1 
ATOM   651  C C   . SER A 1 124 ? 8.294   5.369   5.411   1.00 24.10 ? 514 SER A C   1 
ATOM   652  O O   . SER A 1 124 ? 9.316   6.004   5.654   1.00 21.11 ? 514 SER A O   1 
ATOM   653  C CB  . SER A 1 124 ? 6.780   4.084   6.915   1.00 27.81 ? 514 SER A CB  1 
ATOM   654  O OG  . SER A 1 124 ? 7.003   4.754   8.068   1.00 27.65 ? 514 SER A OG  1 
ATOM   655  N N   . LEU A 1 125 ? 7.377   5.831   4.585   1.00 21.64 ? 515 LEU A N   1 
ATOM   656  C CA  . LEU A 1 125 ? 7.500   7.194   4.048   1.00 21.70 ? 515 LEU A CA  1 
ATOM   657  C C   . LEU A 1 125 ? 6.101   7.802   4.188   1.00 20.69 ? 515 LEU A C   1 
ATOM   658  O O   . LEU A 1 125 ? 5.108   7.216   3.673   1.00 20.86 ? 515 LEU A O   1 
ATOM   659  C CB  . LEU A 1 125 ? 7.874   7.152   2.597   1.00 21.11 ? 515 LEU A CB  1 
ATOM   660  C CG  . LEU A 1 125 ? 7.998   8.571   1.949   1.00 25.16 ? 515 LEU A CG  1 
ATOM   661  C CD1 . LEU A 1 125 ? 8.932   9.535   2.666   1.00 29.29 ? 515 LEU A CD1 1 
ATOM   662  C CD2 . LEU A 1 125 ? 8.353   8.360   0.514   1.00 26.53 ? 515 LEU A CD2 1 
ATOM   663  N N   . ALA A 1 126 ? 6.060   8.933   4.840   1.00 20.76 ? 516 ALA A N   1 
ATOM   664  C CA  . ALA A 1 126 ? 4.834   9.724   4.978   1.00 19.81 ? 516 ALA A CA  1 
ATOM   665  C C   . ALA A 1 126 ? 5.027   11.084  4.336   1.00 21.75 ? 516 ALA A C   1 
ATOM   666  O O   . ALA A 1 126 ? 5.968   11.832  4.694   1.00 21.69 ? 516 ALA A O   1 
ATOM   667  C CB  . ALA A 1 126 ? 4.526   9.897   6.458   1.00 23.54 ? 516 ALA A CB  1 
ATOM   668  N N   . VAL A 1 127 ? 4.175   11.447  3.401   1.00 19.93 ? 517 VAL A N   1 
ATOM   669  C CA  . VAL A 1 127 ? 4.310   12.683  2.640   1.00 20.38 ? 517 VAL A CA  1 
ATOM   670  C C   . VAL A 1 127 ? 2.948   13.377  2.755   1.00 20.42 ? 517 VAL A C   1 
ATOM   671  O O   . VAL A 1 127 ? 1.901   12.842  2.355   1.00 21.00 ? 517 VAL A O   1 
ATOM   672  C CB  . VAL A 1 127 ? 4.684   12.415  1.213   1.00 22.98 ? 517 VAL A CB  1 
ATOM   673  C CG1 . VAL A 1 127 ? 4.445   13.636  0.307   1.00 24.36 ? 517 VAL A CG1 1 
ATOM   674  C CG2 . VAL A 1 127 ? 6.132   11.932  1.163   1.00 27.01 ? 517 VAL A CG2 1 
ATOM   675  N N   . GLY A 1 128 ? 2.981   14.540  3.320   1.00 20.08 ? 518 GLY A N   1 
ATOM   676  C CA  . GLY A 1 128 ? 1.774   15.343  3.574   1.00 22.13 ? 518 GLY A CA  1 
ATOM   677  C C   . GLY A 1 128 ? 1.197   16.017  2.339   1.00 22.32 ? 518 GLY A C   1 
ATOM   678  O O   . GLY A 1 128 ? 0.009   16.317  2.353   1.00 24.97 ? 518 GLY A O   1 
ATOM   679  N N   . ASP A 1 129 ? 2.041   16.391  1.397   1.00 23.69 ? 519 ASP A N   1 
ATOM   680  C CA  . ASP A 1 129 ? 1.612   17.009  0.169   1.00 23.08 ? 519 ASP A CA  1 
ATOM   681  C C   . ASP A 1 129 ? 2.572   16.713  -0.900  1.00 24.35 ? 519 ASP A C   1 
ATOM   682  O O   . ASP A 1 129 ? 3.712   17.187  -0.905  1.00 27.65 ? 519 ASP A O   1 
ATOM   683  C CB  . ASP A 1 129 ? 1.535   18.528  0.341   1.00 27.47 ? 519 ASP A CB  1 
ATOM   684  C CG  . ASP A 1 129 ? 0.893   19.226  -0.846  1.00 26.07 ? 519 ASP A CG  1 
ATOM   685  O OD1 . ASP A 1 129 ? 0.857   18.663  -1.949  1.00 25.52 ? 519 ASP A OD1 1 
ATOM   686  O OD2 . ASP A 1 129 ? 0.438   20.392  -0.607  1.00 29.23 ? 519 ASP A OD2 1 
ATOM   687  N N   . VAL A 1 130 ? 2.122   15.966  -1.858  1.00 21.64 ? 520 VAL A N   1 
ATOM   688  C CA  . VAL A 1 130 ? 3.020   15.452  -2.855  1.00 22.99 ? 520 VAL A CA  1 
ATOM   689  C C   . VAL A 1 130 ? 3.570   16.627  -3.699  1.00 27.34 ? 520 VAL A C   1 
ATOM   690  O O   . VAL A 1 130 ? 4.548   16.474  -4.399  1.00 26.73 ? 520 VAL A O   1 
ATOM   691  C CB  . VAL A 1 130 ? 2.387   14.450  -3.799  1.00 25.11 ? 520 VAL A CB  1 
ATOM   692  C CG1 . VAL A 1 130 ? 1.981   13.164  -3.087  1.00 21.82 ? 520 VAL A CG1 1 
ATOM   693  C CG2 . VAL A 1 130 ? 1.223   14.977  -4.623  1.00 25.10 ? 520 VAL A CG2 1 
ATOM   694  N N   . GLU A 1 131 ? 2.816   17.704  -3.715  1.00 26.97 ? 521 GLU A N   1 
ATOM   695  C CA  . GLU A 1 131 ? 3.121   18.835  -4.644  1.00 33.19 ? 521 GLU A CA  1 
ATOM   696  C C   . GLU A 1 131 ? 4.288   19.653  -4.037  1.00 35.00 ? 521 GLU A C   1 
ATOM   697  O O   . GLU A 1 131 ? 4.936   20.399  -4.762  1.00 37.24 ? 521 GLU A O   1 
ATOM   698  C CB  . GLU A 1 131 ? 1.891   19.748  -4.774  1.00 30.89 ? 521 GLU A CB  1 
ATOM   699  C CG  . GLU A 1 131 ? 0.743   19.162  -5.580  1.00 33.65 ? 521 GLU A CG  1 
ATOM   700  C CD  . GLU A 1 131 ? 1.107   18.875  -7.004  1.00 36.04 ? 521 GLU A CD  1 
ATOM   701  O OE1 . GLU A 1 131 ? 1.969   19.593  -7.532  1.00 37.62 ? 521 GLU A OE1 1 
ATOM   702  O OE2 . GLU A 1 131 ? 0.566   17.929  -7.629  1.00 34.67 ? 521 GLU A OE2 1 
ATOM   703  N N   . THR A 1 132 ? 4.546   19.522  -2.734  1.00 30.27 ? 522 THR A N   1 
ATOM   704  C CA  . THR A 1 132 ? 5.671   20.254  -2.117  1.00 36.11 ? 522 THR A CA  1 
ATOM   705  C C   . THR A 1 132 ? 6.830   19.339  -1.702  1.00 37.49 ? 522 THR A C   1 
ATOM   706  O O   . THR A 1 132 ? 7.738   19.765  -0.982  1.00 37.65 ? 522 THR A O   1 
ATOM   707  C CB  . THR A 1 132 ? 5.255   20.995  -0.871  1.00 35.54 ? 522 THR A CB  1 
ATOM   708  O OG1 . THR A 1 132 ? 4.782   20.075  0.122   1.00 39.65 ? 522 THR A OG1 1 
ATOM   709  C CG2 . THR A 1 132 ? 4.191   21.943  -1.137  1.00 38.96 ? 522 THR A CG2 1 
ATOM   710  N N   . ALA A 1 133 ? 6.775   18.072  -2.110  1.00 33.60 ? 523 ALA A N   1 
ATOM   711  C CA  . ALA A 1 133 ? 7.728   17.076  -1.667  1.00 33.88 ? 523 ALA A CA  1 
ATOM   712  C C   . ALA A 1 133 ? 9.040   17.061  -2.463  1.00 38.04 ? 523 ALA A C   1 
ATOM   713  O O   . ALA A 1 133 ? 9.959   16.337  -2.105  1.00 37.78 ? 523 ALA A O   1 
ATOM   714  C CB  . ALA A 1 133 ? 7.085   15.690  -1.706  1.00 34.74 ? 523 ALA A CB  1 
ATOM   715  N N   . GLY A 1 134 ? 9.134   17.800  -3.552  1.00 41.26 ? 524 GLY A N   1 
ATOM   716  C CA  . GLY A 1 134 ? 10.359  17.755  -4.395  1.00 41.89 ? 524 GLY A CA  1 
ATOM   717  C C   . GLY A 1 134 ? 10.603  16.497  -5.192  1.00 44.69 ? 524 GLY A C   1 
ATOM   718  O O   . GLY A 1 134 ? 11.774  16.105  -5.417  1.00 39.21 ? 524 GLY A O   1 
ATOM   719  N N   . PHE A 1 135 ? 9.521   15.814  -5.593  1.00 35.65 ? 525 PHE A N   1 
ATOM   720  C CA  . PHE A 1 135 ? 9.661   14.565  -6.247  1.00 35.01 ? 525 PHE A CA  1 
ATOM   721  C C   . PHE A 1 135 ? 10.114  14.759  -7.706  1.00 37.19 ? 525 PHE A C   1 
ATOM   722  O O   . PHE A 1 135 ? 9.917   15.802  -8.319  1.00 38.46 ? 525 PHE A O   1 
ATOM   723  C CB  . PHE A 1 135 ? 8.312   13.794  -6.262  1.00 32.94 ? 525 PHE A CB  1 
ATOM   724  C CG  . PHE A 1 135 ? 7.904   13.222  -4.917  1.00 33.42 ? 525 PHE A CG  1 
ATOM   725  C CD1 . PHE A 1 135 ? 8.795   12.518  -4.117  1.00 31.27 ? 525 PHE A CD1 1 
ATOM   726  C CD2 . PHE A 1 135 ? 6.585   13.347  -4.480  1.00 31.98 ? 525 PHE A CD2 1 
ATOM   727  C CE1 . PHE A 1 135 ? 8.375   11.947  -2.934  1.00 32.10 ? 525 PHE A CE1 1 
ATOM   728  C CE2 . PHE A 1 135 ? 6.182   12.794  -3.313  1.00 32.11 ? 525 PHE A CE2 1 
ATOM   729  C CZ  . PHE A 1 135 ? 7.070   12.092  -2.542  1.00 33.01 ? 525 PHE A CZ  1 
ATOM   730  N N   . THR A 1 136 ? 10.608  13.681  -8.263  1.00 34.56 ? 526 THR A N   1 
ATOM   731  C CA  . THR A 1 136 ? 10.935  13.589  -9.675  1.00 35.92 ? 526 THR A CA  1 
ATOM   732  C C   . THR A 1 136 ? 9.634   13.580  -10.472 1.00 45.06 ? 526 THR A C   1 
ATOM   733  O O   . THR A 1 136 ? 8.650   12.905  -10.096 1.00 44.84 ? 526 THR A O   1 
ATOM   734  C CB  . THR A 1 136 ? 11.753  12.286  -9.923  1.00 41.65 ? 526 THR A CB  1 
ATOM   735  O OG1 . THR A 1 136 ? 12.936  12.285  -9.096  1.00 41.17 ? 526 THR A OG1 1 
ATOM   736  C CG2 . THR A 1 136 ? 12.157  12.108  -11.359 1.00 42.74 ? 526 THR A CG2 1 
ATOM   737  N N   . ASP A 1 137 ? 9.623   14.268  -11.613 1.00 40.81 ? 527 ASP A N   1 
ATOM   738  C CA  . ASP A 1 137 ? 8.408   14.350  -12.450 1.00 35.29 ? 527 ASP A CA  1 
ATOM   739  C C   . ASP A 1 137 ? 7.698   13.044  -12.780 1.00 39.75 ? 527 ASP A C   1 
ATOM   740  O O   . ASP A 1 137 ? 6.492   12.949  -12.590 1.00 33.25 ? 527 ASP A O   1 
ATOM   741  C CB  . ASP A 1 137 ? 8.701   15.133  -13.735 1.00 46.88 ? 527 ASP A CB  1 
ATOM   742  C CG  . ASP A 1 137 ? 8.880   16.618  -13.456 1.00 49.25 ? 527 ASP A CG  1 
ATOM   743  O OD1 . ASP A 1 137 ? 8.892   17.032  -12.281 1.00 54.58 ? 527 ASP A OD1 1 
ATOM   744  O OD2 . ASP A 1 137 ? 9.030   17.378  -14.404 1.00 67.63 ? 527 ASP A OD2 1 
ATOM   745  N N   . CYS A 1 138 ? 8.408   12.022  -13.209 1.00 35.20 ? 528 CYS A N   1 
ATOM   746  C CA  . CYS A 1 138 ? 7.738   10.762  -13.514 1.00 35.91 ? 528 CYS A CA  1 
ATOM   747  C C   . CYS A 1 138 ? 6.985   10.183  -12.266 1.00 34.77 ? 528 CYS A C   1 
ATOM   748  O O   . CYS A 1 138 ? 5.926   9.564   -12.410 1.00 33.68 ? 528 CYS A O   1 
ATOM   749  C CB  . CYS A 1 138 ? 8.757   9.760   -14.091 1.00 39.09 ? 528 CYS A CB  1 
ATOM   750  S SG  . CYS A 1 138 ? 10.089  9.342   -12.906 1.00 41.11 ? 528 CYS A SG  1 
ATOM   751  N N   . HIS A 1 139 ? 7.466   10.520  -11.104 1.00 28.77 ? 529 HIS A N   1 
ATOM   752  C CA  . HIS A 1 139 ? 6.889   9.987   -9.856  1.00 28.13 ? 529 HIS A CA  1 
ATOM   753  C C   . HIS A 1 139 ? 5.652   10.860  -9.475  1.00 30.35 ? 529 HIS A C   1 
ATOM   754  O O   . HIS A 1 139 ? 4.576   10.348  -9.246  1.00 27.77 ? 529 HIS A O   1 
ATOM   755  C CB  . HIS A 1 139 ? 7.955   10.090  -8.795  1.00 26.32 ? 529 HIS A CB  1 
ATOM   756  C CG  . HIS A 1 139 ? 7.610   9.566   -7.457  1.00 27.35 ? 529 HIS A CG  1 
ATOM   757  N ND1 . HIS A 1 139 ? 8.294   9.860   -6.297  1.00 31.61 ? 529 HIS A ND1 1 
ATOM   758  C CD2 . HIS A 1 139 ? 6.564   8.801   -7.090  1.00 25.34 ? 529 HIS A CD2 1 
ATOM   759  C CE1 . HIS A 1 139 ? 7.693   9.263   -5.282  1.00 27.47 ? 529 HIS A CE1 1 
ATOM   760  N NE2 . HIS A 1 139 ? 6.649   8.619   -5.744  1.00 32.63 ? 529 HIS A NE2 1 
ATOM   761  N N   . LEU A 1 140 ? 5.884   12.102  -9.548  1.00 28.98 ? 530 LEU A N   1 
ATOM   762  C CA  . LEU A 1 140 ? 4.744   13.032  -9.309  1.00 31.25 ? 530 LEU A CA  1 
ATOM   763  C C   . LEU A 1 140 ? 3.578   12.823  -10.271 1.00 32.36 ? 530 LEU A C   1 
ATOM   764  O O   . LEU A 1 140 ? 2.382   13.012  -9.896  1.00 28.88 ? 530 LEU A O   1 
ATOM   765  C CB  . LEU A 1 140 ? 5.211   14.490  -9.346  1.00 31.99 ? 530 LEU A CB  1 
ATOM   766  C CG  . LEU A 1 140 ? 4.108   15.548  -9.103  1.00 35.13 ? 530 LEU A CG  1 
ATOM   767  C CD1 . LEU A 1 140 ? 3.373   15.382  -7.772  1.00 34.71 ? 530 LEU A CD1 1 
ATOM   768  C CD2 . LEU A 1 140 ? 4.714   16.955  -9.164  1.00 34.10 ? 530 LEU A CD2 1 
ATOM   769  N N   . ASP A 1 141 ? 3.888   12.478  -11.518 1.00 35.89 ? 531 ASP A N   1 
ATOM   770  C CA  . ASP A 1 141 ? 2.842   12.289  -12.519 1.00 34.23 ? 531 ASP A CA  1 
ATOM   771  C C   . ASP A 1 141 ? 2.043   11.072  -12.192 1.00 32.52 ? 531 ASP A C   1 
ATOM   772  O O   . ASP A 1 141 ? 0.850   11.031  -12.465 1.00 26.30 ? 531 ASP A O   1 
ATOM   773  C CB  . ASP A 1 141 ? 3.408   12.138  -13.939 1.00 43.34 ? 531 ASP A CB  1 
ATOM   774  C CG  . ASP A 1 141 ? 4.063   13.437  -14.440 1.00 50.87 ? 531 ASP A CG  1 
ATOM   775  O OD1 . ASP A 1 141 ? 3.753   14.533  -13.903 1.00 50.89 ? 531 ASP A OD1 1 
ATOM   776  O OD2 . ASP A 1 141 ? 4.902   13.349  -15.361 1.00 61.89 ? 531 ASP A OD2 1 
ATOM   777  N N   . ASN A 1 142 ? 2.697   10.024  -11.695 1.00 28.46 ? 532 ASN A N   1 
ATOM   778  C CA  . ASN A 1 142 ? 1.941   8.867   -11.296 1.00 25.98 ? 532 ASN A CA  1 
ATOM   779  C C   . ASN A 1 142 ? 1.105   9.192   -10.040 1.00 22.92 ? 532 ASN A C   1 
ATOM   780  O O   . ASN A 1 142 ? 0.016   8.654   -9.920  1.00 26.25 ? 532 ASN A O   1 
ATOM   781  C CB  . ASN A 1 142 ? 2.813   7.611   -11.076 1.00 30.80 ? 532 ASN A CB  1 
ATOM   782  C CG  . ASN A 1 142 ? 2.834   6.676   -12.319 1.00 31.73 ? 532 ASN A CG  1 
ATOM   783  O OD1 . ASN A 1 142 ? 1.964   6.748   -13.192 1.00 33.77 ? 532 ASN A OD1 1 
ATOM   784  N ND2 . ASN A 1 142 ? 3.859   5.868   -12.425 1.00 31.83 ? 532 ASN A ND2 1 
ATOM   785  N N   . LEU A 1 143 ? 1.677   9.943   -9.107  1.00 23.54 ? 533 LEU A N   1 
ATOM   786  C CA  . LEU A 1 143 ? 0.925   10.323  -7.902  1.00 22.60 ? 533 LEU A CA  1 
ATOM   787  C C   . LEU A 1 143 ? -0.380  11.057  -8.294  1.00 23.83 ? 533 LEU A C   1 
ATOM   788  O O   . LEU A 1 143 ? -1.463  10.687  -7.831  1.00 22.00 ? 533 LEU A O   1 
ATOM   789  C CB  . LEU A 1 143 ? 1.771   11.085  -6.953  1.00 21.42 ? 533 LEU A CB  1 
ATOM   790  C CG  . LEU A 1 143 ? 2.933   10.276  -6.282  1.00 20.01 ? 533 LEU A CG  1 
ATOM   791  C CD1 . LEU A 1 143 ? 3.979   11.206  -5.777  1.00 22.42 ? 533 LEU A CD1 1 
ATOM   792  C CD2 . LEU A 1 143 ? 2.340   9.368   -5.203  1.00 23.20 ? 533 LEU A CD2 1 
ATOM   793  N N   . ARG A 1 144 ? -0.227  12.073  -9.151  1.00 21.85 ? 534 ARG A N   1 
ATOM   794  C CA  . ARG A 1 144 ? -1.356  12.807  -9.734  1.00 24.58 ? 534 ARG A CA  1 
ATOM   795  C C   . ARG A 1 144 ? -2.304  11.899  -10.441 1.00 23.50 ? 534 ARG A C   1 
ATOM   796  O O   . ARG A 1 144 ? -3.531  11.977  -10.205 1.00 22.45 ? 534 ARG A O   1 
ATOM   797  C CB  . ARG A 1 144 ? -0.834  13.891  -10.647 1.00 23.94 ? 534 ARG A CB  1 
ATOM   798  C CG  . ARG A 1 144 ? -0.193  15.003  -9.901  1.00 26.77 ? 534 ARG A CG  1 
ATOM   799  C CD  . ARG A 1 144 ? 0.529   15.935  -10.871 1.00 28.19 ? 534 ARG A CD  1 
ATOM   800  N NE  . ARG A 1 144 ? 0.965   17.150  -10.269 1.00 30.16 ? 534 ARG A NE  1 
ATOM   801  C CZ  . ARG A 1 144 ? 1.584   18.136  -10.939 1.00 40.91 ? 534 ARG A CZ  1 
ATOM   802  N NH1 . ARG A 1 144 ? 1.836   17.995  -12.223 1.00 38.25 ? 534 ARG A NH1 1 
ATOM   803  N NH2 . ARG A 1 144 ? 1.969   19.237  -10.315 1.00 36.88 ? 534 ARG A NH2 1 
ATOM   804  N N   . ARG A 1 145 ? -1.802  10.981  -11.244 1.00 24.15 ? 535 ARG A N   1 
ATOM   805  C CA  . ARG A 1 145 ? -2.647  10.026  -11.942 1.00 25.48 ? 535 ARG A CA  1 
ATOM   806  C C   . ARG A 1 145 ? -3.472  9.168   -11.094 1.00 26.76 ? 535 ARG A C   1 
ATOM   807  O O   . ARG A 1 145 ? -4.619  8.832   -11.431 1.00 24.42 ? 535 ARG A O   1 
ATOM   808  C CB  . ARG A 1 145 ? -1.769  9.105   -12.833 1.00 28.34 ? 535 ARG A CB  1 
ATOM   809  C CG  . ARG A 1 145 ? -2.434  8.077   -13.704 1.00 32.82 ? 535 ARG A CG  1 
ATOM   810  C CD  . ARG A 1 145 ? -1.277  7.251   -14.382 1.00 42.02 ? 535 ARG A CD  1 
ATOM   811  N NE  . ARG A 1 145 ? -1.631  5.872   -14.773 1.00 46.20 ? 535 ARG A NE  1 
ATOM   812  C CZ  . ARG A 1 145 ? -0.815  4.797   -14.811 1.00 47.10 ? 535 ARG A CZ  1 
ATOM   813  N NH1 . ARG A 1 145 ? 0.449   4.819   -14.398 1.00 48.07 ? 535 ARG A NH1 1 
ATOM   814  N NH2 . ARG A 1 145 ? -1.309  3.633   -15.217 1.00 57.22 ? 535 ARG A NH2 1 
ATOM   815  N N   . PHE A 1 146 ? -2.928  8.772   -9.961  1.00 21.10 ? 536 PHE A N   1 
ATOM   816  C CA  . PHE A 1 146 ? -3.689  7.980   -9.061  1.00 20.46 ? 536 PHE A CA  1 
ATOM   817  C C   . PHE A 1 146 ? -4.446  8.824   -7.972  1.00 19.68 ? 536 PHE A C   1 
ATOM   818  O O   . PHE A 1 146 ? -4.893  8.266   -6.981  1.00 19.15 ? 536 PHE A O   1 
ATOM   819  C CB  . PHE A 1 146 ? -2.788  6.952   -8.448  1.00 23.76 ? 536 PHE A CB  1 
ATOM   820  C CG  . PHE A 1 146 ? -2.221  5.992   -9.473  1.00 25.63 ? 536 PHE A CG  1 
ATOM   821  C CD1 . PHE A 1 146 ? -3.021  5.529   -10.529 1.00 30.65 ? 536 PHE A CD1 1 
ATOM   822  C CD2 . PHE A 1 146 ? -0.963  5.630   -9.434  1.00 29.17 ? 536 PHE A CD2 1 
ATOM   823  C CE1 . PHE A 1 146 ? -2.532  4.636   -11.455 1.00 34.52 ? 536 PHE A CE1 1 
ATOM   824  C CE2 . PHE A 1 146 ? -0.468  4.757   -10.379 1.00 26.81 ? 536 PHE A CE2 1 
ATOM   825  C CZ  . PHE A 1 146 ? -1.241  4.249   -11.357 1.00 29.35 ? 536 PHE A CZ  1 
ATOM   826  N N   . GLU A 1 147 ? -4.476  10.133  -8.172  1.00 18.88 ? 537 GLU A N   1 
ATOM   827  C CA  . GLU A 1 147 ? -5.222  11.098  -7.315  1.00 18.30 ? 537 GLU A CA  1 
ATOM   828  C C   . GLU A 1 147 ? -4.720  11.017  -5.860  1.00 19.74 ? 537 GLU A C   1 
ATOM   829  O O   . GLU A 1 147 ? -5.466  11.033  -4.923  1.00 17.29 ? 537 GLU A O   1 
ATOM   830  C CB  . GLU A 1 147 ? -6.706  10.805  -7.401  1.00 19.80 ? 537 GLU A CB  1 
ATOM   831  C CG  . GLU A 1 147 ? -7.547  11.949  -6.893  1.00 19.83 ? 537 GLU A CG  1 
ATOM   832  C CD  . GLU A 1 147 ? -8.996  11.911  -7.236  1.00 18.46 ? 537 GLU A CD  1 
ATOM   833  O OE1 . GLU A 1 147 ? -9.609  10.798  -7.375  1.00 20.28 ? 537 GLU A OE1 1 
ATOM   834  O OE2 . GLU A 1 147 ? -9.635  13.055  -7.126  1.00 19.12 ? 537 GLU A OE2 1 
ATOM   835  N N   . ILE A 1 148 ? -3.416  10.972  -5.740  1.00 17.70 ? 538 ILE A N   1 
ATOM   836  C CA  . ILE A 1 148 ? -2.744  10.919  -4.425  1.00 17.38 ? 538 ILE A CA  1 
ATOM   837  C C   . ILE A 1 148 ? -2.228  12.303  -4.117  1.00 17.13 ? 538 ILE A C   1 
ATOM   838  O O   . ILE A 1 148 ? -1.328  12.792  -4.760  1.00 22.16 ? 538 ILE A O   1 
ATOM   839  C CB  . ILE A 1 148 ? -1.580  9.879   -4.436  1.00 18.44 ? 538 ILE A CB  1 
ATOM   840  C CG1 . ILE A 1 148 ? -2.121  8.465   -4.667  1.00 18.43 ? 538 ILE A CG1 1 
ATOM   841  C CG2 . ILE A 1 148 ? -0.805  9.982   -3.134  1.00 19.21 ? 538 ILE A CG2 1 
ATOM   842  C CD1 . ILE A 1 148 ? -1.024  7.463   -5.040  1.00 20.14 ? 538 ILE A CD1 1 
ATOM   843  N N   . ARG A 1 149 ? -2.824  12.976  -3.135  1.00 16.76 ? 539 ARG A N   1 
ATOM   844  C CA  . ARG A 1 149 ? -2.339  14.242  -2.693  1.00 19.86 ? 539 ARG A CA  1 
ATOM   845  C C   . ARG A 1 149 ? -1.349  14.086  -1.548  1.00 20.26 ? 539 ARG A C   1 
ATOM   846  O O   . ARG A 1 149 ? -0.522  14.939  -1.313  1.00 22.52 ? 539 ARG A O   1 
ATOM   847  C CB  . ARG A 1 149 ? -3.492  15.138  -2.239  1.00 20.73 ? 539 ARG A CB  1 
ATOM   848  C CG  . ARG A 1 149 ? -3.089  16.577  -1.928  1.00 22.85 ? 539 ARG A CG  1 
ATOM   849  C CD  . ARG A 1 149 ? -2.387  17.273  -3.133  1.00 24.64 ? 539 ARG A CD  1 
ATOM   850  N NE  . ARG A 1 149 ? -1.962  18.542  -2.670  1.00 26.62 ? 539 ARG A NE  1 
ATOM   851  C CZ  . ARG A 1 149 ? -2.789  19.570  -2.433  1.00 31.75 ? 539 ARG A CZ  1 
ATOM   852  N NH1 . ARG A 1 149 ? -4.060  19.555  -2.821  1.00 28.38 ? 539 ARG A NH1 1 
ATOM   853  N NH2 . ARG A 1 149 ? -2.332  20.676  -1.892  1.00 31.13 ? 539 ARG A NH2 1 
ATOM   854  N N   . ALA A 1 150 ? -1.590  13.113  -0.711  1.00 19.25 ? 540 ALA A N   1 
ATOM   855  C CA  . ALA A 1 150 ? -0.809  12.851  0.522   1.00 18.15 ? 540 ALA A CA  1 
ATOM   856  C C   . ALA A 1 150 ? -0.800  11.323  0.700   1.00 19.04 ? 540 ALA A C   1 
ATOM   857  O O   . ALA A 1 150 ? -1.777  10.650  0.402   1.00 17.94 ? 540 ALA A O   1 
ATOM   858  C CB  . ALA A 1 150 ? -1.430  13.464  1.705   1.00 19.49 ? 540 ALA A CB  1 
ATOM   859  N N   . PHE A 1 151 ? 0.319   10.773  1.139   1.00 17.80 ? 541 PHE A N   1 
ATOM   860  C CA  . PHE A 1 151 ? 0.369   9.310   1.281   1.00 18.94 ? 541 PHE A CA  1 
ATOM   861  C C   . PHE A 1 151 ? 1.198   8.898   2.506   1.00 16.90 ? 541 PHE A C   1 
ATOM   862  O O   . PHE A 1 151 ? 2.154   9.608   2.909   1.00 17.80 ? 541 PHE A O   1 
ATOM   863  C CB  . PHE A 1 151 ? 0.878   8.582   0.058   1.00 18.39 ? 541 PHE A CB  1 
ATOM   864  C CG  . PHE A 1 151 ? 2.330   8.799   -0.282  1.00 21.71 ? 541 PHE A CG  1 
ATOM   865  C CD1 . PHE A 1 151 ? 3.321   8.058   0.308   1.00 21.07 ? 541 PHE A CD1 1 
ATOM   866  C CD2 . PHE A 1 151 ? 2.725   9.801   -1.216  1.00 22.14 ? 541 PHE A CD2 1 
ATOM   867  C CE1 . PHE A 1 151 ? 4.676   8.270   0.006   1.00 21.34 ? 541 PHE A CE1 1 
ATOM   868  C CE2 . PHE A 1 151 ? 4.072   10.007  -1.528  1.00 23.26 ? 541 PHE A CE2 1 
ATOM   869  C CZ  . PHE A 1 151 ? 5.061   9.235   -0.909  1.00 24.78 ? 541 PHE A CZ  1 
ATOM   870  N N   . LEU A 1 152 ? 0.852   7.746   3.023   1.00 16.84 ? 542 LEU A N   1 
ATOM   871  C CA  . LEU A 1 152 ? 1.619   7.057   4.080   1.00 18.48 ? 542 LEU A CA  1 
ATOM   872  C C   . LEU A 1 152 ? 1.813   5.614   3.612   1.00 19.86 ? 542 LEU A C   1 
ATOM   873  O O   . LEU A 1 152 ? 0.792   4.867   3.436   1.00 18.17 ? 542 LEU A O   1 
ATOM   874  C CB  . LEU A 1 152 ? 0.836   7.166   5.342   1.00 20.30 ? 542 LEU A CB  1 
ATOM   875  C CG  . LEU A 1 152 ? 1.380   6.488   6.573   1.00 25.56 ? 542 LEU A CG  1 
ATOM   876  C CD1 . LEU A 1 152 ? 2.868   6.493   6.664   1.00 24.19 ? 542 LEU A CD1 1 
ATOM   877  C CD2 . LEU A 1 152 ? 0.623   6.917   7.849   1.00 25.46 ? 542 LEU A CD2 1 
ATOM   878  N N   . THR A 1 153 ? 3.062   5.223   3.297   1.00 16.96 ? 543 THR A N   1 
ATOM   879  C CA  . THR A 1 153 ? 3.293   3.940   2.704   1.00 17.77 ? 543 THR A CA  1 
ATOM   880  C C   . THR A 1 153 ? 4.277   3.149   3.611   1.00 18.24 ? 543 THR A C   1 
ATOM   881  O O   . THR A 1 153 ? 5.319   3.681   4.004   1.00 20.52 ? 543 THR A O   1 
ATOM   882  C CB  . THR A 1 153 ? 3.728   4.058   1.249   1.00 22.72 ? 543 THR A CB  1 
ATOM   883  O OG1 . THR A 1 153 ? 2.651   4.615   0.502   1.00 22.82 ? 543 THR A OG1 1 
ATOM   884  C CG2 . THR A 1 153 ? 3.972   2.688   0.639   1.00 27.37 ? 543 THR A CG2 1 
ATOM   885  N N   . VAL A 1 154 ? 3.876   1.937   4.019   1.00 16.01 ? 544 VAL A N   1 
ATOM   886  C CA  . VAL A 1 154 ? 4.633   1.135   4.988   1.00 17.83 ? 544 VAL A CA  1 
ATOM   887  C C   . VAL A 1 154 ? 4.975   -0.245  4.375   1.00 16.26 ? 544 VAL A C   1 
ATOM   888  O O   . VAL A 1 154 ? 4.307   -0.668  3.452   1.00 17.31 ? 544 VAL A O   1 
ATOM   889  C CB  . VAL A 1 154 ? 3.949   1.024   6.317   1.00 20.37 ? 544 VAL A CB  1 
ATOM   890  C CG1 . VAL A 1 154 ? 3.664   2.408   6.939   1.00 21.89 ? 544 VAL A CG1 1 
ATOM   891  C CG2 . VAL A 1 154 ? 2.714   0.156   6.225   1.00 20.06 ? 544 VAL A CG2 1 
ATOM   892  N N   . PRO A 1 155 ? 6.035   -0.940  4.858   1.00 15.53 ? 545 PRO A N   1 
ATOM   893  C CA  . PRO A 1 155 ? 6.381   -2.228  4.296   1.00 16.37 ? 545 PRO A CA  1 
ATOM   894  C C   . PRO A 1 155 ? 5.559   -3.337  4.934   1.00 15.12 ? 545 PRO A C   1 
ATOM   895  O O   . PRO A 1 155 ? 5.155   -3.263  6.128   1.00 16.54 ? 545 PRO A O   1 
ATOM   896  C CB  . PRO A 1 155 ? 7.846   -2.396  4.695   1.00 18.34 ? 545 PRO A CB  1 
ATOM   897  C CG  . PRO A 1 155 ? 7.989   -1.573  5.946   1.00 19.51 ? 545 PRO A CG  1 
ATOM   898  C CD  . PRO A 1 155 ? 6.964   -0.488  5.920   1.00 17.68 ? 545 PRO A CD  1 
ATOM   899  N N   . VAL A 1 156 ? 5.284   -4.296  4.128   1.00 14.04 ? 546 VAL A N   1 
ATOM   900  C CA  . VAL A 1 156 ? 4.639   -5.587  4.514   1.00 13.51 ? 546 VAL A CA  1 
ATOM   901  C C   . VAL A 1 156 ? 5.669   -6.694  4.416   1.00 14.59 ? 546 VAL A C   1 
ATOM   902  O O   . VAL A 1 156 ? 5.980   -7.189  3.317   1.00 15.88 ? 546 VAL A O   1 
ATOM   903  C CB  . VAL A 1 156 ? 3.416   -5.869  3.673   1.00 14.48 ? 546 VAL A CB  1 
ATOM   904  C CG1 . VAL A 1 156 ? 2.768   -7.136  4.219   1.00 15.92 ? 546 VAL A CG1 1 
ATOM   905  C CG2 . VAL A 1 156 ? 2.343   -4.760  3.805   1.00 16.75 ? 546 VAL A CG2 1 
ATOM   906  N N   . PHE A 1 157 ? 6.068   -7.182  5.592   1.00 15.39 ? 547 PHE A N   1 
ATOM   907  C CA  . PHE A 1 157 ? 6.958   -8.289  5.719   1.00 15.64 ? 547 PHE A CA  1 
ATOM   908  C C   . PHE A 1 157 ? 6.175   -9.581  5.965   1.00 16.08 ? 547 PHE A C   1 
ATOM   909  O O   . PHE A 1 157 ? 5.331   -9.645  6.869   1.00 18.45 ? 547 PHE A O   1 
ATOM   910  C CB  . PHE A 1 157 ? 7.970   -8.114  6.798   1.00 18.73 ? 547 PHE A CB  1 
ATOM   911  C CG  . PHE A 1 157 ? 9.142   -7.307  6.341   1.00 16.76 ? 547 PHE A CG  1 
ATOM   912  C CD1 . PHE A 1 157 ? 9.071   -5.972  6.272   1.00 19.69 ? 547 PHE A CD1 1 
ATOM   913  C CD2 . PHE A 1 157 ? 10.322  -7.992  5.927   1.00 20.39 ? 547 PHE A CD2 1 
ATOM   914  C CE1 . PHE A 1 157 ? 10.138  -5.227  5.774   1.00 18.23 ? 547 PHE A CE1 1 
ATOM   915  C CE2 . PHE A 1 157 ? 11.406  -7.223  5.491   1.00 21.40 ? 547 PHE A CE2 1 
ATOM   916  C CZ  . PHE A 1 157 ? 11.278  -5.861  5.416   1.00 20.96 ? 547 PHE A CZ  1 
ATOM   917  N N   . VAL A 1 158 ? 6.509   -10.554 5.161   1.00 15.41 ? 548 VAL A N   1 
ATOM   918  C CA  . VAL A 1 158 ? 5.873   -11.900 5.191   1.00 16.58 ? 548 VAL A CA  1 
ATOM   919  C C   . VAL A 1 158 ? 7.019   -12.793 5.600   1.00 19.03 ? 548 VAL A C   1 
ATOM   920  O O   . VAL A 1 158 ? 7.961   -13.004 4.825   1.00 18.65 ? 548 VAL A O   1 
ATOM   921  C CB  . VAL A 1 158 ? 5.239   -12.282 3.879   1.00 17.94 ? 548 VAL A CB  1 
ATOM   922  C CG1 . VAL A 1 158 ? 4.856   -13.741 3.856   1.00 18.71 ? 548 VAL A CG1 1 
ATOM   923  C CG2 . VAL A 1 158 ? 3.990   -11.406 3.691   1.00 18.78 ? 548 VAL A CG2 1 
ATOM   924  N N   . GLY A 1 159 ? 6.982   -13.297 6.856   1.00 20.60 ? 549 GLY A N   1 
ATOM   925  C CA  . GLY A 1 159 ? 8.142   -13.944 7.389   1.00 24.35 ? 549 GLY A CA  1 
ATOM   926  C C   . GLY A 1 159 ? 9.354   -13.101 7.274   1.00 23.22 ? 549 GLY A C   1 
ATOM   927  O O   . GLY A 1 159 ? 9.375   -11.996 7.780   1.00 31.98 ? 549 GLY A O   1 
ATOM   928  N N   . GLU A 1 160 ? 10.395  -13.575 6.561   1.00 21.99 ? 550 GLU A N   1 
ATOM   929  C CA  . GLU A 1 160 ? 11.635  -12.878 6.432   1.00 20.02 ? 550 GLU A CA  1 
ATOM   930  C C   . GLU A 1 160 ? 11.725  -11.949 5.245   1.00 26.76 ? 550 GLU A C   1 
ATOM   931  O O   . GLU A 1 160 ? 12.668  -11.248 5.039   1.00 27.78 ? 550 GLU A O   1 
ATOM   932  C CB  . GLU A 1 160 ? 12.789  -13.944 6.393   1.00 28.58 ? 550 GLU A CB  1 
ATOM   933  C CG  . GLU A 1 160 ? 13.095  -14.460 5.032   1.00 29.03 ? 550 GLU A CG  1 
ATOM   934  C CD  . GLU A 1 160 ? 14.250  -15.526 5.059   1.00 45.44 ? 550 GLU A CD  1 
ATOM   935  O OE1 . GLU A 1 160 ? 14.640  -15.872 6.165   1.00 37.02 ? 550 GLU A OE1 1 
ATOM   936  O OE2 . GLU A 1 160 ? 14.777  -15.961 3.980   1.00 47.63 ? 550 GLU A OE2 1 
ATOM   937  N N   . GLN A 1 161 ? 10.658  -11.869 4.460   1.00 22.20 ? 551 GLN A N   1 
ATOM   938  C CA  . GLN A 1 161 ? 10.720  -11.193 3.179   1.00 20.30 ? 551 GLN A CA  1 
ATOM   939  C C   . GLN A 1 161 ? 9.900   -9.939  3.076   1.00 19.61 ? 551 GLN A C   1 
ATOM   940  O O   . GLN A 1 161 ? 8.777   -9.899  3.574   1.00 17.60 ? 551 GLN A O   1 
ATOM   941  C CB  . GLN A 1 161 ? 10.178  -12.139 2.200   1.00 23.73 ? 551 GLN A CB  1 
ATOM   942  C CG  . GLN A 1 161 ? 11.281  -13.219 2.067   1.00 30.66 ? 551 GLN A CG  1 
ATOM   943  C CD  . GLN A 1 161 ? 10.943  -14.303 1.111   1.00 30.82 ? 551 GLN A CD  1 
ATOM   944  O OE1 . GLN A 1 161 ? 9.808   -14.424 0.688   1.00 32.07 ? 551 GLN A OE1 1 
ATOM   945  N NE2 . GLN A 1 161 ? 11.961  -15.159 0.784   1.00 33.30 ? 551 GLN A NE2 1 
ATOM   946  N N   . LEU A 1 162 ? 10.441  -8.952  2.355   1.00 20.21 ? 552 LEU A N   1 
ATOM   947  C CA  . LEU A 1 162 ? 9.618   -7.753  2.011   1.00 18.78 ? 552 LEU A CA  1 
ATOM   948  C C   . LEU A 1 162 ? 8.730   -8.086  0.869   1.00 17.90 ? 552 LEU A C   1 
ATOM   949  O O   . LEU A 1 162 ? 9.160   -8.221  -0.274  1.00 20.92 ? 552 LEU A O   1 
ATOM   950  C CB  . LEU A 1 162 ? 10.554  -6.574  1.610   1.00 18.21 ? 552 LEU A CB  1 
ATOM   951  C CG  . LEU A 1 162 ? 9.890   -5.380  1.015   1.00 17.69 ? 552 LEU A CG  1 
ATOM   952  C CD1 . LEU A 1 162 ? 8.953   -4.863  2.082   1.00 16.56 ? 552 LEU A CD1 1 
ATOM   953  C CD2 . LEU A 1 162 ? 10.938  -4.346  0.611   1.00 19.82 ? 552 LEU A CD2 1 
ATOM   954  N N   . TRP A 1 163 ? 7.487   -8.388  1.206   1.00 17.05 ? 553 TRP A N   1 
ATOM   955  C CA  . TRP A 1 163 ? 6.534   -8.974  0.289   1.00 16.12 ? 553 TRP A CA  1 
ATOM   956  C C   . TRP A 1 163 ? 5.829   -7.883  -0.542  1.00 15.91 ? 553 TRP A C   1 
ATOM   957  O O   . TRP A 1 163 ? 5.444   -8.110  -1.671  1.00 17.44 ? 553 TRP A O   1 
ATOM   958  C CB  . TRP A 1 163 ? 5.539   -9.776  1.115   1.00 16.30 ? 553 TRP A CB  1 
ATOM   959  C CG  . TRP A 1 163 ? 4.310   -10.235 0.444   1.00 17.21 ? 553 TRP A CG  1 
ATOM   960  C CD1 . TRP A 1 163 ? 4.092   -11.434 -0.068  1.00 17.00 ? 553 TRP A CD1 1 
ATOM   961  C CD2 . TRP A 1 163 ? 3.078   -9.504  0.301   1.00 15.87 ? 553 TRP A CD2 1 
ATOM   962  N NE1 . TRP A 1 163 ? 2.839   -11.524 -0.606  1.00 18.74 ? 553 TRP A NE1 1 
ATOM   963  C CE2 . TRP A 1 163 ? 2.162   -10.377 -0.352  1.00 18.41 ? 553 TRP A CE2 1 
ATOM   964  C CE3 . TRP A 1 163 ? 2.650   -8.257  0.700   1.00 20.40 ? 553 TRP A CE3 1 
ATOM   965  C CZ2 . TRP A 1 163 ? 0.883   -10.006 -0.672  1.00 19.95 ? 553 TRP A CZ2 1 
ATOM   966  C CZ3 . TRP A 1 163 ? 1.372   -7.868  0.337   1.00 20.13 ? 553 TRP A CZ3 1 
ATOM   967  C CH2 . TRP A 1 163 ? 0.485   -8.779  -0.289  1.00 18.67 ? 553 TRP A CH2 1 
ATOM   968  N N   . GLY A 1 164 ? 5.648   -6.709  0.075   1.00 18.05 ? 554 GLY A N   1 
ATOM   969  C CA  . GLY A 1 164 ? 4.839   -5.629  -0.542  1.00 16.82 ? 554 GLY A CA  1 
ATOM   970  C C   . GLY A 1 164 ? 4.747   -4.417  0.333   1.00 18.75 ? 554 GLY A C   1 
ATOM   971  O O   . GLY A 1 164 ? 5.527   -4.240  1.312   1.00 15.71 ? 554 GLY A O   1 
ATOM   972  N N   . LEU A 1 165 ? 3.793   -3.553  -0.046  1.00 16.01 ? 555 LEU A N   1 
ATOM   973  C CA  . LEU A 1 165 ? 3.605   -2.357  0.639   1.00 16.50 ? 555 LEU A CA  1 
ATOM   974  C C   . LEU A 1 165 ? 2.130   -2.130  0.895   1.00 14.43 ? 555 LEU A C   1 
ATOM   975  O O   . LEU A 1 165 ? 1.290   -2.678  0.184   1.00 17.75 ? 555 LEU A O   1 
ATOM   976  C CB  . LEU A 1 165 ? 4.109   -1.198  -0.263  1.00 18.17 ? 555 LEU A CB  1 
ATOM   977  C CG  . LEU A 1 165 ? 5.506   -1.234  -0.833  1.00 19.05 ? 555 LEU A CG  1 
ATOM   978  C CD1 . LEU A 1 165 ? 5.660   0.001   -1.746  1.00 21.07 ? 555 LEU A CD1 1 
ATOM   979  C CD2 . LEU A 1 165 ? 6.479   -1.122  0.307   1.00 18.77 ? 555 LEU A CD2 1 
ATOM   980  N N   . LEU A 1 166 ? 1.860   -1.429  1.957   1.00 13.78 ? 556 LEU A N   1 
ATOM   981  C CA  . LEU A 1 166 ? 0.513   -0.979  2.318   1.00 15.46 ? 556 LEU A CA  1 
ATOM   982  C C   . LEU A 1 166 ? 0.516   0.525   2.324   1.00 15.82 ? 556 LEU A C   1 
ATOM   983  O O   . LEU A 1 166 ? 1.260   1.124   3.104   1.00 15.97 ? 556 LEU A O   1 
ATOM   984  C CB  . LEU A 1 166 ? 0.137   -1.583  3.672   1.00 16.22 ? 556 LEU A CB  1 
ATOM   985  C CG  . LEU A 1 166 ? -1.253  -1.232  4.248   1.00 16.02 ? 556 LEU A CG  1 
ATOM   986  C CD1 . LEU A 1 166 ? -2.386  -1.850  3.401   1.00 16.64 ? 556 LEU A CD1 1 
ATOM   987  C CD2 . LEU A 1 166 ? -1.320  -1.821  5.682   1.00 16.08 ? 556 LEU A CD2 1 
ATOM   988  N N   . GLY A 1 167 ? -0.395  1.153   1.515   1.00 14.91 ? 557 GLY A N   1 
ATOM   989  C CA  . GLY A 1 167 ? -0.430  2.574   1.343   1.00 16.69 ? 557 GLY A CA  1 
ATOM   990  C C   . GLY A 1 167 ? -1.778  3.123   1.798   1.00 15.47 ? 557 GLY A C   1 
ATOM   991  O O   . GLY A 1 167 ? -2.793  2.507   1.537   1.00 15.82 ? 557 GLY A O   1 
ATOM   992  N N   . ALA A 1 168 ? -1.749  4.177   2.535   1.00 15.16 ? 558 ALA A N   1 
ATOM   993  C CA  . ALA A 1 168 ? -2.921  4.977   2.871   1.00 14.56 ? 558 ALA A CA  1 
ATOM   994  C C   . ALA A 1 168 ? -2.810  6.347   2.160   1.00 17.64 ? 558 ALA A C   1 
ATOM   995  O O   . ALA A 1 168 ? -1.733  6.984   2.153   1.00 17.08 ? 558 ALA A O   1 
ATOM   996  C CB  . ALA A 1 168 ? -2.996  5.167   4.314   1.00 15.66 ? 558 ALA A CB  1 
ATOM   997  N N   . TYR A 1 169 ? -3.917  6.791   1.536   1.00 16.45 ? 559 TYR A N   1 
ATOM   998  C CA  . TYR A 1 169 ? -3.843  7.959   0.663   1.00 15.72 ? 559 TYR A CA  1 
ATOM   999  C C   . TYR A 1 169 ? -4.957  8.948   1.001   1.00 15.94 ? 559 TYR A C   1 
ATOM   1000 O O   . TYR A 1 169 ? -6.078  8.553   1.221   1.00 15.43 ? 559 TYR A O   1 
ATOM   1001 C CB  . TYR A 1 169 ? -3.968  7.563   -0.814  1.00 17.00 ? 559 TYR A CB  1 
ATOM   1002 C CG  . TYR A 1 169 ? -2.932  6.527   -1.156  1.00 15.48 ? 559 TYR A CG  1 
ATOM   1003 C CD1 . TYR A 1 169 ? -1.673  6.857   -1.476  1.00 15.91 ? 559 TYR A CD1 1 
ATOM   1004 C CD2 . TYR A 1 169 ? -3.273  5.155   -1.086  1.00 16.54 ? 559 TYR A CD2 1 
ATOM   1005 C CE1 . TYR A 1 169 ? -0.685  5.867   -1.745  1.00 15.16 ? 559 TYR A CE1 1 
ATOM   1006 C CE2 . TYR A 1 169 ? -2.348  4.196   -1.352  1.00 17.24 ? 559 TYR A CE2 1 
ATOM   1007 C CZ  . TYR A 1 169 ? -1.073  4.515   -1.643  1.00 17.54 ? 559 TYR A CZ  1 
ATOM   1008 O OH  . TYR A 1 169 ? -0.135  3.517   -1.965  1.00 18.37 ? 559 TYR A OH  1 
ATOM   1009 N N   . GLN A 1 170 ? -4.622  10.205  0.884   1.00 15.38 ? 560 GLN A N   1 
ATOM   1010 C CA  . GLN A 1 170 ? -5.638  11.305  0.943   1.00 16.86 ? 560 GLN A CA  1 
ATOM   1011 C C   . GLN A 1 170 ? -5.607  11.842  -0.502  1.00 16.92 ? 560 GLN A C   1 
ATOM   1012 O O   . GLN A 1 170 ? -4.562  12.128  -1.104  1.00 18.45 ? 560 GLN A O   1 
ATOM   1013 C CB  . GLN A 1 170 ? -5.236  12.434  1.895   1.00 17.98 ? 560 GLN A CB  1 
ATOM   1014 C CG  . GLN A 1 170 ? -6.453  13.086  2.573   1.00 19.65 ? 560 GLN A CG  1 
ATOM   1015 C CD  . GLN A 1 170 ? -7.163  12.155  3.570   1.00 24.40 ? 560 GLN A CD  1 
ATOM   1016 O OE1 . GLN A 1 170 ? -6.658  11.085  3.928   1.00 21.62 ? 560 GLN A OE1 1 
ATOM   1017 N NE2 . GLN A 1 170 ? -8.296  12.608  4.095   1.00 29.86 ? 560 GLN A NE2 1 
ATOM   1018 N N   . ASN A 1 171 ? -6.787  12.066  -1.005  1.00 17.79 ? 561 ASN A N   1 
ATOM   1019 C CA  . ASN A 1 171 ? -6.994  12.370  -2.425  1.00 18.87 ? 561 ASN A CA  1 
ATOM   1020 C C   . ASN A 1 171 ? -7.298  13.810  -2.753  1.00 20.53 ? 561 ASN A C   1 
ATOM   1021 O O   . ASN A 1 171 ? -7.043  14.202  -3.884  1.00 19.43 ? 561 ASN A O   1 
ATOM   1022 C CB  . ASN A 1 171 ? -8.177  11.554  -2.942  1.00 18.63 ? 561 ASN A CB  1 
ATOM   1023 C CG  . ASN A 1 171 ? -7.863  10.131  -3.195  1.00 21.30 ? 561 ASN A CG  1 
ATOM   1024 O OD1 . ASN A 1 171 ? -6.986  9.552   -2.560  1.00 18.45 ? 561 ASN A OD1 1 
ATOM   1025 N ND2 . ASN A 1 171 ? -8.559  9.543   -4.133  1.00 21.45 ? 561 ASN A ND2 1 
ATOM   1026 N N   . GLY A 1 172 ? -7.965  14.524  -1.848  1.00 20.98 ? 562 GLY A N   1 
ATOM   1027 C CA  . GLY A 1 172 ? -8.523  15.833  -2.159  1.00 24.77 ? 562 GLY A CA  1 
ATOM   1028 C C   . GLY A 1 172 ? -7.893  16.992  -1.449  1.00 25.43 ? 562 GLY A C   1 
ATOM   1029 O O   . GLY A 1 172 ? -8.333  18.142  -1.607  1.00 24.18 ? 562 GLY A O   1 
ATOM   1030 N N   . ALA A 1 173 ? -6.881  16.736  -0.598  1.00 22.15 ? 563 ALA A N   1 
ATOM   1031 C CA  . ALA A 1 173 ? -6.349  17.760  0.299   1.00 23.71 ? 563 ALA A CA  1 
ATOM   1032 C C   . ALA A 1 173 ? -5.038  17.202  0.906   1.00 23.97 ? 563 ALA A C   1 
ATOM   1033 O O   . ALA A 1 173 ? -4.888  15.991  1.010   1.00 22.24 ? 563 ALA A O   1 
ATOM   1034 C CB  . ALA A 1 173 ? -7.333  18.056  1.433   1.00 24.95 ? 563 ALA A CB  1 
ATOM   1035 N N   . PRO A 1 174 ? -4.075  18.055  1.206   1.00 23.65 ? 564 PRO A N   1 
ATOM   1036 C CA  . PRO A 1 174 ? -2.914  17.554  1.994   1.00 21.45 ? 564 PRO A CA  1 
ATOM   1037 C C   . PRO A 1 174 ? -3.306  17.102  3.323   1.00 21.51 ? 564 PRO A C   1 
ATOM   1038 O O   . PRO A 1 174 ? -4.403  17.390  3.862   1.00 21.31 ? 564 PRO A O   1 
ATOM   1039 C CB  . PRO A 1 174 ? -1.970  18.778  2.104   1.00 26.93 ? 564 PRO A CB  1 
ATOM   1040 C CG  . PRO A 1 174 ? -2.726  19.922  1.580   1.00 31.44 ? 564 PRO A CG  1 
ATOM   1041 C CD  . PRO A 1 174 ? -4.031  19.511  0.983   1.00 31.09 ? 564 PRO A CD  1 
ATOM   1042 N N   . ARG A 1 175 ? -2.400  16.367  3.957   1.00 21.40 ? 565 ARG A N   1 
ATOM   1043 C CA  . ARG A 1 175 ? -2.731  15.822  5.223   1.00 22.50 ? 565 ARG A CA  1 
ATOM   1044 C C   . ARG A 1 175 ? -1.415  15.744  5.998   1.00 26.61 ? 565 ARG A C   1 
ATOM   1045 O O   . ARG A 1 175 ? -0.474  15.088  5.517   1.00 30.93 ? 565 ARG A O   1 
ATOM   1046 C CB  . ARG A 1 175 ? -3.332  14.419  5.032   1.00 23.29 ? 565 ARG A CB  1 
ATOM   1047 C CG  . ARG A 1 175 ? -3.558  13.777  6.376   1.00 23.38 ? 565 ARG A CG  1 
ATOM   1048 C CD  . ARG A 1 175 ? -4.406  12.539  6.215   1.00 22.87 ? 565 ARG A CD  1 
ATOM   1049 N NE  . ARG A 1 175 ? -4.634  11.956  7.524   1.00 22.24 ? 565 ARG A NE  1 
ATOM   1050 C CZ  . ARG A 1 175 ? -5.543  11.057  7.778   1.00 22.73 ? 565 ARG A CZ  1 
ATOM   1051 N NH1 . ARG A 1 175 ? -6.345  10.621  6.802   1.00 22.41 ? 565 ARG A NH1 1 
ATOM   1052 N NH2 . ARG A 1 175 ? -5.636  10.519  8.988   1.00 22.34 ? 565 ARG A NH2 1 
ATOM   1053 N N   . HIS A 1 176 ? -1.413  16.306  7.181   1.00 27.68 ? 566 HIS A N   1 
ATOM   1054 C CA  . HIS A 1 176 ? -0.245  16.150  8.088   1.00 31.68 ? 566 HIS A CA  1 
ATOM   1055 C C   . HIS A 1 176 ? -0.413  14.821  8.843   1.00 24.12 ? 566 HIS A C   1 
ATOM   1056 O O   . HIS A 1 176 ? -1.211  14.742  9.767   1.00 29.08 ? 566 HIS A O   1 
ATOM   1057 C CB  . HIS A 1 176 ? -0.123  17.285  9.055   1.00 39.86 ? 566 HIS A CB  1 
ATOM   1058 C CG  . HIS A 1 176 ? 1.083   17.142  9.956   1.00 54.60 ? 566 HIS A CG  1 
ATOM   1059 N ND1 . HIS A 1 176 ? 1.068   17.462  11.297  1.00 63.93 ? 566 HIS A ND1 1 
ATOM   1060 C CD2 . HIS A 1 176 ? 2.323   16.651  9.704   1.00 54.72 ? 566 HIS A CD2 1 
ATOM   1061 C CE1 . HIS A 1 176 ? 2.254   17.206  11.823  1.00 65.29 ? 566 HIS A CE1 1 
ATOM   1062 N NE2 . HIS A 1 176 ? 3.028   16.703  10.878  1.00 61.04 ? 566 HIS A NE2 1 
ATOM   1063 N N   . TRP A 1 177 ? 0.381   13.835  8.468   1.00 23.94 ? 567 TRP A N   1 
ATOM   1064 C CA  . TRP A 1 177 ? 0.353   12.528  9.095   1.00 22.11 ? 567 TRP A CA  1 
ATOM   1065 C C   . TRP A 1 177 ? 1.001   12.594  10.463  1.00 27.02 ? 567 TRP A C   1 
ATOM   1066 O O   . TRP A 1 177 ? 2.080   13.189  10.613  1.00 27.40 ? 567 TRP A O   1 
ATOM   1067 C CB  . TRP A 1 177 ? 1.137   11.547  8.236   1.00 23.38 ? 567 TRP A CB  1 
ATOM   1068 C CG  . TRP A 1 177 ? 0.571   11.384  6.818   1.00 22.28 ? 567 TRP A CG  1 
ATOM   1069 C CD1 . TRP A 1 177 ? 1.078   11.919  5.695   1.00 20.40 ? 567 TRP A CD1 1 
ATOM   1070 C CD2 . TRP A 1 177 ? -0.597  10.646  6.438   1.00 20.60 ? 567 TRP A CD2 1 
ATOM   1071 N NE1 . TRP A 1 177 ? 0.283   11.574  4.618   1.00 20.03 ? 567 TRP A NE1 1 
ATOM   1072 C CE2 . TRP A 1 177 ? -0.754  10.810  5.053   1.00 20.88 ? 567 TRP A CE2 1 
ATOM   1073 C CE3 . TRP A 1 177 ? -1.558  9.928   7.137   1.00 22.87 ? 567 TRP A CE3 1 
ATOM   1074 C CZ2 . TRP A 1 177 ? -1.759  10.174  4.343   1.00 22.18 ? 567 TRP A CZ2 1 
ATOM   1075 C CZ3 . TRP A 1 177 ? -2.553  9.329   6.447   1.00 21.56 ? 567 TRP A CZ3 1 
ATOM   1076 C CH2 . TRP A 1 177 ? -2.665  9.451   5.082   1.00 22.85 ? 567 TRP A CH2 1 
ATOM   1077 N N   . GLN A 1 178 ? 0.369   12.046  11.389  1.00 22.52 ? 568 GLN A N   1 
ATOM   1078 C CA  . GLN A 1 178 ? 0.854   12.120  12.755  1.00 25.01 ? 568 GLN A CA  1 
ATOM   1079 C C   . GLN A 1 178 ? 1.753   10.933  13.039  1.00 24.44 ? 568 GLN A C   1 
ATOM   1080 O O   . GLN A 1 178 ? 1.499   9.874   12.579  1.00 19.13 ? 568 GLN A O   1 
ATOM   1081 C CB  . GLN A 1 178 ? -0.325  12.092  13.689  1.00 29.37 ? 568 GLN A CB  1 
ATOM   1082 C CG  . GLN A 1 178 ? -1.278  13.317  13.623  1.00 35.49 ? 568 GLN A CG  1 
ATOM   1083 C CD  . GLN A 1 178 ? -0.580  14.663  13.953  1.00 47.21 ? 568 GLN A CD  1 
ATOM   1084 O OE1 . GLN A 1 178 ? 0.262   14.746  14.867  1.00 58.48 ? 568 GLN A OE1 1 
ATOM   1085 N NE2 . GLN A 1 178 ? -0.978  15.734  13.251  1.00 46.45 ? 568 GLN A NE2 1 
ATOM   1086 N N   . ALA A 1 179 ? 2.641   11.063  14.024  1.00 20.84 ? 569 ALA A N   1 
ATOM   1087 C CA  . ALA A 1 179 ? 3.516   9.969   14.340  1.00 22.07 ? 569 ALA A CA  1 
ATOM   1088 C C   . ALA A 1 179 ? 2.703   8.727   14.732  1.00 19.14 ? 569 ALA A C   1 
ATOM   1089 O O   . ALA A 1 179 ? 3.004   7.573   14.342  1.00 21.44 ? 569 ALA A O   1 
ATOM   1090 C CB  . ALA A 1 179 ? 4.454   10.387  15.467  1.00 24.33 ? 569 ALA A CB  1 
ATOM   1091 N N   . ARG A 1 180 ? 1.661   8.934   15.476  1.00 20.58 ? 570 ARG A N   1 
ATOM   1092 C CA  . ARG A 1 180 ? 0.837   7.813   15.895  1.00 23.54 ? 570 ARG A CA  1 
ATOM   1093 C C   . ARG A 1 180 ? 0.168   7.038   14.771  1.00 20.00 ? 570 ARG A C   1 
ATOM   1094 O O   . ARG A 1 180 ? -0.049  5.820   14.903  1.00 19.60 ? 570 ARG A O   1 
ATOM   1095 C CB  . ARG A 1 180 ? -0.242  8.177   16.944  1.00 27.91 ? 570 ARG A CB  1 
ATOM   1096 C CG  . ARG A 1 180 ? -1.160  9.335   16.627  1.00 39.32 ? 570 ARG A CG  1 
ATOM   1097 C CD  . ARG A 1 180 ? -2.394  9.341   17.555  1.00 46.39 ? 570 ARG A CD  1 
ATOM   1098 N NE  . ARG A 1 180 ? -3.137  8.100   17.321  1.00 52.20 ? 570 ARG A NE  1 
ATOM   1099 C CZ  . ARG A 1 180 ? -4.067  7.938   16.361  1.00 54.97 ? 570 ARG A CZ  1 
ATOM   1100 N NH1 . ARG A 1 180 ? -4.460  8.957   15.589  1.00 51.42 ? 570 ARG A NH1 1 
ATOM   1101 N NH2 . ARG A 1 180 ? -4.627  6.747   16.203  1.00 59.39 ? 570 ARG A NH2 1 
ATOM   1102 N N   . GLU A 1 181 ? -0.173  7.746   13.706  1.00 19.44 ? 571 GLU A N   1 
ATOM   1103 C CA  . GLU A 1 181 ? -0.799  7.096   12.567  1.00 19.34 ? 571 GLU A CA  1 
ATOM   1104 C C   . GLU A 1 181 ? 0.255   6.291   11.827  1.00 17.42 ? 571 GLU A C   1 
ATOM   1105 O O   . GLU A 1 181 ? -0.030  5.213   11.332  1.00 18.01 ? 571 GLU A O   1 
ATOM   1106 C CB  . GLU A 1 181 ? -1.437  8.123   11.645  1.00 19.38 ? 571 GLU A CB  1 
ATOM   1107 C CG  . GLU A 1 181 ? -2.608  8.844   12.271  1.00 19.71 ? 571 GLU A CG  1 
ATOM   1108 C CD  . GLU A 1 181 ? -3.011  10.130  11.491  1.00 22.63 ? 571 GLU A CD  1 
ATOM   1109 O OE1 . GLU A 1 181 ? -2.169  10.898  10.972  1.00 22.80 ? 571 GLU A OE1 1 
ATOM   1110 O OE2 . GLU A 1 181 ? -4.234  10.337  11.467  1.00 22.96 ? 571 GLU A OE2 1 
ATOM   1111 N N   . ILE A 1 182 ? 1.453   6.820   11.734  1.00 16.90 ? 572 ILE A N   1 
ATOM   1112 C CA  . ILE A 1 182 ? 2.592   6.103   11.077  1.00 18.62 ? 572 ILE A CA  1 
ATOM   1113 C C   . ILE A 1 182 ? 2.866   4.820   11.840  1.00 19.41 ? 572 ILE A C   1 
ATOM   1114 O O   . ILE A 1 182 ? 3.053   3.714   11.242  1.00 18.33 ? 572 ILE A O   1 
ATOM   1115 C CB  . ILE A 1 182 ? 3.845   7.004   10.982  1.00 19.01 ? 572 ILE A CB  1 
ATOM   1116 C CG1 . ILE A 1 182 ? 3.572   8.250   10.129  1.00 21.07 ? 572 ILE A CG1 1 
ATOM   1117 C CG2 . ILE A 1 182 ? 5.065   6.230   10.469  1.00 20.64 ? 572 ILE A CG2 1 
ATOM   1118 C CD1 . ILE A 1 182 ? 4.720   9.268   10.232  1.00 22.58 ? 572 ILE A CD1 1 
ATOM   1119 N N   . HIS A 1 183 ? 2.894   4.941   13.177  1.00 16.04 ? 573 HIS A N   1 
ATOM   1120 C CA  . HIS A 1 183 ? 3.212   3.779   14.017  1.00 18.31 ? 573 HIS A CA  1 
ATOM   1121 C C   . HIS A 1 183 ? 2.102   2.729   13.928  1.00 18.79 ? 573 HIS A C   1 
ATOM   1122 O O   . HIS A 1 183 ? 2.371   1.547   13.920  1.00 16.99 ? 573 HIS A O   1 
ATOM   1123 C CB  . HIS A 1 183 ? 3.371   4.206   15.497  1.00 18.75 ? 573 HIS A CB  1 
ATOM   1124 C CG  . HIS A 1 183 ? 4.419   5.264   15.660  1.00 19.89 ? 573 HIS A CG  1 
ATOM   1125 N ND1 . HIS A 1 183 ? 4.369   6.215   16.647  1.00 25.31 ? 573 HIS A ND1 1 
ATOM   1126 C CD2 . HIS A 1 183 ? 5.533   5.503   14.949  1.00 23.15 ? 573 HIS A CD2 1 
ATOM   1127 C CE1 . HIS A 1 183 ? 5.393   7.036   16.493  1.00 24.18 ? 573 HIS A CE1 1 
ATOM   1128 N NE2 . HIS A 1 183 ? 6.119   6.615   15.482  1.00 21.73 ? 573 HIS A NE2 1 
ATOM   1129 N N   . LEU A 1 184 ? 0.854   3.203   13.831  1.00 18.09 ? 574 LEU A N   1 
ATOM   1130 C CA  . LEU A 1 184 ? -0.294  2.311   13.748  1.00 19.18 ? 574 LEU A CA  1 
ATOM   1131 C C   . LEU A 1 184 ? -0.300  1.544   12.437  1.00 17.60 ? 574 LEU A C   1 
ATOM   1132 O O   . LEU A 1 184 ? -0.450  0.339   12.436  1.00 18.41 ? 574 LEU A O   1 
ATOM   1133 C CB  . LEU A 1 184 ? -1.607  3.106   13.871  1.00 19.16 ? 574 LEU A CB  1 
ATOM   1134 C CG  . LEU A 1 184 ? -2.800  2.173   13.580  1.00 22.59 ? 574 LEU A CG  1 
ATOM   1135 C CD1 . LEU A 1 184 ? -2.971  1.055   14.594  1.00 23.39 ? 574 LEU A CD1 1 
ATOM   1136 C CD2 . LEU A 1 184 ? -4.027  3.120   13.492  1.00 26.45 ? 574 LEU A CD2 1 
ATOM   1137 N N   . LEU A 1 185 ? -0.132  2.259   11.330  1.00 17.34 ? 575 LEU A N   1 
ATOM   1138 C CA  . LEU A 1 185 ? -0.100  1.635   10.012  1.00 15.51 ? 575 LEU A CA  1 
ATOM   1139 C C   . LEU A 1 185 ? 0.996   0.578   9.941   1.00 15.84 ? 575 LEU A C   1 
ATOM   1140 O O   . LEU A 1 185 ? 0.798   -0.500  9.382   1.00 15.40 ? 575 LEU A O   1 
ATOM   1141 C CB  . LEU A 1 185 ? 0.112   2.689   8.924   1.00 18.03 ? 575 LEU A CB  1 
ATOM   1142 C CG  . LEU A 1 185 ? -0.232  2.265   7.495   1.00 19.51 ? 575 LEU A CG  1 
ATOM   1143 C CD1 . LEU A 1 185 ? -1.601  1.604   7.445   1.00 22.89 ? 575 LEU A CD1 1 
ATOM   1144 C CD2 . LEU A 1 185 ? -0.172  3.458   6.552   1.00 20.59 ? 575 LEU A CD2 1 
ATOM   1145 N N   . HIS A 1 186 ? 2.153   0.895   10.514  1.00 15.93 ? 576 HIS A N   1 
ATOM   1146 C CA  . HIS A 1 186 ? 3.278   -0.032  10.533  1.00 16.79 ? 576 HIS A CA  1 
ATOM   1147 C C   . HIS A 1 186 ? 2.891   -1.334  11.227  1.00 16.27 ? 576 HIS A C   1 
ATOM   1148 O O   . HIS A 1 186 ? 3.287   -2.419  10.799  1.00 16.33 ? 576 HIS A O   1 
ATOM   1149 C CB  . HIS A 1 186 ? 4.483   0.599   11.232  1.00 16.52 ? 576 HIS A CB  1 
ATOM   1150 C CG  . HIS A 1 186 ? 5.749   -0.185  11.081  1.00 17.07 ? 576 HIS A CG  1 
ATOM   1151 N ND1 . HIS A 1 186 ? 6.042   -1.281  11.863  1.00 16.86 ? 576 HIS A ND1 1 
ATOM   1152 C CD2 . HIS A 1 186 ? 6.797   -0.033  10.238  1.00 20.21 ? 576 HIS A CD2 1 
ATOM   1153 C CE1 . HIS A 1 186 ? 7.218   -1.770  11.509  1.00 20.58 ? 576 HIS A CE1 1 
ATOM   1154 N NE2 . HIS A 1 186 ? 7.697   -1.031  10.524  1.00 19.77 ? 576 HIS A NE2 1 
ATOM   1155 N N   . GLN A 1 187 ? 2.115   -1.217  12.300  1.00 17.15 ? 577 GLN A N   1 
ATOM   1156 C CA  . GLN A 1 187 ? 1.659   -2.384  13.045  1.00 16.84 ? 577 GLN A CA  1 
ATOM   1157 C C   . GLN A 1 187 ? 0.636   -3.175  12.237  1.00 16.40 ? 577 GLN A C   1 
ATOM   1158 O O   . GLN A 1 187 ? 0.675   -4.405  12.202  1.00 16.35 ? 577 GLN A O   1 
ATOM   1159 C CB  . GLN A 1 187 ? 1.057   -1.962  14.386  1.00 18.90 ? 577 GLN A CB  1 
ATOM   1160 C CG  . GLN A 1 187 ? 2.086   -1.698  15.473  1.00 18.18 ? 577 GLN A CG  1 
ATOM   1161 C CD  . GLN A 1 187 ? 3.279   -2.629  15.383  1.00 16.98 ? 577 GLN A CD  1 
ATOM   1162 O OE1 . GLN A 1 187 ? 3.129   -3.851  15.378  1.00 22.54 ? 577 GLN A OE1 1 
ATOM   1163 N NE2 . GLN A 1 187 ? 4.474   -2.055  15.312  1.00 13.24 ? 577 GLN A NE2 1 
ATOM   1164 N N   . ILE A 1 188 ? -0.277  -2.461  11.587  1.00 16.30 ? 578 ILE A N   1 
ATOM   1165 C CA  . ILE A 1 188 ? -1.301  -3.094  10.764  1.00 17.29 ? 578 ILE A CA  1 
ATOM   1166 C C   . ILE A 1 188 ? -0.628  -3.901  9.662   1.00 17.39 ? 578 ILE A C   1 
ATOM   1167 O O   . ILE A 1 188 ? -1.050  -4.990  9.341   1.00 15.06 ? 578 ILE A O   1 
ATOM   1168 C CB  . ILE A 1 188 ? -2.332  -2.065  10.224  1.00 16.85 ? 578 ILE A CB  1 
ATOM   1169 C CG1 . ILE A 1 188 ? -3.143  -1.533  11.393  1.00 18.21 ? 578 ILE A CG1 1 
ATOM   1170 C CG2 . ILE A 1 188 ? -3.148  -2.664  9.132   1.00 16.90 ? 578 ILE A CG2 1 
ATOM   1171 C CD1 . ILE A 1 188 ? -4.078  -0.399  11.048  1.00 21.13 ? 578 ILE A CD1 1 
ATOM   1172 N N   . ALA A 1 189 ? 0.380   -3.335  9.047   1.00 15.45 ? 579 ALA A N   1 
ATOM   1173 C CA  . ALA A 1 189 ? 1.122   -4.017  8.010   1.00 15.87 ? 579 ALA A CA  1 
ATOM   1174 C C   . ALA A 1 189 ? 1.879   -5.272  8.555   1.00 14.20 ? 579 ALA A C   1 
ATOM   1175 O O   . ALA A 1 189 ? 1.918   -6.282  7.915   1.00 15.86 ? 579 ALA A O   1 
ATOM   1176 C CB  . ALA A 1 189 ? 2.083   -3.028  7.312   1.00 14.51 ? 579 ALA A CB  1 
ATOM   1177 N N   . ASN A 1 190 ? 2.523   -5.167  9.707   1.00 15.16 ? 580 ASN A N   1 
ATOM   1178 C CA  . ASN A 1 190 ? 3.157   -6.335  10.295  1.00 14.94 ? 580 ASN A CA  1 
ATOM   1179 C C   . ASN A 1 190 ? 2.145   -7.442  10.470  1.00 16.50 ? 580 ASN A C   1 
ATOM   1180 O O   . ASN A 1 190 ? 2.378   -8.574  10.136  1.00 15.38 ? 580 ASN A O   1 
ATOM   1181 C CB  . ASN A 1 190 ? 3.747   -5.988  11.656  1.00 14.67 ? 580 ASN A CB  1 
ATOM   1182 C CG  . ASN A 1 190 ? 4.965   -5.083  11.593  1.00 16.93 ? 580 ASN A CG  1 
ATOM   1183 O OD1 . ASN A 1 190 ? 5.665   -4.996  10.588  1.00 18.13 ? 580 ASN A OD1 1 
ATOM   1184 N ND2 . ASN A 1 190 ? 5.355   -4.644  12.745  1.00 17.26 ? 580 ASN A ND2 1 
ATOM   1185 N N   . GLN A 1 191 ? 0.966   -7.066  10.965  1.00 16.22 ? 581 GLN A N   1 
ATOM   1186 C CA  . GLN A 1 191 ? -0.122  -8.019  11.207  1.00 17.98 ? 581 GLN A CA  1 
ATOM   1187 C C   . GLN A 1 191 ? -0.604  -8.659  9.881   1.00 15.44 ? 581 GLN A C   1 
ATOM   1188 O O   . GLN A 1 191 ? -0.879  -9.868  9.848   1.00 16.94 ? 581 GLN A O   1 
ATOM   1189 C CB  . GLN A 1 191 ? -1.250  -7.323  12.008  1.00 19.82 ? 581 GLN A CB  1 
ATOM   1190 C CG  . GLN A 1 191 ? -0.715  -7.109  13.483  1.00 28.98 ? 581 GLN A CG  1 
ATOM   1191 C CD  . GLN A 1 191 ? -1.643  -6.457  14.562  1.00 43.67 ? 581 GLN A CD  1 
ATOM   1192 O OE1 . GLN A 1 191 ? -2.786  -6.883  14.768  1.00 44.40 ? 581 GLN A OE1 1 
ATOM   1193 N NE2 . GLN A 1 191 ? -1.098  -5.465  15.317  1.00 48.84 ? 581 GLN A NE2 1 
ATOM   1194 N N   . LEU A 1 192 ? -0.718  -7.858  8.839   1.00 16.23 ? 582 LEU A N   1 
ATOM   1195 C CA  . LEU A 1 192 ? -1.081  -8.322  7.546   1.00 16.07 ? 582 LEU A CA  1 
ATOM   1196 C C   . LEU A 1 192 ? -0.068  -9.349  7.015   1.00 15.87 ? 582 LEU A C   1 
ATOM   1197 O O   . LEU A 1 192 ? -0.488  -10.396 6.541   1.00 16.30 ? 582 LEU A O   1 
ATOM   1198 C CB  . LEU A 1 192 ? -1.221  -7.193  6.557   1.00 17.07 ? 582 LEU A CB  1 
ATOM   1199 C CG  . LEU A 1 192 ? -1.403  -7.591  5.120   1.00 18.11 ? 582 LEU A CG  1 
ATOM   1200 C CD1 . LEU A 1 192 ? -2.657  -8.394  4.846   1.00 19.88 ? 582 LEU A CD1 1 
ATOM   1201 C CD2 . LEU A 1 192 ? -1.408  -6.403  4.179   1.00 18.74 ? 582 LEU A CD2 1 
ATOM   1202 N N   . GLY A 1 193 ? 1.206   -9.061  7.203   1.00 16.33 ? 583 GLY A N   1 
ATOM   1203 C CA  . GLY A 1 193 ? 2.275   -9.949  6.720   1.00 15.34 ? 583 GLY A CA  1 
ATOM   1204 C C   . GLY A 1 193 ? 2.219   -11.280 7.445   1.00 14.72 ? 583 GLY A C   1 
ATOM   1205 O O   . GLY A 1 193 ? 2.440   -12.304 6.824   1.00 16.72 ? 583 GLY A O   1 
ATOM   1206 N N   . VAL A 1 194 ? 2.028   -11.245 8.765   1.00 16.64 ? 584 VAL A N   1 
ATOM   1207 C CA  . VAL A 1 194 ? 1.810   -12.452 9.554   1.00 17.01 ? 584 VAL A CA  1 
ATOM   1208 C C   . VAL A 1 194 ? 0.611   -13.245 9.051   1.00 19.15 ? 584 VAL A C   1 
ATOM   1209 O O   . VAL A 1 194 ? 0.690   -14.433 8.882   1.00 17.47 ? 584 VAL A O   1 
ATOM   1210 C CB  . VAL A 1 194 ? 1.606   -12.103 11.077  1.00 19.94 ? 584 VAL A CB  1 
ATOM   1211 C CG1 . VAL A 1 194 ? 1.117   -13.308 11.820  1.00 27.73 ? 584 VAL A CG1 1 
ATOM   1212 C CG2 . VAL A 1 194 ? 2.931   -11.700 11.594  1.00 22.71 ? 584 VAL A CG2 1 
ATOM   1213 N N   . ALA A 1 195 ? -0.529  -12.569 8.804   1.00 18.57 ? 585 ALA A N   1 
ATOM   1214 C CA  . ALA A 1 195 ? -1.712  -13.240 8.245   1.00 20.44 ? 585 ALA A CA  1 
ATOM   1215 C C   . ALA A 1 195 ? -1.421  -13.903 6.920   1.00 17.04 ? 585 ALA A C   1 
ATOM   1216 O O   . ALA A 1 195 ? -1.863  -15.068 6.639   1.00 15.58 ? 585 ALA A O   1 
ATOM   1217 C CB  . ALA A 1 195 ? -2.889  -12.241 8.136   1.00 19.69 ? 585 ALA A CB  1 
ATOM   1218 N N   . VAL A 1 196 ? -0.710  -13.222 6.049   1.00 16.85 ? 586 VAL A N   1 
ATOM   1219 C CA  . VAL A 1 196 ? -0.289  -13.769 4.770   1.00 18.90 ? 586 VAL A CA  1 
ATOM   1220 C C   . VAL A 1 196 ? 0.583   -14.983 4.915   1.00 18.20 ? 586 VAL A C   1 
ATOM   1221 O O   . VAL A 1 196 ? 0.358   -16.006 4.276   1.00 17.93 ? 586 VAL A O   1 
ATOM   1222 C CB  . VAL A 1 196 ? 0.365   -12.692 3.823   1.00 17.71 ? 586 VAL A CB  1 
ATOM   1223 C CG1 . VAL A 1 196 ? 0.924   -13.240 2.555   1.00 20.59 ? 586 VAL A CG1 1 
ATOM   1224 C CG2 . VAL A 1 196 ? -0.644  -11.626 3.487   1.00 17.82 ? 586 VAL A CG2 1 
ATOM   1225 N N   . TYR A 1 197 ? 1.578   -14.852 5.777   1.00 16.59 ? 587 TYR A N   1 
ATOM   1226 C CA  . TYR A 1 197 ? 2.485   -15.994 5.949   1.00 16.52 ? 587 TYR A CA  1 
ATOM   1227 C C   . TYR A 1 197 ? 1.737   -17.220 6.572   1.00 14.28 ? 587 TYR A C   1 
ATOM   1228 O O   . TYR A 1 197 ? 1.889   -18.329 6.164   1.00 15.34 ? 587 TYR A O   1 
ATOM   1229 C CB  . TYR A 1 197 ? 3.666   -15.593 6.831   1.00 15.20 ? 587 TYR A CB  1 
ATOM   1230 C CG  . TYR A 1 197 ? 4.805   -16.590 6.741   1.00 15.71 ? 587 TYR A CG  1 
ATOM   1231 C CD1 . TYR A 1 197 ? 5.187   -17.140 5.532   1.00 20.64 ? 587 TYR A CD1 1 
ATOM   1232 C CD2 . TYR A 1 197 ? 5.457   -16.998 7.876   1.00 18.80 ? 587 TYR A CD2 1 
ATOM   1233 C CE1 . TYR A 1 197 ? 6.191   -18.101 5.476   1.00 19.95 ? 587 TYR A CE1 1 
ATOM   1234 C CE2 . TYR A 1 197 ? 6.507   -17.906 7.813   1.00 18.39 ? 587 TYR A CE2 1 
ATOM   1235 C CZ  . TYR A 1 197 ? 6.896   -18.392 6.638   1.00 18.75 ? 587 TYR A CZ  1 
ATOM   1236 O OH  . TYR A 1 197 ? 7.917   -19.369 6.595   1.00 22.63 ? 587 TYR A OH  1 
ATOM   1237 N N   . GLN A 1 198 ? 0.892   -16.988 7.573   1.00 15.50 ? 588 GLN A N   1 
ATOM   1238 C CA  . GLN A 1 198 ? 0.102   -18.032 8.147   1.00 16.37 ? 588 GLN A CA  1 
ATOM   1239 C C   . GLN A 1 198 ? -0.752  -18.734 7.134   1.00 18.54 ? 588 GLN A C   1 
ATOM   1240 O O   . GLN A 1 198 ? -0.814  -19.969 7.137   1.00 19.88 ? 588 GLN A O   1 
ATOM   1241 C CB  . GLN A 1 198 ? -0.812  -17.459 9.264   1.00 20.44 ? 588 GLN A CB  1 
ATOM   1242 C CG  . GLN A 1 198 ? -1.686  -18.506 9.891   1.00 31.08 ? 588 GLN A CG  1 
ATOM   1243 C CD  . GLN A 1 198 ? -0.934  -19.641 10.606  1.00 37.06 ? 588 GLN A CD  1 
ATOM   1244 O OE1 . GLN A 1 198 ? -0.705  -20.744 10.032  1.00 43.37 ? 588 GLN A OE1 1 
ATOM   1245 N NE2 . GLN A 1 198 ? -0.712  -19.439 11.874  1.00 36.74 ? 588 GLN A NE2 1 
ATOM   1246 N N   . ALA A 1 199 ? -1.406  -17.976 6.274   1.00 19.81 ? 589 ALA A N   1 
ATOM   1247 C CA  . ALA A 1 199 ? -2.209  -18.551 5.198   1.00 20.65 ? 589 ALA A CA  1 
ATOM   1248 C C   . ALA A 1 199 ? -1.349  -19.403 4.257   1.00 22.35 ? 589 ALA A C   1 
ATOM   1249 O O   . ALA A 1 199 ? -1.776  -20.477 3.849   1.00 20.23 ? 589 ALA A O   1 
ATOM   1250 C CB  . ALA A 1 199 ? -2.914  -17.500 4.384   1.00 23.36 ? 589 ALA A CB  1 
ATOM   1251 N N   . GLN A 1 200 ? -0.179  -18.939 3.914   1.00 19.15 ? 590 GLN A N   1 
ATOM   1252 C CA  . GLN A 1 200 ? 0.765   -19.717 3.075   1.00 19.91 ? 590 GLN A CA  1 
ATOM   1253 C C   . GLN A 1 200 ? 1.199   -21.011 3.725   1.00 18.67 ? 590 GLN A C   1 
ATOM   1254 O O   . GLN A 1 200 ? 1.200   -22.061 3.072   1.00 19.83 ? 590 GLN A O   1 
ATOM   1255 C CB  . GLN A 1 200 ? 2.024   -18.939 2.701   1.00 22.73 ? 590 GLN A CB  1 
ATOM   1256 C CG  . GLN A 1 200 ? 1.749   -17.754 1.795   1.00 25.73 ? 590 GLN A CG  1 
ATOM   1257 C CD  . GLN A 1 200 ? 3.003   -16.903 1.601   1.00 28.60 ? 590 GLN A CD  1 
ATOM   1258 O OE1 . GLN A 1 200 ? 4.038   -17.135 2.240   1.00 30.43 ? 590 GLN A OE1 1 
ATOM   1259 N NE2 . GLN A 1 200 ? 2.956   -15.976 0.600   1.00 29.92 ? 590 GLN A NE2 1 
ATOM   1260 N N   . LEU A 1 201 ? 1.555   -20.969 5.002   1.00 18.32 ? 591 LEU A N   1 
ATOM   1261 C CA  . LEU A 1 201 ? 1.929   -22.136 5.733   1.00 18.58 ? 591 LEU A CA  1 
ATOM   1262 C C   . LEU A 1 201 ? 0.801   -23.172 5.671   1.00 23.69 ? 591 LEU A C   1 
ATOM   1263 O O   . LEU A 1 201 ? 1.080   -24.354 5.511   1.00 22.77 ? 591 LEU A O   1 
ATOM   1264 C CB  . LEU A 1 201 ? 2.290   -21.824 7.208   1.00 18.14 ? 591 LEU A CB  1 
ATOM   1265 C CG  . LEU A 1 201 ? 3.507   -20.902 7.442   1.00 17.62 ? 591 LEU A CG  1 
ATOM   1266 C CD1 . LEU A 1 201 ? 3.730   -20.703 8.908   1.00 21.51 ? 591 LEU A CD1 1 
ATOM   1267 C CD2 . LEU A 1 201 ? 4.738   -21.639 6.792   1.00 18.00 ? 591 LEU A CD2 1 
ATOM   1268 N N   . LEU A 1 202 ? -0.466  -22.734 5.877   1.00 23.11 ? 592 LEU A N   1 
ATOM   1269 C CA  . LEU A 1 202 ? -1.576  -23.707 5.865   1.00 25.16 ? 592 LEU A CA  1 
ATOM   1270 C C   . LEU A 1 202 ? -1.941  -24.152 4.460   1.00 23.51 ? 592 LEU A C   1 
ATOM   1271 O O   . LEU A 1 202 ? -2.323  -25.324 4.264   1.00 30.98 ? 592 LEU A O   1 
ATOM   1272 C CB  . LEU A 1 202 ? -2.828  -23.091 6.537   1.00 27.59 ? 592 LEU A CB  1 
ATOM   1273 C CG  . LEU A 1 202 ? -2.592  -22.907 8.038   1.00 33.05 ? 592 LEU A CG  1 
ATOM   1274 C CD1 . LEU A 1 202 ? -3.806  -22.184 8.641   1.00 39.82 ? 592 LEU A CD1 1 
ATOM   1275 C CD2 . LEU A 1 202 ? -2.174  -24.123 8.851   1.00 38.49 ? 592 LEU A CD2 1 
ATOM   1276 N N   . ALA A 1 203 ? -1.836  -23.279 3.472   1.00 21.09 ? 593 ALA A N   1 
ATOM   1277 C CA  . ALA A 1 203 ? -2.297  -23.619 2.139   1.00 26.28 ? 593 ALA A CA  1 
ATOM   1278 C C   . ALA A 1 203 ? -1.333  -24.589 1.507   1.00 25.83 ? 593 ALA A C   1 
ATOM   1279 O O   . ALA A 1 203 ? -1.756  -25.416 0.749   1.00 28.32 ? 593 ALA A O   1 
ATOM   1280 C CB  . ALA A 1 203 ? -2.437  -22.396 1.264   1.00 29.01 ? 593 ALA A CB  1 
ATOM   1281 N N   . ARG A 1 204 ? -0.064  -24.414 1.856   1.00 21.69 ? 594 ARG A N   1 
ATOM   1282 C CA  A ARG A 1 204 ? 0.667   -25.392 1.053   0.60 24.33 ? 594 ARG A CA  1 
ATOM   1283 C CA  B ARG A 1 204 ? 0.980   -25.209 1.051   0.40 22.21 ? 594 ARG A CA  1 
ATOM   1284 C C   . ARG A 1 204 ? 1.381   -26.699 1.635   1.00 25.43 ? 594 ARG A C   1 
ATOM   1285 O O   . ARG A 1 204 ? 2.376   -27.438 1.297   1.00 23.81 ? 594 ARG A O   1 
ATOM   1286 C CB  A ARG A 1 204 ? 1.695   -24.645 0.176   0.60 28.55 ? 594 ARG A CB  1 
ATOM   1287 C CB  B ARG A 1 204 ? 2.210   -24.328 0.827   0.40 22.00 ? 594 ARG A CB  1 
ATOM   1288 C CG  A ARG A 1 204 ? 1.301   -23.216 -0.171  0.60 34.41 ? 594 ARG A CG  1 
ATOM   1289 C CG  B ARG A 1 204 ? 2.055   -23.340 -0.293  0.40 22.49 ? 594 ARG A CG  1 
ATOM   1290 C CD  A ARG A 1 204 ? 2.315   -22.539 -1.085  0.60 41.17 ? 594 ARG A CD  1 
ATOM   1291 C CD  B ARG A 1 204 ? 2.929   -22.137 0.019   0.40 22.38 ? 594 ARG A CD  1 
ATOM   1292 N NE  A ARG A 1 204 ? 2.608   -23.324 -2.279  0.60 46.48 ? 594 ARG A NE  1 
ATOM   1293 N NE  B ARG A 1 204 ? 2.559   -20.863 -0.643  0.40 23.96 ? 594 ARG A NE  1 
ATOM   1294 C CZ  A ARG A 1 204 ? 2.652   -22.817 -3.511  0.60 35.55 ? 594 ARG A CZ  1 
ATOM   1295 C CZ  B ARG A 1 204 ? 3.400   -19.844 -0.721  0.40 22.89 ? 594 ARG A CZ  1 
ATOM   1296 N NH1 A ARG A 1 204 ? 2.410   -21.533 -3.717  0.60 33.54 ? 594 ARG A NH1 1 
ATOM   1297 N NH1 B ARG A 1 204 ? 4.668   -19.999 -0.232  0.40 17.09 ? 594 ARG A NH1 1 
ATOM   1298 N NH2 A ARG A 1 204 ? 2.930   -23.603 -4.542  0.60 37.31 ? 594 ARG A NH2 1 
ATOM   1299 N NH2 B ARG A 1 204 ? 2.966   -18.721 -1.288  0.40 25.12 ? 594 ARG A NH2 1 
ATOM   1300 N N   . PHE A 1 205 ? 0.957   -26.744 2.937   1.00 22.92 ? 595 PHE A N   1 
ATOM   1301 C CA  . PHE A 1 205 ? 1.446   -27.971 3.592   1.00 25.86 ? 595 PHE A CA  1 
ATOM   1302 C C   . PHE A 1 205 ? 0.242   -28.779 4.075   1.00 33.53 ? 595 PHE A C   1 
ATOM   1303 O O   . PHE A 1 205 ? -0.500  -28.285 4.917   1.00 34.20 ? 595 PHE A O   1 
ATOM   1304 C CB  . PHE A 1 205 ? 2.399   -27.646 4.721   1.00 25.47 ? 595 PHE A CB  1 
ATOM   1305 C CG  . PHE A 1 205 ? 2.964   -28.850 5.389   1.00 25.26 ? 595 PHE A CG  1 
ATOM   1306 C CD1 . PHE A 1 205 ? 3.898   -29.646 4.747   1.00 24.70 ? 595 PHE A CD1 1 
ATOM   1307 C CD2 . PHE A 1 205 ? 2.631   -29.146 6.737   1.00 26.96 ? 595 PHE A CD2 1 
ATOM   1308 C CE1 . PHE A 1 205 ? 4.447   -30.724 5.388   1.00 26.53 ? 595 PHE A CE1 1 
ATOM   1309 C CE2 . PHE A 1 205 ? 3.153   -30.266 7.373   1.00 25.91 ? 595 PHE A CE2 1 
ATOM   1310 C CZ  . PHE A 1 205 ? 4.091   -31.042 6.706   1.00 26.98 ? 595 PHE A CZ  1 
ATOM   1311 N N   . GLN A 1 206 ? 0.083   -29.955 3.485   1.00 38.16 ? 596 GLN A N   1 
ATOM   1312 C CA  . GLN A 1 206 ? -1.129  -30.808 3.533   1.00 55.05 ? 596 GLN A CA  1 
ATOM   1313 C C   . GLN A 1 206 ? -2.415  -30.112 3.052   1.00 59.81 ? 596 GLN A C   1 
ATOM   1314 O O   . GLN A 1 206 ? -2.431  -29.509 1.963   1.00 66.55 ? 596 GLN A O   1 
ATOM   1315 C CB  . GLN A 1 206 ? -1.294  -31.390 4.915   1.00 54.07 ? 596 GLN A CB  1 
ATOM   1316 C CG  . GLN A 1 206 ? -0.209  -32.381 5.219   1.00 53.09 ? 596 GLN A CG  1 
ATOM   1317 C CD  . GLN A 1 206 ? -0.169  -32.713 6.685   1.00 65.24 ? 596 GLN A CD  1 
ATOM   1318 O OE1 . GLN A 1 206 ? -1.102  -32.404 7.434   1.00 74.10 ? 596 GLN A OE1 1 
ATOM   1319 N NE2 . GLN A 1 206 ? 0.920   -33.332 7.113   1.00 62.68 ? 596 GLN A NE2 1 
HETATM 1320 C CHA . CYC B 2 .   ? 10.187  6.854   -5.092  1.00 27.26 ? 701 CYC A CHA 1 
HETATM 1321 N NA  . CYC B 2 .   ? 8.201   5.428   -5.658  1.00 26.85 ? 701 CYC A NA  1 
HETATM 1322 C C1A . CYC B 2 .   ? 9.055   5.995   -4.720  1.00 27.09 ? 701 CYC A C1A 1 
HETATM 1323 C C2A . CYC B 2 .   ? 8.786   5.880   -3.283  1.00 31.78 ? 701 CYC A C2A 1 
HETATM 1324 C C3A . CYC B 2 .   ? 7.616   5.030   -3.326  1.00 29.66 ? 701 CYC A C3A 1 
HETATM 1325 C C4A . CYC B 2 .   ? 7.276   4.939   -4.787  1.00 27.34 ? 701 CYC A C4A 1 
HETATM 1326 C CMA . CYC B 2 .   ? 6.957   4.548   -2.043  1.00 30.05 ? 701 CYC A CMA 1 
HETATM 1327 C CAA . CYC B 2 .   ? 9.560   6.316   -2.054  1.00 32.60 ? 701 CYC A CAA 1 
HETATM 1328 C CBA . CYC B 2 .   ? 10.641  5.134   -1.933  1.00 35.93 ? 701 CYC A CBA 1 
HETATM 1329 C CGA . CYC B 2 .   ? 11.839  5.151   -0.930  1.00 35.35 ? 701 CYC A CGA 1 
HETATM 1330 O O1A . CYC B 2 .   ? 11.965  6.247   -0.336  1.00 31.46 ? 701 CYC A O1A 1 
HETATM 1331 O O2A . CYC B 2 .   ? 12.688  4.138   -0.770  1.00 33.12 ? 701 CYC A O2A 1 
HETATM 1332 C CHB . CYC B 2 .   ? 6.200   4.032   -5.088  1.00 26.98 ? 701 CYC A CHB 1 
HETATM 1333 N NB  . CYC B 2 .   ? 4.369   4.588   -3.522  1.00 23.68 ? 701 CYC A NB  1 
HETATM 1334 C C1B . CYC B 2 .   ? 4.885   3.850   -4.499  1.00 26.72 ? 701 CYC A C1B 1 
HETATM 1335 C C2B . CYC B 2 .   ? 4.065   2.675   -4.953  1.00 24.53 ? 701 CYC A C2B 1 
HETATM 1336 C C3B . CYC B 2 .   ? 2.891   2.790   -4.108  1.00 23.09 ? 701 CYC A C3B 1 
HETATM 1337 C C4B . CYC B 2 .   ? 3.195   3.974   -3.264  1.00 26.24 ? 701 CYC A C4B 1 
HETATM 1338 C CMB . CYC B 2 .   ? 4.286   1.634   -5.978  1.00 24.80 ? 701 CYC A CMB 1 
HETATM 1339 C CAB . CYC B 2 .   ? 1.699   1.918   -4.060  1.00 23.05 ? 701 CYC A CAB 1 
HETATM 1340 C CBB . CYC B 2 .   ? 1.802   1.144   -2.773  1.00 23.12 ? 701 CYC A CBB 1 
HETATM 1341 O OB  . CYC B 2 .   ? 2.346   4.399   -2.410  1.00 22.31 ? 701 CYC A OB  1 
HETATM 1342 N NC  . CYC B 2 .   ? 8.340   6.390   -10.135 1.00 32.63 ? 701 CYC A NC  1 
HETATM 1343 C C1C . CYC B 2 .   ? 7.365   6.306   -11.061 1.00 35.91 ? 701 CYC A C1C 1 
HETATM 1344 C C2C . CYC B 2 .   ? 7.880   6.709   -12.442 1.00 31.68 ? 701 CYC A C2C 1 
HETATM 1345 C C3C . CYC B 2 .   ? 9.381   6.689   -12.169 1.00 35.67 ? 701 CYC A C3C 1 
HETATM 1346 C C4C . CYC B 2 .   ? 9.476   6.769   -10.645 1.00 34.12 ? 701 CYC A C4C 1 
HETATM 1347 C CMC . CYC B 2 .   ? 7.270   6.011   -13.675 1.00 31.80 ? 701 CYC A CMC 1 
HETATM 1348 C CAC . CYC B 2 .   ? 10.225  7.717   -12.957 1.00 39.77 ? 701 CYC A CAC 1 
HETATM 1349 C CBC . CYC B 2 .   ? 10.548  7.193   -14.363 1.00 40.72 ? 701 CYC A CBC 1 
HETATM 1350 O OC  . CYC B 2 .   ? 6.197   5.990   -10.827 1.00 36.02 ? 701 CYC A OC  1 
HETATM 1351 C CHD . CYC B 2 .   ? 10.590  7.144   -9.990  1.00 30.36 ? 701 CYC A CHD 1 
HETATM 1352 N ND  . CYC B 2 .   ? 10.073  6.702   -7.571  1.00 31.01 ? 701 CYC A ND  1 
HETATM 1353 C C1D . CYC B 2 .   ? 10.801  7.312   -8.590  1.00 29.06 ? 701 CYC A C1D 1 
HETATM 1354 C C2D . CYC B 2 .   ? 11.887  8.143   -8.138  1.00 33.31 ? 701 CYC A C2D 1 
HETATM 1355 C C3D . CYC B 2 .   ? 11.747  8.056   -6.685  1.00 31.59 ? 701 CYC A C3D 1 
HETATM 1356 C C4D . CYC B 2 .   ? 10.595  7.139   -6.452  1.00 27.36 ? 701 CYC A C4D 1 
HETATM 1357 C CMD . CYC B 2 .   ? 12.915  8.905   -8.972  1.00 40.33 ? 701 CYC A CMD 1 
HETATM 1358 C CAD . CYC B 2 .   ? 12.553  8.686   -5.583  1.00 33.42 ? 701 CYC A CAD 1 
HETATM 1359 C CBD . CYC B 2 .   ? 11.950  9.967   -5.063  1.00 35.81 ? 701 CYC A CBD 1 
HETATM 1360 C CGD . CYC B 2 .   ? 11.808  10.948  -6.212  1.00 41.22 ? 701 CYC A CGD 1 
HETATM 1361 O O1D . CYC B 2 .   ? 10.664  11.168  -6.750  1.00 35.22 ? 701 CYC A O1D 1 
HETATM 1362 O O2D . CYC B 2 .   ? 12.867  11.499  -6.601  1.00 38.47 ? 701 CYC A O2D 1 
HETATM 1363 O O   . HOH C 3 .   ? 1.358   -5.030  16.398  1.00 26.64 ? 801 HOH A O   1 
HETATM 1364 O O   . HOH C 3 .   ? 8.505   -10.656 9.534   1.00 29.99 ? 802 HOH A O   1 
HETATM 1365 O O   . HOH C 3 .   ? -14.100 -1.272  -15.463 1.00 47.05 ? 803 HOH A O   1 
HETATM 1366 O O   . HOH C 3 .   ? -3.362  -5.150  13.196  1.00 49.70 ? 804 HOH A O   1 
HETATM 1367 O O   . HOH C 3 .   ? 15.012  4.846   -0.463  1.00 44.56 ? 805 HOH A O   1 
HETATM 1368 O O   . HOH C 3 .   ? -15.882 5.047   -6.545  1.00 31.50 ? 806 HOH A O   1 
HETATM 1369 O O   . HOH C 3 .   ? 1.571   15.668  -14.099 1.00 45.45 ? 807 HOH A O   1 
HETATM 1370 O O   . HOH C 3 .   ? -15.427 -4.141  1.798   1.00 39.53 ? 808 HOH A O   1 
HETATM 1371 O O   . HOH C 3 .   ? 15.817  -3.356  9.355   1.00 31.86 ? 809 HOH A O   1 
HETATM 1372 O O   . HOH C 3 .   ? -12.904 10.229  -12.954 1.00 39.85 ? 810 HOH A O   1 
HETATM 1373 O O   . HOH C 3 .   ? -3.501  -27.499 3.058   1.00 45.50 ? 811 HOH A O   1 
HETATM 1374 O O   . HOH C 3 .   ? -13.035 9.310   1.455   1.00 37.65 ? 812 HOH A O   1 
HETATM 1375 O O   . HOH C 3 .   ? -6.150  8.856   12.302  1.00 31.64 ? 813 HOH A O   1 
HETATM 1376 O O   . HOH C 3 .   ? -11.731 -3.470  0.206   1.00 25.56 ? 814 HOH A O   1 
HETATM 1377 O O   . HOH C 3 .   ? -1.761  0.605   -16.243 1.00 40.92 ? 815 HOH A O   1 
HETATM 1378 O O   . HOH C 3 .   ? -16.615 2.416   -1.629  1.00 29.57 ? 816 HOH A O   1 
HETATM 1379 O O   . HOH C 3 .   ? -11.878 10.672  -8.618  1.00 16.57 ? 817 HOH A O   1 
HETATM 1380 O O   . HOH C 3 .   ? -0.880  -12.494 -3.082  1.00 42.76 ? 818 HOH A O   1 
HETATM 1381 O O   . HOH C 3 .   ? -12.821 6.922   3.377   1.00 26.59 ? 819 HOH A O   1 
HETATM 1382 O O   . HOH C 3 .   ? 12.130  8.458   -1.701  1.00 44.51 ? 820 HOH A O   1 
HETATM 1383 O O   . HOH C 3 .   ? -1.528  16.951  -6.424  1.00 40.06 ? 821 HOH A O   1 
HETATM 1384 O O   . HOH C 3 .   ? 1.862   8.369   -15.230 1.00 55.03 ? 822 HOH A O   1 
HETATM 1385 O O   . HOH C 3 .   ? -8.570  15.153  -5.997  1.00 19.69 ? 823 HOH A O   1 
HETATM 1386 O O   . HOH C 3 .   ? 0.885   21.724  1.602   1.00 38.32 ? 824 HOH A O   1 
HETATM 1387 O O   . HOH C 3 .   ? 3.149   -9.073  -7.469  1.00 34.81 ? 825 HOH A O   1 
HETATM 1388 O O   . HOH C 3 .   ? -6.246  10.673  -12.355 1.00 39.09 ? 826 HOH A O   1 
HETATM 1389 O O   . HOH C 3 .   ? 5.899   -10.527 -2.975  1.00 18.18 ? 827 HOH A O   1 
HETATM 1390 O O   . HOH C 3 .   ? -9.098  8.275   -8.300  1.00 20.02 ? 828 HOH A O   1 
HETATM 1391 O O   . HOH C 3 .   ? -3.293  12.993  9.824   1.00 24.87 ? 829 HOH A O   1 
HETATM 1392 O O   . HOH C 3 .   ? 15.801  6.051   4.344   1.00 43.03 ? 830 HOH A O   1 
HETATM 1393 O O   . HOH C 3 .   ? -4.958  -5.578  11.322  1.00 39.39 ? 831 HOH A O   1 
HETATM 1394 O O   . HOH C 3 .   ? -12.112 -0.749  -5.862  1.00 33.01 ? 832 HOH A O   1 
HETATM 1395 O O   . HOH C 3 .   ? -3.964  -7.294  -9.667  1.00 39.85 ? 833 HOH A O   1 
HETATM 1396 O O   . HOH C 3 .   ? 8.272   -1.595  -7.876  1.00 33.58 ? 834 HOH A O   1 
HETATM 1397 O O   . HOH C 3 .   ? -2.458  14.470  -6.505  1.00 24.92 ? 835 HOH A O   1 
HETATM 1398 O O   . HOH C 3 .   ? -9.366  14.311  0.741   1.00 19.18 ? 836 HOH A O   1 
HETATM 1399 O O   . HOH C 3 .   ? -12.944 -9.627  4.477   1.00 48.50 ? 837 HOH A O   1 
HETATM 1400 O O   . HOH C 3 .   ? -12.125 -4.510  8.015   1.00 28.19 ? 838 HOH A O   1 
HETATM 1401 O O   . HOH C 3 .   ? -5.548  19.723  4.537   1.00 38.03 ? 839 HOH A O   1 
HETATM 1402 O O   . HOH C 3 .   ? -10.022 8.639   11.678  1.00 44.64 ? 840 HOH A O   1 
HETATM 1403 O O   . HOH C 3 .   ? 4.464   20.627  -7.398  1.00 49.89 ? 841 HOH A O   1 
HETATM 1404 O O   . HOH C 3 .   ? 4.881   7.236   -3.625  1.00 24.77 ? 842 HOH A O   1 
HETATM 1405 O O   . HOH C 3 .   ? -3.121  11.263  15.163  1.00 47.73 ? 843 HOH A O   1 
HETATM 1406 O O   . HOH C 3 .   ? -17.157 8.460   -7.626  1.00 28.60 ? 844 HOH A O   1 
HETATM 1407 O O   . HOH C 3 .   ? -13.495 6.532   9.070   1.00 39.47 ? 845 HOH A O   1 
HETATM 1408 O O   . HOH C 3 .   ? 9.853   -10.086 -2.105  1.00 26.41 ? 846 HOH A O   1 
HETATM 1409 O O   . HOH C 3 .   ? 5.032   -9.222  9.524   1.00 21.07 ? 847 HOH A O   1 
HETATM 1410 O O   . HOH C 3 .   ? -6.588  15.985  4.628   1.00 34.20 ? 848 HOH A O   1 
HETATM 1411 O O   . HOH C 3 .   ? 6.650   -16.630 1.702   1.00 29.29 ? 849 HOH A O   1 
HETATM 1412 O O   . HOH C 3 .   ? 6.207   -6.851  -13.873 1.00 49.19 ? 850 HOH A O   1 
HETATM 1413 O O   . HOH C 3 .   ? 0.578   22.496  -2.328  1.00 40.61 ? 851 HOH A O   1 
HETATM 1414 O O   . HOH C 3 .   ? 8.081   19.941  -4.864  1.00 39.90 ? 852 HOH A O   1 
HETATM 1415 O O   . HOH C 3 .   ? 5.523   -5.478  7.910   1.00 17.87 ? 853 HOH A O   1 
HETATM 1416 O O   . HOH C 3 .   ? -9.619  -14.833 4.995   1.00 44.63 ? 854 HOH A O   1 
HETATM 1417 O O   . HOH C 3 .   ? 9.481   -19.274 8.828   1.00 25.56 ? 855 HOH A O   1 
HETATM 1418 O O   . HOH C 3 .   ? -0.126  4.122   17.039  1.00 28.20 ? 856 HOH A O   1 
HETATM 1419 O O   . HOH C 3 .   ? -0.066  -20.128 -0.815  1.00 36.30 ? 857 HOH A O   1 
HETATM 1420 O O   . HOH C 3 .   ? -5.379  7.876   -4.036  1.00 16.51 ? 858 HOH A O   1 
HETATM 1421 O O   . HOH C 3 .   ? 5.192   16.846  -13.695 1.00 54.83 ? 859 HOH A O   1 
HETATM 1422 O O   . HOH C 3 .   ? -1.234  -27.851 -0.375  1.00 33.12 ? 860 HOH A O   1 
HETATM 1423 O O   . HOH C 3 .   ? -15.222 -3.339  10.582  1.00 30.70 ? 861 HOH A O   1 
HETATM 1424 O O   . HOH C 3 .   ? -4.475  -20.907 4.071   1.00 30.45 ? 862 HOH A O   1 
HETATM 1425 O O   . HOH C 3 .   ? 7.004   16.907  -5.627  1.00 35.94 ? 863 HOH A O   1 
HETATM 1426 O O   . HOH C 3 .   ? -12.245 13.396  -7.922  1.00 18.13 ? 864 HOH A O   1 
HETATM 1427 O O   . HOH C 3 .   ? 7.311   -13.290 0.483   1.00 23.46 ? 865 HOH A O   1 
HETATM 1428 O O   . HOH C 3 .   ? 2.633   6.022   18.772  1.00 31.88 ? 866 HOH A O   1 
HETATM 1429 O O   . HOH C 3 .   ? 0.970   -20.719 13.644  1.00 32.02 ? 867 HOH A O   1 
HETATM 1430 O O   . HOH C 3 .   ? 10.905  12.439  -14.318 1.00 43.53 ? 868 HOH A O   1 
HETATM 1431 O O   . HOH C 3 .   ? -0.835  -3.183  -10.593 1.00 34.42 ? 869 HOH A O   1 
HETATM 1432 O O   . HOH C 3 .   ? -14.065 -5.247  5.651   1.00 42.18 ? 870 HOH A O   1 
HETATM 1433 O O   . HOH C 3 .   ? 5.533   -2.017  8.579   1.00 17.87 ? 871 HOH A O   1 
HETATM 1434 O O   . HOH C 3 .   ? -5.507  17.676  -4.262  1.00 33.15 ? 872 HOH A O   1 
HETATM 1435 O O   . HOH C 3 .   ? 4.809   8.746   -14.817 1.00 40.42 ? 873 HOH A O   1 
HETATM 1436 O O   . HOH C 3 .   ? 8.956   -17.004 0.109   1.00 22.17 ? 874 HOH A O   1 
HETATM 1437 O O   . HOH C 3 .   ? -21.898 7.275   -5.478  1.00 29.53 ? 875 HOH A O   1 
HETATM 1438 O O   . HOH C 3 .   ? -0.616  12.685  -14.159 1.00 41.46 ? 876 HOH A O   1 
HETATM 1439 O O   . HOH C 3 .   ? 0.454   -15.817 -0.622  1.00 38.81 ? 877 HOH A O   1 
HETATM 1440 O O   . HOH C 3 .   ? 12.950  -9.519  1.258   1.00 32.71 ? 878 HOH A O   1 
HETATM 1441 O O   . HOH C 3 .   ? 14.597  -14.320 1.723   1.00 52.11 ? 879 HOH A O   1 
HETATM 1442 O O   . HOH C 3 .   ? -6.787  -8.935  7.716   1.00 30.13 ? 880 HOH A O   1 
HETATM 1443 O O   . HOH C 3 .   ? -5.096  14.937  -5.768  1.00 28.10 ? 881 HOH A O   1 
HETATM 1444 O O   . HOH C 3 .   ? -13.816 -1.138  -8.824  1.00 30.19 ? 882 HOH A O   1 
HETATM 1445 O O   . HOH C 3 .   ? 5.081   15.601  4.863   1.00 33.99 ? 883 HOH A O   1 
HETATM 1446 O O   . HOH C 3 .   ? 15.743  -6.381  -1.202  1.00 28.42 ? 884 HOH A O   1 
HETATM 1447 O O   . HOH C 3 .   ? -4.082  -15.996 8.107   1.00 27.35 ? 885 HOH A O   1 
HETATM 1448 O O   . HOH C 3 .   ? 4.996   17.106  1.606   1.00 28.72 ? 886 HOH A O   1 
HETATM 1449 O O   . HOH C 3 .   ? 7.984   -3.583  8.888   1.00 32.63 ? 887 HOH A O   1 
HETATM 1450 O O   . HOH C 3 .   ? 10.721  -9.509  -4.620  1.00 28.22 ? 888 HOH A O   1 
HETATM 1451 O O   . HOH C 3 .   ? -12.380 -13.411 -1.662  1.00 51.09 ? 889 HOH A O   1 
HETATM 1452 O O   . HOH C 3 .   ? -3.724  15.382  12.664  1.00 48.29 ? 890 HOH A O   1 
HETATM 1453 O O   . HOH C 3 .   ? -9.417  12.626  7.094   1.00 35.71 ? 891 HOH A O   1 
HETATM 1454 O O   . HOH C 3 .   ? 14.912  -6.555  3.639   1.00 35.82 ? 892 HOH A O   1 
HETATM 1455 O O   . HOH C 3 .   ? 2.701   13.367  15.698  1.00 39.22 ? 893 HOH A O   1 
HETATM 1456 O O   . HOH C 3 .   ? 11.077  9.750   5.980   1.00 45.84 ? 894 HOH A O   1 
HETATM 1457 O O   . HOH C 3 .   ? -9.602  -4.529  -4.520  1.00 24.73 ? 895 HOH A O   1 
HETATM 1458 O O   . HOH C 3 .   ? 8.293   9.600   6.497   1.00 27.67 ? 896 HOH A O   1 
HETATM 1459 O O   . HOH C 3 .   ? -14.587 -0.604  1.301   1.00 27.89 ? 897 HOH A O   1 
HETATM 1460 O O   . HOH C 3 .   ? 0.753   -22.259 11.981  1.00 36.57 ? 898 HOH A O   1 
HETATM 1461 O O   . HOH C 3 .   ? -13.394 -0.132  -2.091  1.00 23.22 ? 899 HOH A O   1 
HETATM 1462 O O   . HOH C 3 .   ? 2.767   14.764  7.142   1.00 40.76 ? 900 HOH A O   1 
HETATM 1463 O O   . HOH C 3 .   ? 1.958   -1.998  -10.832 1.00 38.07 ? 901 HOH A O   1 
HETATM 1464 O O   . HOH C 3 .   ? -3.649  -6.252  9.217   1.00 23.78 ? 902 HOH A O   1 
HETATM 1465 O O   . HOH C 3 .   ? -13.414 1.422   5.139   1.00 20.69 ? 903 HOH A O   1 
HETATM 1466 O O   . HOH C 3 .   ? 5.873   -12.035 9.230   1.00 31.71 ? 904 HOH A O   1 
HETATM 1467 O O   . HOH C 3 .   ? 12.982  -11.082 -5.088  1.00 44.34 ? 905 HOH A O   1 
HETATM 1468 O O   . HOH C 3 .   ? 2.525   -7.426  -12.011 1.00 50.20 ? 906 HOH A O   1 
HETATM 1469 O O   . HOH C 3 .   ? -4.359  -6.187  -12.093 1.00 34.15 ? 907 HOH A O   1 
HETATM 1470 O O   . HOH C 3 .   ? -17.285 2.347   2.438   1.00 40.40 ? 908 HOH A O   1 
HETATM 1471 O O   . HOH C 3 .   ? 5.424   -14.743 -0.371  1.00 28.52 ? 909 HOH A O   1 
HETATM 1472 O O   . HOH C 3 .   ? 1.433   11.292  17.230  1.00 25.59 ? 910 HOH A O   1 
HETATM 1473 O O   . HOH C 3 .   ? -9.198  8.816   -14.642 1.00 35.73 ? 911 HOH A O   1 
HETATM 1474 O O   . HOH C 3 .   ? 18.067  4.532   -7.993  1.00 45.26 ? 912 HOH A O   1 
HETATM 1475 O O   . HOH C 3 .   ? 5.971   -2.527  -11.393 1.00 36.41 ? 913 HOH A O   1 
HETATM 1476 O O   . HOH C 3 .   ? 12.054  15.905  -12.173 1.00 45.33 ? 914 HOH A O   1 
HETATM 1477 O O   . HOH C 3 .   ? -11.882 -2.717  -4.768  1.00 39.88 ? 915 HOH A O   1 
HETATM 1478 O O   . HOH C 3 .   ? 1.157   -13.610 -1.932  1.00 26.99 ? 916 HOH A O   1 
HETATM 1479 O O   . HOH C 3 .   ? -1.486  -16.536 12.230  1.00 53.48 ? 917 HOH A O   1 
HETATM 1480 O O   . HOH C 3 .   ? -7.725  -0.115  -14.166 1.00 55.91 ? 918 HOH A O   1 
HETATM 1481 O O   . HOH C 3 .   ? -3.994  17.323  8.405   1.00 36.68 ? 919 HOH A O   1 
HETATM 1482 O O   . HOH C 3 .   ? 15.277  10.948  -10.547 1.00 52.61 ? 920 HOH A O   1 
HETATM 1483 O O   . HOH C 3 .   ? 4.318   -11.750 -6.655  1.00 41.32 ? 921 HOH A O   1 
HETATM 1484 O O   . HOH C 3 .   ? -4.190  -8.742  8.711   1.00 25.20 ? 922 HOH A O   1 
HETATM 1485 O O   . HOH C 3 .   ? -9.167  15.451  3.148   1.00 32.69 ? 923 HOH A O   1 
HETATM 1486 O O   . HOH C 3 .   ? -17.258 9.002   -0.399  1.00 20.79 ? 924 HOH A O   1 
HETATM 1487 O O   . HOH C 3 .   ? -1.778  -4.736  -12.296 1.00 54.97 ? 925 HOH A O   1 
HETATM 1488 O O   . HOH C 3 .   ? -7.783  -6.892  9.538   1.00 40.83 ? 926 HOH A O   1 
HETATM 1489 O O   . HOH C 3 .   ? -16.637 6.234   2.968   1.00 40.64 ? 927 HOH A O   1 
HETATM 1490 O O   . HOH C 3 .   ? 8.498   -11.958 -5.194  1.00 45.68 ? 928 HOH A O   1 
HETATM 1491 O O   . HOH C 3 .   ? -13.611 5.938   6.514   1.00 34.76 ? 929 HOH A O   1 
HETATM 1492 O O   . HOH C 3 .   ? -15.174 -0.327  4.030   1.00 31.41 ? 930 HOH A O   1 
HETATM 1493 O O   . HOH C 3 .   ? -9.135  -6.963  -5.653  1.00 41.62 ? 931 HOH A O   1 
HETATM 1494 O O   . HOH C 3 .   ? 0.593   18.435  4.914   1.00 48.38 ? 932 HOH A O   1 
HETATM 1495 O O   . HOH C 3 .   ? 6.784   -10.369 -12.616 1.00 51.10 ? 933 HOH A O   1 
HETATM 1496 O O   . HOH C 3 .   ? -8.890  9.660   -12.316 1.00 32.55 ? 934 HOH A O   1 
HETATM 1497 O O   . HOH C 3 .   ? -13.412 -2.586  -1.368  1.00 40.55 ? 935 HOH A O   1 
HETATM 1498 O O   . HOH C 3 .   ? -8.006  8.150   -10.809 1.00 34.15 ? 936 HOH A O   1 
HETATM 1499 O O   . HOH C 3 .   ? -4.509  -18.676 7.906   1.00 34.91 ? 937 HOH A O   1 
HETATM 1500 O O   . HOH C 3 .   ? 3.380   8.871   18.849  1.00 42.52 ? 938 HOH A O   1 
HETATM 1501 O O   . HOH C 3 .   ? 4.474   -10.641 -12.969 1.00 48.15 ? 939 HOH A O   1 
HETATM 1502 O O   . HOH C 3 .   ? 16.490  -8.753  -2.546  1.00 45.36 ? 940 HOH A O   1 
HETATM 1503 O O   . HOH C 3 .   ? -5.529  -23.430 3.774   1.00 42.21 ? 941 HOH A O   1 
HETATM 1504 O O   . HOH C 3 .   ? 5.087   -13.074 -3.196  1.00 26.91 ? 942 HOH A O   1 
HETATM 1505 O O   . HOH C 3 .   ? -10.960 11.144  -11.254 1.00 22.41 ? 943 HOH A O   1 
HETATM 1506 O O   . HOH C 3 .   ? -14.659 3.427   6.197   1.00 25.38 ? 944 HOH A O   1 
HETATM 1507 O O   . HOH C 3 .   ? 16.311  -2.746  -11.938 1.00 52.24 ? 945 HOH A O   1 
HETATM 1508 O O   . HOH C 3 .   ? -15.845 6.495   10.208  1.00 40.83 ? 946 HOH A O   1 
HETATM 1509 O O   . HOH C 3 .   ? 7.940   -11.925 -1.797  1.00 30.69 ? 947 HOH A O   1 
HETATM 1510 O O   . HOH C 3 .   ? -4.622  -10.544 11.055  1.00 36.25 ? 948 HOH A O   1 
HETATM 1511 O O   . HOH C 3 .   ? 2.597   17.542  6.679   1.00 52.00 ? 949 HOH A O   1 
HETATM 1512 O O   . HOH C 3 .   ? 5.755   -14.282 10.647  0.50 28.10 ? 950 HOH A O   1 
HETATM 1513 O O   . HOH C 3 .   ? 0.432   -34.197 11.112  1.00 47.45 ? 951 HOH A O   1 
HETATM 1514 O O   . HOH C 3 .   ? 11.345  11.027  -0.778  1.00 44.84 ? 952 HOH A O   1 
HETATM 1515 O O   . HOH C 3 .   ? 10.589  -12.942 -4.672  1.00 37.82 ? 953 HOH A O   1 
HETATM 1516 O O   . HOH C 3 .   ? -5.854  -19.800 6.025   1.00 38.40 ? 954 HOH A O   1 
HETATM 1517 O O   . HOH C 3 .   ? 14.571  -6.895  1.008   1.00 42.39 ? 955 HOH A O   1 
HETATM 1518 O O   . HOH C 3 .   ? 12.335  -11.228 -1.042  1.00 32.31 ? 956 HOH A O   1 
HETATM 1519 O O   . HOH C 3 .   ? 19.081  -4.273  2.608   1.00 51.71 ? 957 HOH A O   1 
HETATM 1520 O O   . HOH C 3 .   ? -2.725  11.652  -15.453 1.00 48.92 ? 958 HOH A O   1 
HETATM 1521 O O   . HOH C 3 .   ? -8.583  -11.001 8.113   1.00 38.74 ? 959 HOH A O   1 
HETATM 1522 O O   . HOH C 3 .   ? 7.303   16.081  1.872   1.00 39.98 ? 960 HOH A O   1 
HETATM 1523 O O   . HOH C 3 .   ? 6.933   10.860  12.652  1.00 37.84 ? 961 HOH A O   1 
HETATM 1524 O O   . HOH C 3 .   ? -14.348 0.276   -5.888  1.00 41.68 ? 962 HOH A O   1 
HETATM 1525 O O   . HOH C 3 .   ? -3.662  -15.339 10.854  1.00 45.63 ? 963 HOH A O   1 
HETATM 1526 O O   . HOH C 3 .   ? -15.812 2.263   -6.222  1.00 27.68 ? 964 HOH A O   1 
HETATM 1527 O O   . HOH C 3 .   ? -5.359  -19.568 10.219  1.00 47.98 ? 965 HOH A O   1 
HETATM 1528 O O   . HOH C 3 .   ? 10.067  12.328  0.541   1.00 42.35 ? 966 HOH A O   1 
HETATM 1529 O O   . HOH C 3 .   ? -6.591  -15.105 8.202   1.00 43.61 ? 967 HOH A O   1 
HETATM 1530 O O   . HOH C 3 .   ? -10.383 -10.231 9.826   1.00 45.75 ? 968 HOH A O   1 
# 
